data_2A0B
# 
_entry.id   2A0B 
# 
_audit_conform.dict_name       mmcif_pdbx.dic 
_audit_conform.dict_version    5.387 
_audit_conform.dict_location   http://mmcif.pdb.org/dictionaries/ascii/mmcif_pdbx.dic 
# 
loop_
_database_2.database_id 
_database_2.database_code 
_database_2.pdbx_database_accession 
_database_2.pdbx_DOI 
PDB   2A0B         pdb_00002a0b 10.2210/pdb2a0b/pdb 
WWPDB D_1000177713 ?            ?                   
# 
loop_
_pdbx_audit_revision_history.ordinal 
_pdbx_audit_revision_history.data_content_type 
_pdbx_audit_revision_history.major_revision 
_pdbx_audit_revision_history.minor_revision 
_pdbx_audit_revision_history.revision_date 
1 'Structure model' 1 0 1998-06-17 
2 'Structure model' 1 1 2008-03-24 
3 'Structure model' 1 2 2011-07-13 
4 'Structure model' 1 3 2024-02-14 
# 
_pdbx_audit_revision_details.ordinal             1 
_pdbx_audit_revision_details.revision_ordinal    1 
_pdbx_audit_revision_details.data_content_type   'Structure model' 
_pdbx_audit_revision_details.provider            repository 
_pdbx_audit_revision_details.type                'Initial release' 
_pdbx_audit_revision_details.description         ? 
_pdbx_audit_revision_details.details             ? 
# 
loop_
_pdbx_audit_revision_group.ordinal 
_pdbx_audit_revision_group.revision_ordinal 
_pdbx_audit_revision_group.data_content_type 
_pdbx_audit_revision_group.group 
1 2 'Structure model' 'Version format compliance' 
2 3 'Structure model' 'Version format compliance' 
3 4 'Structure model' 'Data collection'           
4 4 'Structure model' 'Database references'       
5 4 'Structure model' 'Derived calculations'      
6 4 'Structure model' Other                       
# 
loop_
_pdbx_audit_revision_category.ordinal 
_pdbx_audit_revision_category.revision_ordinal 
_pdbx_audit_revision_category.data_content_type 
_pdbx_audit_revision_category.category 
1 4 'Structure model' chem_comp_atom         
2 4 'Structure model' chem_comp_bond         
3 4 'Structure model' database_2             
4 4 'Structure model' pdbx_database_status   
5 4 'Structure model' pdbx_struct_conn_angle 
6 4 'Structure model' struct_conn            
7 4 'Structure model' struct_site            
# 
loop_
_pdbx_audit_revision_item.ordinal 
_pdbx_audit_revision_item.revision_ordinal 
_pdbx_audit_revision_item.data_content_type 
_pdbx_audit_revision_item.item 
1  4 'Structure model' '_database_2.pdbx_DOI'                        
2  4 'Structure model' '_database_2.pdbx_database_accession'         
3  4 'Structure model' '_pdbx_database_status.process_site'          
4  4 'Structure model' '_pdbx_struct_conn_angle.ptnr1_auth_comp_id'  
5  4 'Structure model' '_pdbx_struct_conn_angle.ptnr1_auth_seq_id'   
6  4 'Structure model' '_pdbx_struct_conn_angle.ptnr1_label_atom_id' 
7  4 'Structure model' '_pdbx_struct_conn_angle.ptnr1_label_comp_id' 
8  4 'Structure model' '_pdbx_struct_conn_angle.ptnr1_label_seq_id'  
9  4 'Structure model' '_pdbx_struct_conn_angle.ptnr1_symmetry'      
10 4 'Structure model' '_pdbx_struct_conn_angle.ptnr3_auth_comp_id'  
11 4 'Structure model' '_pdbx_struct_conn_angle.ptnr3_auth_seq_id'   
12 4 'Structure model' '_pdbx_struct_conn_angle.ptnr3_label_atom_id' 
13 4 'Structure model' '_pdbx_struct_conn_angle.ptnr3_label_comp_id' 
14 4 'Structure model' '_pdbx_struct_conn_angle.ptnr3_label_seq_id'  
15 4 'Structure model' '_pdbx_struct_conn_angle.ptnr3_symmetry'      
16 4 'Structure model' '_pdbx_struct_conn_angle.value'               
17 4 'Structure model' '_struct_conn.pdbx_dist_value'                
18 4 'Structure model' '_struct_conn.ptnr1_auth_comp_id'             
19 4 'Structure model' '_struct_conn.ptnr1_auth_seq_id'              
20 4 'Structure model' '_struct_conn.ptnr1_label_asym_id'            
21 4 'Structure model' '_struct_conn.ptnr1_label_atom_id'            
22 4 'Structure model' '_struct_conn.ptnr1_label_comp_id'            
23 4 'Structure model' '_struct_conn.ptnr1_label_seq_id'             
24 4 'Structure model' '_struct_conn.ptnr1_symmetry'                 
25 4 'Structure model' '_struct_conn.ptnr2_auth_comp_id'             
26 4 'Structure model' '_struct_conn.ptnr2_auth_seq_id'              
27 4 'Structure model' '_struct_conn.ptnr2_label_asym_id'            
28 4 'Structure model' '_struct_conn.ptnr2_label_atom_id'            
29 4 'Structure model' '_struct_conn.ptnr2_label_comp_id'            
30 4 'Structure model' '_struct_conn.ptnr2_label_seq_id'             
31 4 'Structure model' '_struct_conn.ptnr2_symmetry'                 
32 4 'Structure model' '_struct_site.pdbx_auth_asym_id'              
33 4 'Structure model' '_struct_site.pdbx_auth_comp_id'              
34 4 'Structure model' '_struct_site.pdbx_auth_seq_id'               
# 
_pdbx_database_status.status_code                     REL 
_pdbx_database_status.entry_id                        2A0B 
_pdbx_database_status.recvd_initial_deposition_date   1998-04-02 
_pdbx_database_status.deposit_site                    ? 
_pdbx_database_status.process_site                    BNL 
_pdbx_database_status.status_code_sf                  REL 
_pdbx_database_status.status_code_mr                  ? 
_pdbx_database_status.SG_entry                        ? 
_pdbx_database_status.pdb_format_compatible           Y 
_pdbx_database_status.status_code_cs                  ? 
_pdbx_database_status.status_code_nmr_data            ? 
_pdbx_database_status.methods_development_category    ? 
# 
loop_
_audit_author.name 
_audit_author.pdbx_ordinal 
'Kato, M.'      1 
'Mizuno, T.'    2 
'Shimizu, T.'   3 
'Hakoshima, T.' 4 
# 
loop_
_citation.id 
_citation.title 
_citation.journal_abbrev 
_citation.journal_volume 
_citation.page_first 
_citation.page_last 
_citation.year 
_citation.journal_id_ASTM 
_citation.country 
_citation.journal_id_ISSN 
_citation.journal_id_CSD 
_citation.book_publisher 
_citation.pdbx_database_id_PubMed 
_citation.pdbx_database_id_DOI 
primary 
;Refined structure of the histidine-containing phosphotransfer (HPt) domain of the anaerobic sensor kinase ArcB from Escherichia coli at 1.57 A resolution.
;
'Acta Crystallogr.,Sect.D' 55 1842 1849 1999 ABCRE6 DK 0907-4449 0766 ? 10531481 10.1107/S0907444999010392 
1       'Insights Into Multistep Phosphorelay from the Crystal Structure of the C-Terminal Hpt Domain of Arcb' 
'Cell(Cambridge,Mass.)'    88 717  ?    1997 CELLB5 US 0092-8674 0998 ? ?        ?                         
2       
;Crystallization and Preliminary X-Ray Analysis of a Histidine Kinase Domain of the Anaerobic Sensor Protein Arcb from Escherichia Coli
;
'Acta Crystallogr.,Sect.D' 52 1214 ?    1996 ABCRE6 DK 0907-4449 0766 ? ?        ?                         
# 
loop_
_citation_author.citation_id 
_citation_author.name 
_citation_author.ordinal 
_citation_author.identifier_ORCID 
primary 'Kato, M.'      1  ? 
primary 'Mizuno, T.'    2  ? 
primary 'Shimizu, T.'   3  ? 
primary 'Hakoshima, T.' 4  ? 
1       'Kato, M.'      5  ? 
1       'Mizuno, T.'    6  ? 
1       'Shimizu, T.'   7  ? 
1       'Hakoshima, T.' 8  ? 
2       'Kato, M.'      9  ? 
2       'Ishige, K.'    10 ? 
2       'Mizuno, T.'    11 ? 
2       'Shimizu, T.'   12 ? 
2       'Hakoshima, T.' 13 ? 
# 
loop_
_entity.id 
_entity.type 
_entity.src_method 
_entity.pdbx_description 
_entity.formula_weight 
_entity.pdbx_number_of_molecules 
_entity.pdbx_ec 
_entity.pdbx_mutation 
_entity.pdbx_fragment 
_entity.details 
1 polymer     man 'HPT DOMAIN' 14013.939 1   2.7.3.- ? ? ? 
2 non-polymer syn 'ZINC ION'   65.409    1   ?       ? ? ? 
3 water       nat water        18.015    156 ?       ? ? ? 
# 
_entity_poly.entity_id                      1 
_entity_poly.type                           'polypeptide(L)' 
_entity_poly.nstd_linkage                   no 
_entity_poly.nstd_monomer                   no 
_entity_poly.pdbx_seq_one_letter_code       
;TTEENSKSEALLDIPMLEQYLELVGPKLITDGLAVFEKMMPGYVSVLESNLTAQDKKGIVEEGHKIKGAAGSVGLRHLQQ
LGQQIQSPDLPAWEDNVGEWIEEMKEEWRHDVEVLKAWVAKATKK
;
_entity_poly.pdbx_seq_one_letter_code_can   
;TTEENSKSEALLDIPMLEQYLELVGPKLITDGLAVFEKMMPGYVSVLESNLTAQDKKGIVEEGHKIKGAAGSVGLRHLQQ
LGQQIQSPDLPAWEDNVGEWIEEMKEEWRHDVEVLKAWVAKATKK
;
_entity_poly.pdbx_strand_id                 A 
_entity_poly.pdbx_target_identifier         ? 
# 
loop_
_pdbx_entity_nonpoly.entity_id 
_pdbx_entity_nonpoly.name 
_pdbx_entity_nonpoly.comp_id 
2 'ZINC ION' ZN  
3 water      HOH 
# 
loop_
_entity_poly_seq.entity_id 
_entity_poly_seq.num 
_entity_poly_seq.mon_id 
_entity_poly_seq.hetero 
1 1   THR n 
1 2   THR n 
1 3   GLU n 
1 4   GLU n 
1 5   ASN n 
1 6   SER n 
1 7   LYS n 
1 8   SER n 
1 9   GLU n 
1 10  ALA n 
1 11  LEU n 
1 12  LEU n 
1 13  ASP n 
1 14  ILE n 
1 15  PRO n 
1 16  MET n 
1 17  LEU n 
1 18  GLU n 
1 19  GLN n 
1 20  TYR n 
1 21  LEU n 
1 22  GLU n 
1 23  LEU n 
1 24  VAL n 
1 25  GLY n 
1 26  PRO n 
1 27  LYS n 
1 28  LEU n 
1 29  ILE n 
1 30  THR n 
1 31  ASP n 
1 32  GLY n 
1 33  LEU n 
1 34  ALA n 
1 35  VAL n 
1 36  PHE n 
1 37  GLU n 
1 38  LYS n 
1 39  MET n 
1 40  MET n 
1 41  PRO n 
1 42  GLY n 
1 43  TYR n 
1 44  VAL n 
1 45  SER n 
1 46  VAL n 
1 47  LEU n 
1 48  GLU n 
1 49  SER n 
1 50  ASN n 
1 51  LEU n 
1 52  THR n 
1 53  ALA n 
1 54  GLN n 
1 55  ASP n 
1 56  LYS n 
1 57  LYS n 
1 58  GLY n 
1 59  ILE n 
1 60  VAL n 
1 61  GLU n 
1 62  GLU n 
1 63  GLY n 
1 64  HIS n 
1 65  LYS n 
1 66  ILE n 
1 67  LYS n 
1 68  GLY n 
1 69  ALA n 
1 70  ALA n 
1 71  GLY n 
1 72  SER n 
1 73  VAL n 
1 74  GLY n 
1 75  LEU n 
1 76  ARG n 
1 77  HIS n 
1 78  LEU n 
1 79  GLN n 
1 80  GLN n 
1 81  LEU n 
1 82  GLY n 
1 83  GLN n 
1 84  GLN n 
1 85  ILE n 
1 86  GLN n 
1 87  SER n 
1 88  PRO n 
1 89  ASP n 
1 90  LEU n 
1 91  PRO n 
1 92  ALA n 
1 93  TRP n 
1 94  GLU n 
1 95  ASP n 
1 96  ASN n 
1 97  VAL n 
1 98  GLY n 
1 99  GLU n 
1 100 TRP n 
1 101 ILE n 
1 102 GLU n 
1 103 GLU n 
1 104 MET n 
1 105 LYS n 
1 106 GLU n 
1 107 GLU n 
1 108 TRP n 
1 109 ARG n 
1 110 HIS n 
1 111 ASP n 
1 112 VAL n 
1 113 GLU n 
1 114 VAL n 
1 115 LEU n 
1 116 LYS n 
1 117 ALA n 
1 118 TRP n 
1 119 VAL n 
1 120 ALA n 
1 121 LYS n 
1 122 ALA n 
1 123 THR n 
1 124 LYS n 
1 125 LYS n 
# 
_entity_src_gen.entity_id                          1 
_entity_src_gen.pdbx_src_id                        1 
_entity_src_gen.pdbx_alt_source_flag               sample 
_entity_src_gen.pdbx_seq_type                      ? 
_entity_src_gen.pdbx_beg_seq_num                   ? 
_entity_src_gen.pdbx_end_seq_num                   ? 
_entity_src_gen.gene_src_common_name               ? 
_entity_src_gen.gene_src_genus                     Escherichia 
_entity_src_gen.pdbx_gene_src_gene                 ? 
_entity_src_gen.gene_src_species                   ? 
_entity_src_gen.gene_src_strain                    ? 
_entity_src_gen.gene_src_tissue                    ? 
_entity_src_gen.gene_src_tissue_fraction           ? 
_entity_src_gen.gene_src_details                   ? 
_entity_src_gen.pdbx_gene_src_fragment             ? 
_entity_src_gen.pdbx_gene_src_scientific_name      'Escherichia coli' 
_entity_src_gen.pdbx_gene_src_ncbi_taxonomy_id     562 
_entity_src_gen.pdbx_gene_src_variant              ? 
_entity_src_gen.pdbx_gene_src_cell_line            ? 
_entity_src_gen.pdbx_gene_src_atcc                 ? 
_entity_src_gen.pdbx_gene_src_organ                ? 
_entity_src_gen.pdbx_gene_src_organelle            ? 
_entity_src_gen.pdbx_gene_src_cell                 ? 
_entity_src_gen.pdbx_gene_src_cellular_location    ? 
_entity_src_gen.host_org_common_name               ? 
_entity_src_gen.pdbx_host_org_scientific_name      'Escherichia coli' 
_entity_src_gen.pdbx_host_org_ncbi_taxonomy_id     562 
_entity_src_gen.host_org_genus                     Escherichia 
_entity_src_gen.pdbx_host_org_gene                 ? 
_entity_src_gen.pdbx_host_org_organ                ? 
_entity_src_gen.host_org_species                   ? 
_entity_src_gen.pdbx_host_org_tissue               ? 
_entity_src_gen.pdbx_host_org_tissue_fraction      ? 
_entity_src_gen.pdbx_host_org_strain               K-12 
_entity_src_gen.pdbx_host_org_variant              DZ225 
_entity_src_gen.pdbx_host_org_cell_line            ? 
_entity_src_gen.pdbx_host_org_atcc                 ? 
_entity_src_gen.pdbx_host_org_culture_collection   ? 
_entity_src_gen.pdbx_host_org_cell                 ? 
_entity_src_gen.pdbx_host_org_organelle            ? 
_entity_src_gen.pdbx_host_org_cellular_location    CYTOPLASM 
_entity_src_gen.pdbx_host_org_vector_type          ? 
_entity_src_gen.pdbx_host_org_vector               ? 
_entity_src_gen.host_org_details                   ? 
_entity_src_gen.expression_system_id               ? 
_entity_src_gen.plasmid_name                       PSU2DH 
_entity_src_gen.plasmid_details                    ? 
_entity_src_gen.pdbx_description                   ? 
# 
loop_
_chem_comp.id 
_chem_comp.type 
_chem_comp.mon_nstd_flag 
_chem_comp.name 
_chem_comp.pdbx_synonyms 
_chem_comp.formula 
_chem_comp.formula_weight 
ALA 'L-peptide linking' y ALANINE         ? 'C3 H7 N O2'     89.093  
ARG 'L-peptide linking' y ARGININE        ? 'C6 H15 N4 O2 1' 175.209 
ASN 'L-peptide linking' y ASPARAGINE      ? 'C4 H8 N2 O3'    132.118 
ASP 'L-peptide linking' y 'ASPARTIC ACID' ? 'C4 H7 N O4'     133.103 
GLN 'L-peptide linking' y GLUTAMINE       ? 'C5 H10 N2 O3'   146.144 
GLU 'L-peptide linking' y 'GLUTAMIC ACID' ? 'C5 H9 N O4'     147.129 
GLY 'peptide linking'   y GLYCINE         ? 'C2 H5 N O2'     75.067  
HIS 'L-peptide linking' y HISTIDINE       ? 'C6 H10 N3 O2 1' 156.162 
HOH non-polymer         . WATER           ? 'H2 O'           18.015  
ILE 'L-peptide linking' y ISOLEUCINE      ? 'C6 H13 N O2'    131.173 
LEU 'L-peptide linking' y LEUCINE         ? 'C6 H13 N O2'    131.173 
LYS 'L-peptide linking' y LYSINE          ? 'C6 H15 N2 O2 1' 147.195 
MET 'L-peptide linking' y METHIONINE      ? 'C5 H11 N O2 S'  149.211 
PHE 'L-peptide linking' y PHENYLALANINE   ? 'C9 H11 N O2'    165.189 
PRO 'L-peptide linking' y PROLINE         ? 'C5 H9 N O2'     115.130 
SER 'L-peptide linking' y SERINE          ? 'C3 H7 N O3'     105.093 
THR 'L-peptide linking' y THREONINE       ? 'C4 H9 N O3'     119.119 
TRP 'L-peptide linking' y TRYPTOPHAN      ? 'C11 H12 N2 O2'  204.225 
TYR 'L-peptide linking' y TYROSINE        ? 'C9 H11 N O3'    181.189 
VAL 'L-peptide linking' y VALINE          ? 'C5 H11 N O2'    117.146 
ZN  non-polymer         . 'ZINC ION'      ? 'Zn 2'           65.409  
# 
loop_
_pdbx_poly_seq_scheme.asym_id 
_pdbx_poly_seq_scheme.entity_id 
_pdbx_poly_seq_scheme.seq_id 
_pdbx_poly_seq_scheme.mon_id 
_pdbx_poly_seq_scheme.ndb_seq_num 
_pdbx_poly_seq_scheme.pdb_seq_num 
_pdbx_poly_seq_scheme.auth_seq_num 
_pdbx_poly_seq_scheme.pdb_mon_id 
_pdbx_poly_seq_scheme.auth_mon_id 
_pdbx_poly_seq_scheme.pdb_strand_id 
_pdbx_poly_seq_scheme.pdb_ins_code 
_pdbx_poly_seq_scheme.hetero 
A 1 1   THR 1   652 ?   ?   ?   A . n 
A 1 2   THR 2   653 ?   ?   ?   A . n 
A 1 3   GLU 3   654 ?   ?   ?   A . n 
A 1 4   GLU 4   655 ?   ?   ?   A . n 
A 1 5   ASN 5   656 ?   ?   ?   A . n 
A 1 6   SER 6   657 657 SER SER A . n 
A 1 7   LYS 7   658 658 LYS LYS A . n 
A 1 8   SER 8   659 659 SER SER A . n 
A 1 9   GLU 9   660 660 GLU GLU A . n 
A 1 10  ALA 10  661 661 ALA ALA A . n 
A 1 11  LEU 11  662 662 LEU LEU A . n 
A 1 12  LEU 12  663 663 LEU LEU A . n 
A 1 13  ASP 13  664 664 ASP ASP A . n 
A 1 14  ILE 14  665 665 ILE ILE A . n 
A 1 15  PRO 15  666 666 PRO PRO A . n 
A 1 16  MET 16  667 667 MET MET A . n 
A 1 17  LEU 17  668 668 LEU LEU A . n 
A 1 18  GLU 18  669 669 GLU GLU A . n 
A 1 19  GLN 19  670 670 GLN GLN A . n 
A 1 20  TYR 20  671 671 TYR TYR A . n 
A 1 21  LEU 21  672 672 LEU LEU A . n 
A 1 22  GLU 22  673 673 GLU GLU A . n 
A 1 23  LEU 23  674 674 LEU LEU A . n 
A 1 24  VAL 24  675 675 VAL VAL A . n 
A 1 25  GLY 25  676 676 GLY GLY A . n 
A 1 26  PRO 26  677 677 PRO PRO A . n 
A 1 27  LYS 27  678 678 LYS LYS A . n 
A 1 28  LEU 28  679 679 LEU LEU A . n 
A 1 29  ILE 29  680 680 ILE ILE A . n 
A 1 30  THR 30  681 681 THR THR A . n 
A 1 31  ASP 31  682 682 ASP ASP A . n 
A 1 32  GLY 32  683 683 GLY GLY A . n 
A 1 33  LEU 33  684 684 LEU LEU A . n 
A 1 34  ALA 34  685 685 ALA ALA A . n 
A 1 35  VAL 35  686 686 VAL VAL A . n 
A 1 36  PHE 36  687 687 PHE PHE A . n 
A 1 37  GLU 37  688 688 GLU GLU A . n 
A 1 38  LYS 38  689 689 LYS LYS A . n 
A 1 39  MET 39  690 690 MET MET A . n 
A 1 40  MET 40  691 691 MET MET A . n 
A 1 41  PRO 41  692 692 PRO PRO A . n 
A 1 42  GLY 42  693 693 GLY GLY A . n 
A 1 43  TYR 43  694 694 TYR TYR A . n 
A 1 44  VAL 44  695 695 VAL VAL A . n 
A 1 45  SER 45  696 696 SER SER A . n 
A 1 46  VAL 46  697 697 VAL VAL A . n 
A 1 47  LEU 47  698 698 LEU LEU A . n 
A 1 48  GLU 48  699 699 GLU GLU A . n 
A 1 49  SER 49  700 700 SER SER A . n 
A 1 50  ASN 50  701 701 ASN ASN A . n 
A 1 51  LEU 51  702 702 LEU LEU A . n 
A 1 52  THR 52  703 703 THR THR A . n 
A 1 53  ALA 53  704 704 ALA ALA A . n 
A 1 54  GLN 54  705 705 GLN GLN A . n 
A 1 55  ASP 55  706 706 ASP ASP A . n 
A 1 56  LYS 56  707 707 LYS LYS A . n 
A 1 57  LYS 57  708 708 LYS LYS A . n 
A 1 58  GLY 58  709 709 GLY GLY A . n 
A 1 59  ILE 59  710 710 ILE ILE A . n 
A 1 60  VAL 60  711 711 VAL VAL A . n 
A 1 61  GLU 61  712 712 GLU GLU A . n 
A 1 62  GLU 62  713 713 GLU GLU A . n 
A 1 63  GLY 63  714 714 GLY GLY A . n 
A 1 64  HIS 64  715 715 HIS HIS A . n 
A 1 65  LYS 65  716 716 LYS LYS A . n 
A 1 66  ILE 66  717 717 ILE ILE A . n 
A 1 67  LYS 67  718 718 LYS LYS A . n 
A 1 68  GLY 68  719 719 GLY GLY A . n 
A 1 69  ALA 69  720 720 ALA ALA A . n 
A 1 70  ALA 70  721 721 ALA ALA A . n 
A 1 71  GLY 71  722 722 GLY GLY A . n 
A 1 72  SER 72  723 723 SER SER A . n 
A 1 73  VAL 73  724 724 VAL VAL A . n 
A 1 74  GLY 74  725 725 GLY GLY A . n 
A 1 75  LEU 75  726 726 LEU LEU A . n 
A 1 76  ARG 76  727 727 ARG ARG A . n 
A 1 77  HIS 77  728 728 HIS HIS A . n 
A 1 78  LEU 78  729 729 LEU LEU A . n 
A 1 79  GLN 79  730 730 GLN GLN A . n 
A 1 80  GLN 80  731 731 GLN GLN A . n 
A 1 81  LEU 81  732 732 LEU LEU A . n 
A 1 82  GLY 82  733 733 GLY GLY A . n 
A 1 83  GLN 83  734 734 GLN GLN A . n 
A 1 84  GLN 84  735 735 GLN GLN A . n 
A 1 85  ILE 85  736 736 ILE ILE A . n 
A 1 86  GLN 86  737 737 GLN GLN A . n 
A 1 87  SER 87  738 738 SER SER A . n 
A 1 88  PRO 88  739 739 PRO PRO A . n 
A 1 89  ASP 89  740 740 ASP ASP A . n 
A 1 90  LEU 90  741 741 LEU LEU A . n 
A 1 91  PRO 91  742 742 PRO PRO A . n 
A 1 92  ALA 92  743 743 ALA ALA A . n 
A 1 93  TRP 93  744 744 TRP TRP A . n 
A 1 94  GLU 94  745 745 GLU GLU A . n 
A 1 95  ASP 95  746 746 ASP ASP A . n 
A 1 96  ASN 96  747 747 ASN ASN A . n 
A 1 97  VAL 97  748 748 VAL VAL A . n 
A 1 98  GLY 98  749 749 GLY GLY A . n 
A 1 99  GLU 99  750 750 GLU GLU A . n 
A 1 100 TRP 100 751 751 TRP TRP A . n 
A 1 101 ILE 101 752 752 ILE ILE A . n 
A 1 102 GLU 102 753 753 GLU GLU A . n 
A 1 103 GLU 103 754 754 GLU GLU A . n 
A 1 104 MET 104 755 755 MET MET A . n 
A 1 105 LYS 105 756 756 LYS LYS A . n 
A 1 106 GLU 106 757 757 GLU GLU A . n 
A 1 107 GLU 107 758 758 GLU GLU A . n 
A 1 108 TRP 108 759 759 TRP TRP A . n 
A 1 109 ARG 109 760 760 ARG ARG A . n 
A 1 110 HIS 110 761 761 HIS HIS A . n 
A 1 111 ASP 111 762 762 ASP ASP A . n 
A 1 112 VAL 112 763 763 VAL VAL A . n 
A 1 113 GLU 113 764 764 GLU GLU A . n 
A 1 114 VAL 114 765 765 VAL VAL A . n 
A 1 115 LEU 115 766 766 LEU LEU A . n 
A 1 116 LYS 116 767 767 LYS LYS A . n 
A 1 117 ALA 117 768 768 ALA ALA A . n 
A 1 118 TRP 118 769 769 TRP TRP A . n 
A 1 119 VAL 119 770 770 VAL VAL A . n 
A 1 120 ALA 120 771 771 ALA ALA A . n 
A 1 121 LYS 121 772 772 LYS LYS A . n 
A 1 122 ALA 122 773 773 ALA ALA A . n 
A 1 123 THR 123 774 774 THR THR A . n 
A 1 124 LYS 124 775 ?   ?   ?   A . n 
A 1 125 LYS 125 776 ?   ?   ?   A . n 
# 
loop_
_pdbx_nonpoly_scheme.asym_id 
_pdbx_nonpoly_scheme.entity_id 
_pdbx_nonpoly_scheme.mon_id 
_pdbx_nonpoly_scheme.ndb_seq_num 
_pdbx_nonpoly_scheme.pdb_seq_num 
_pdbx_nonpoly_scheme.auth_seq_num 
_pdbx_nonpoly_scheme.pdb_mon_id 
_pdbx_nonpoly_scheme.auth_mon_id 
_pdbx_nonpoly_scheme.pdb_strand_id 
_pdbx_nonpoly_scheme.pdb_ins_code 
B 2 ZN  1   800 800 ZN  ZN  A . 
C 3 HOH 1   801 801 HOH HOH A . 
C 3 HOH 2   802 802 HOH HOH A . 
C 3 HOH 3   803 803 HOH HOH A . 
C 3 HOH 4   804 804 HOH HOH A . 
C 3 HOH 5   805 805 HOH HOH A . 
C 3 HOH 6   806 806 HOH HOH A . 
C 3 HOH 7   807 807 HOH HOH A . 
C 3 HOH 8   808 808 HOH HOH A . 
C 3 HOH 9   809 809 HOH HOH A . 
C 3 HOH 10  810 810 HOH HOH A . 
C 3 HOH 11  811 811 HOH HOH A . 
C 3 HOH 12  812 812 HOH HOH A . 
C 3 HOH 13  813 813 HOH HOH A . 
C 3 HOH 14  814 814 HOH HOH A . 
C 3 HOH 15  815 815 HOH HOH A . 
C 3 HOH 16  816 816 HOH HOH A . 
C 3 HOH 17  817 817 HOH HOH A . 
C 3 HOH 18  818 818 HOH HOH A . 
C 3 HOH 19  819 819 HOH HOH A . 
C 3 HOH 20  820 820 HOH HOH A . 
C 3 HOH 21  821 821 HOH HOH A . 
C 3 HOH 22  822 822 HOH HOH A . 
C 3 HOH 23  823 823 HOH HOH A . 
C 3 HOH 24  824 824 HOH HOH A . 
C 3 HOH 25  825 825 HOH HOH A . 
C 3 HOH 26  826 826 HOH HOH A . 
C 3 HOH 27  827 827 HOH HOH A . 
C 3 HOH 28  828 828 HOH HOH A . 
C 3 HOH 29  829 829 HOH HOH A . 
C 3 HOH 30  830 830 HOH HOH A . 
C 3 HOH 31  831 831 HOH HOH A . 
C 3 HOH 32  832 832 HOH HOH A . 
C 3 HOH 33  833 833 HOH HOH A . 
C 3 HOH 34  834 834 HOH HOH A . 
C 3 HOH 35  835 835 HOH HOH A . 
C 3 HOH 36  836 836 HOH HOH A . 
C 3 HOH 37  837 837 HOH HOH A . 
C 3 HOH 38  838 838 HOH HOH A . 
C 3 HOH 39  839 839 HOH HOH A . 
C 3 HOH 40  840 840 HOH HOH A . 
C 3 HOH 41  841 841 HOH HOH A . 
C 3 HOH 42  842 842 HOH HOH A . 
C 3 HOH 43  843 843 HOH HOH A . 
C 3 HOH 44  844 844 HOH HOH A . 
C 3 HOH 45  845 845 HOH HOH A . 
C 3 HOH 46  846 846 HOH HOH A . 
C 3 HOH 47  847 847 HOH HOH A . 
C 3 HOH 48  848 848 HOH HOH A . 
C 3 HOH 49  849 849 HOH HOH A . 
C 3 HOH 50  850 850 HOH HOH A . 
C 3 HOH 51  851 851 HOH HOH A . 
C 3 HOH 52  852 852 HOH HOH A . 
C 3 HOH 53  853 853 HOH HOH A . 
C 3 HOH 54  854 854 HOH HOH A . 
C 3 HOH 55  855 855 HOH HOH A . 
C 3 HOH 56  856 856 HOH HOH A . 
C 3 HOH 57  857 857 HOH HOH A . 
C 3 HOH 58  858 858 HOH HOH A . 
C 3 HOH 59  859 859 HOH HOH A . 
C 3 HOH 60  860 860 HOH HOH A . 
C 3 HOH 61  861 861 HOH HOH A . 
C 3 HOH 62  862 862 HOH HOH A . 
C 3 HOH 63  863 863 HOH HOH A . 
C 3 HOH 64  864 864 HOH HOH A . 
C 3 HOH 65  865 865 HOH HOH A . 
C 3 HOH 66  866 866 HOH HOH A . 
C 3 HOH 67  867 867 HOH HOH A . 
C 3 HOH 68  868 868 HOH HOH A . 
C 3 HOH 69  869 869 HOH HOH A . 
C 3 HOH 70  870 870 HOH HOH A . 
C 3 HOH 71  871 871 HOH HOH A . 
C 3 HOH 72  872 872 HOH HOH A . 
C 3 HOH 73  873 873 HOH HOH A . 
C 3 HOH 74  874 874 HOH HOH A . 
C 3 HOH 75  875 875 HOH HOH A . 
C 3 HOH 76  876 876 HOH HOH A . 
C 3 HOH 77  877 877 HOH HOH A . 
C 3 HOH 78  878 878 HOH HOH A . 
C 3 HOH 79  879 879 HOH HOH A . 
C 3 HOH 80  880 880 HOH HOH A . 
C 3 HOH 81  881 881 HOH HOH A . 
C 3 HOH 82  882 882 HOH HOH A . 
C 3 HOH 83  883 883 HOH HOH A . 
C 3 HOH 84  884 884 HOH HOH A . 
C 3 HOH 85  885 885 HOH HOH A . 
C 3 HOH 86  886 886 HOH HOH A . 
C 3 HOH 87  887 887 HOH HOH A . 
C 3 HOH 88  888 888 HOH HOH A . 
C 3 HOH 89  889 889 HOH HOH A . 
C 3 HOH 90  890 890 HOH HOH A . 
C 3 HOH 91  891 891 HOH HOH A . 
C 3 HOH 92  892 892 HOH HOH A . 
C 3 HOH 93  893 893 HOH HOH A . 
C 3 HOH 94  894 894 HOH HOH A . 
C 3 HOH 95  895 895 HOH HOH A . 
C 3 HOH 96  896 896 HOH HOH A . 
C 3 HOH 97  897 897 HOH HOH A . 
C 3 HOH 98  898 898 HOH HOH A . 
C 3 HOH 99  899 899 HOH HOH A . 
C 3 HOH 100 900 900 HOH HOH A . 
C 3 HOH 101 901 901 HOH HOH A . 
C 3 HOH 102 902 902 HOH HOH A . 
C 3 HOH 103 903 903 HOH HOH A . 
C 3 HOH 104 904 904 HOH HOH A . 
C 3 HOH 105 905 905 HOH HOH A . 
C 3 HOH 106 906 906 HOH HOH A . 
C 3 HOH 107 907 907 HOH HOH A . 
C 3 HOH 108 908 908 HOH HOH A . 
C 3 HOH 109 909 909 HOH HOH A . 
C 3 HOH 110 910 910 HOH HOH A . 
C 3 HOH 111 911 911 HOH HOH A . 
C 3 HOH 112 912 912 HOH HOH A . 
C 3 HOH 113 913 913 HOH HOH A . 
C 3 HOH 114 914 914 HOH HOH A . 
C 3 HOH 115 915 915 HOH HOH A . 
C 3 HOH 116 916 916 HOH HOH A . 
C 3 HOH 117 917 917 HOH HOH A . 
C 3 HOH 118 918 918 HOH HOH A . 
C 3 HOH 119 919 919 HOH HOH A . 
C 3 HOH 120 920 920 HOH HOH A . 
C 3 HOH 121 921 921 HOH HOH A . 
C 3 HOH 122 922 922 HOH HOH A . 
C 3 HOH 123 923 923 HOH HOH A . 
C 3 HOH 124 924 924 HOH HOH A . 
C 3 HOH 125 925 925 HOH HOH A . 
C 3 HOH 126 926 926 HOH HOH A . 
C 3 HOH 127 927 927 HOH HOH A . 
C 3 HOH 128 928 928 HOH HOH A . 
C 3 HOH 129 929 929 HOH HOH A . 
C 3 HOH 130 930 930 HOH HOH A . 
C 3 HOH 131 931 931 HOH HOH A . 
C 3 HOH 132 932 932 HOH HOH A . 
C 3 HOH 133 933 933 HOH HOH A . 
C 3 HOH 134 934 934 HOH HOH A . 
C 3 HOH 135 935 935 HOH HOH A . 
C 3 HOH 136 936 936 HOH HOH A . 
C 3 HOH 137 937 937 HOH HOH A . 
C 3 HOH 138 938 938 HOH HOH A . 
C 3 HOH 139 939 939 HOH HOH A . 
C 3 HOH 140 940 940 HOH HOH A . 
C 3 HOH 141 941 941 HOH HOH A . 
C 3 HOH 142 942 942 HOH HOH A . 
C 3 HOH 143 943 943 HOH HOH A . 
C 3 HOH 144 944 944 HOH HOH A . 
C 3 HOH 145 945 945 HOH HOH A . 
C 3 HOH 146 946 946 HOH HOH A . 
C 3 HOH 147 947 947 HOH HOH A . 
C 3 HOH 148 948 948 HOH HOH A . 
C 3 HOH 149 949 949 HOH HOH A . 
C 3 HOH 150 950 950 HOH HOH A . 
C 3 HOH 151 951 951 HOH HOH A . 
C 3 HOH 152 952 952 HOH HOH A . 
C 3 HOH 153 953 953 HOH HOH A . 
C 3 HOH 154 954 954 HOH HOH A . 
C 3 HOH 155 955 955 HOH HOH A . 
C 3 HOH 156 956 956 HOH HOH A . 
# 
_pdbx_unobs_or_zero_occ_atoms.id               1 
_pdbx_unobs_or_zero_occ_atoms.PDB_model_num    1 
_pdbx_unobs_or_zero_occ_atoms.polymer_flag     Y 
_pdbx_unobs_or_zero_occ_atoms.occupancy_flag   1 
_pdbx_unobs_or_zero_occ_atoms.auth_asym_id     A 
_pdbx_unobs_or_zero_occ_atoms.auth_comp_id     SER 
_pdbx_unobs_or_zero_occ_atoms.auth_seq_id      657 
_pdbx_unobs_or_zero_occ_atoms.PDB_ins_code     ? 
_pdbx_unobs_or_zero_occ_atoms.auth_atom_id     OG 
_pdbx_unobs_or_zero_occ_atoms.label_alt_id     ? 
_pdbx_unobs_or_zero_occ_atoms.label_asym_id    A 
_pdbx_unobs_or_zero_occ_atoms.label_comp_id    SER 
_pdbx_unobs_or_zero_occ_atoms.label_seq_id     6 
_pdbx_unobs_or_zero_occ_atoms.label_atom_id    OG 
# 
loop_
_software.name 
_software.classification 
_software.version 
_software.citation_id 
_software.pdbx_ordinal 
N/NA    'model building' . ? 1 
REFMAC  refinement       . ? 2 
PROCESS 'data reduction' . ? 3 
PROCESS 'data scaling'   . ? 4 
# 
_cell.entry_id           2A0B 
_cell.length_a           30.456 
_cell.length_b           34.924 
_cell.length_c           110.741 
_cell.angle_alpha        90.00 
_cell.angle_beta         90.00 
_cell.angle_gamma        90.00 
_cell.Z_PDB              4 
_cell.pdbx_unique_axis   ? 
# 
_symmetry.entry_id                         2A0B 
_symmetry.space_group_name_H-M             'P 21 21 21' 
_symmetry.pdbx_full_space_group_name_H-M   ? 
_symmetry.cell_setting                     ? 
_symmetry.Int_Tables_number                19 
# 
_exptl.entry_id          2A0B 
_exptl.method            'X-RAY DIFFRACTION' 
_exptl.crystals_number   1 
# 
_exptl_crystal.id                    1 
_exptl_crystal.density_meas          ? 
_exptl_crystal.density_Matthews      2.1 
_exptl_crystal.density_percent_sol   41. 
_exptl_crystal.description           'THE FURTHER REFINEMENT OF 1A0B' 
# 
_exptl_crystal_grow.crystal_id      1 
_exptl_crystal_grow.method          ? 
_exptl_crystal_grow.temp            ? 
_exptl_crystal_grow.temp_details    ? 
_exptl_crystal_grow.pH              4.1 
_exptl_crystal_grow.pdbx_pH_range   ? 
_exptl_crystal_grow.pdbx_details    
'PROTEIN WAS CRYSTALLIZED FROM 12.5% PEGMME 550, 5 MM ZNSO4, 50 MM ACETIC ACID/SODIUM ACETATE BUFFER, PH 4.1' 
# 
_diffrn.id                     1 
_diffrn.ambient_temp           277 
_diffrn.ambient_temp_details   ? 
_diffrn.crystal_id             1 
# 
_diffrn_detector.diffrn_id              1 
_diffrn_detector.detector               'IMAGE PLATE' 
_diffrn_detector.type                   'RIGAKU RAXIS IIC' 
_diffrn_detector.pdbx_collection_date   1997-09 
_diffrn_detector.details                COLLIMATOR 
# 
_diffrn_radiation.diffrn_id                        1 
_diffrn_radiation.wavelength_id                    1 
_diffrn_radiation.pdbx_monochromatic_or_laue_m_l   M 
_diffrn_radiation.monochromator                    'GRAPHITE(002)' 
_diffrn_radiation.pdbx_diffrn_protocol             ? 
_diffrn_radiation.pdbx_scattering_type             x-ray 
# 
_diffrn_radiation_wavelength.id           1 
_diffrn_radiation_wavelength.wavelength   1.5418 
_diffrn_radiation_wavelength.wt           1.0 
# 
_diffrn_source.diffrn_id                   1 
_diffrn_source.source                      'ROTATING ANODE' 
_diffrn_source.type                        'RIGAKU RUH3R' 
_diffrn_source.pdbx_synchrotron_site       ? 
_diffrn_source.pdbx_synchrotron_beamline   ? 
_diffrn_source.pdbx_wavelength             1.5418 
_diffrn_source.pdbx_wavelength_list        ? 
# 
_reflns.entry_id                     2A0B 
_reflns.observed_criterion_sigma_I   1. 
_reflns.observed_criterion_sigma_F   ? 
_reflns.d_resolution_low             ? 
_reflns.d_resolution_high            1.57 
_reflns.number_obs                   16338 
_reflns.number_all                   ? 
_reflns.percent_possible_obs         94.7 
_reflns.pdbx_Rmerge_I_obs            0.0490000 
_reflns.pdbx_Rsym_value              0.0490000 
_reflns.pdbx_netI_over_sigmaI        66. 
_reflns.B_iso_Wilson_estimate        26.8 
_reflns.pdbx_redundancy              6.0 
_reflns.pdbx_diffrn_id               1 
_reflns.pdbx_ordinal                 1 
# 
_reflns_shell.d_res_high             1.57 
_reflns_shell.d_res_low              1.70 
_reflns_shell.percent_possible_all   89.0 
_reflns_shell.Rmerge_I_obs           0.1900000 
_reflns_shell.pdbx_Rsym_value        0.1900000 
_reflns_shell.meanI_over_sigI_obs    ? 
_reflns_shell.pdbx_redundancy        5.1 
_reflns_shell.pdbx_diffrn_id         ? 
_reflns_shell.pdbx_ordinal           1 
# 
_refine.entry_id                                 2A0B 
_refine.ls_number_reflns_obs                     16033 
_refine.ls_number_reflns_all                     ? 
_refine.pdbx_ls_sigma_I                          ? 
_refine.pdbx_ls_sigma_F                          1.0 
_refine.pdbx_data_cutoff_high_absF               ? 
_refine.pdbx_data_cutoff_low_absF                ? 
_refine.pdbx_data_cutoff_high_rms_absF           ? 
_refine.ls_d_res_low                             6.00 
_refine.ls_d_res_high                            1.57 
_refine.ls_percent_reflns_obs                    95.0 
_refine.ls_R_factor_obs                          ? 
_refine.ls_R_factor_all                          ? 
_refine.ls_R_factor_R_work                       0.19 
_refine.ls_R_factor_R_free                       0.245 
_refine.ls_R_factor_R_free_error                 ? 
_refine.ls_R_factor_R_free_error_details         ? 
_refine.ls_percent_reflns_R_free                 4.8 
_refine.ls_number_reflns_R_free                  777 
_refine.ls_number_parameters                     ? 
_refine.ls_number_restraints                     ? 
_refine.occupancy_min                            ? 
_refine.occupancy_max                            ? 
_refine.correlation_coeff_Fo_to_Fc               ? 
_refine.correlation_coeff_Fo_to_Fc_free          ? 
_refine.B_iso_mean                               29.5 
_refine.aniso_B[1][1]                            ? 
_refine.aniso_B[2][2]                            ? 
_refine.aniso_B[3][3]                            ? 
_refine.aniso_B[1][2]                            ? 
_refine.aniso_B[1][3]                            ? 
_refine.aniso_B[2][3]                            ? 
_refine.solvent_model_details                    ? 
_refine.solvent_model_param_ksol                 ? 
_refine.solvent_model_param_bsol                 ? 
_refine.pdbx_solvent_vdw_probe_radii             ? 
_refine.pdbx_solvent_ion_probe_radii             ? 
_refine.pdbx_solvent_shrinkage_radii             ? 
_refine.pdbx_ls_cross_valid_method               THROUGHOUT 
_refine.details                                  'BULK SOLVENT MODEL USED' 
_refine.pdbx_starting_model                      ? 
_refine.pdbx_method_to_determine_struct          ? 
_refine.pdbx_isotropic_thermal_model             ? 
_refine.pdbx_stereochemistry_target_values       ? 
_refine.pdbx_stereochem_target_val_spec_case     ? 
_refine.pdbx_R_Free_selection_details            RANDOM 
_refine.pdbx_overall_ESU_R                       ? 
_refine.pdbx_overall_ESU_R_Free                  ? 
_refine.overall_SU_ML                            ? 
_refine.overall_SU_B                             ? 
_refine.pdbx_refine_id                           'X-RAY DIFFRACTION' 
_refine.pdbx_diffrn_id                           1 
_refine.pdbx_TLS_residual_ADP_flag               ? 
_refine.pdbx_overall_phase_error                 ? 
_refine.overall_SU_R_Cruickshank_DPI             ? 
_refine.pdbx_overall_SU_R_free_Cruickshank_DPI   ? 
_refine.pdbx_overall_SU_R_Blow_DPI               ? 
_refine.pdbx_overall_SU_R_free_Blow_DPI          ? 
# 
_refine_analyze.entry_id                        2A0B 
_refine_analyze.Luzzati_coordinate_error_obs    0.17 
_refine_analyze.Luzzati_sigma_a_obs             0.17 
_refine_analyze.Luzzati_d_res_low_obs           6.00 
_refine_analyze.Luzzati_coordinate_error_free   ? 
_refine_analyze.Luzzati_sigma_a_free            ? 
_refine_analyze.Luzzati_d_res_low_free          ? 
_refine_analyze.number_disordered_residues      ? 
_refine_analyze.occupancy_sum_hydrogen          ? 
_refine_analyze.occupancy_sum_non_hydrogen      ? 
_refine_analyze.pdbx_refine_id                  'X-RAY DIFFRACTION' 
# 
_refine_hist.pdbx_refine_id                   'X-RAY DIFFRACTION' 
_refine_hist.cycle_id                         LAST 
_refine_hist.pdbx_number_atoms_protein        956 
_refine_hist.pdbx_number_atoms_nucleic_acid   0 
_refine_hist.pdbx_number_atoms_ligand         1 
_refine_hist.number_atoms_solvent             156 
_refine_hist.number_atoms_total               1113 
_refine_hist.d_res_high                       1.57 
_refine_hist.d_res_low                        6.00 
# 
loop_
_refine_ls_restr.type 
_refine_ls_restr.dev_ideal 
_refine_ls_restr.dev_ideal_target 
_refine_ls_restr.weight 
_refine_ls_restr.number 
_refine_ls_restr.pdbx_refine_id 
_refine_ls_restr.pdbx_restraint_function 
p_bond_d            0.024  0.020 ? ? 'X-RAY DIFFRACTION' ? 
p_angle_d           0.036  0.040 ? ? 'X-RAY DIFFRACTION' ? 
p_angle_deg         ?      ?     ? ? 'X-RAY DIFFRACTION' ? 
p_planar_d          0.049  0.050 ? ? 'X-RAY DIFFRACTION' ? 
p_hb_or_metal_coord ?      ?     ? ? 'X-RAY DIFFRACTION' ? 
p_mcbond_it         1.801  2.000 ? ? 'X-RAY DIFFRACTION' ? 
p_mcangle_it        2.409  3.000 ? ? 'X-RAY DIFFRACTION' ? 
p_scbond_it         2.694  2.000 ? ? 'X-RAY DIFFRACTION' ? 
p_scangle_it        4.175  3.000 ? ? 'X-RAY DIFFRACTION' ? 
p_plane_restr       0.0225 ?     ? ? 'X-RAY DIFFRACTION' ? 
p_chiral_restr      0.148  0.150 ? ? 'X-RAY DIFFRACTION' ? 
p_singtor_nbd       0.187  0.300 ? ? 'X-RAY DIFFRACTION' ? 
p_multtor_nbd       0.278  0.300 ? ? 'X-RAY DIFFRACTION' ? 
p_xhyhbond_nbd      ?      ?     ? ? 'X-RAY DIFFRACTION' ? 
p_xyhbond_nbd       0.180  0.300 ? ? 'X-RAY DIFFRACTION' ? 
p_planar_tor        3.7    7.0   ? ? 'X-RAY DIFFRACTION' ? 
p_staggered_tor     17.0   15.0  ? ? 'X-RAY DIFFRACTION' ? 
p_orthonormal_tor   ?      ?     ? ? 'X-RAY DIFFRACTION' ? 
p_transverse_tor    37.1   20.0  ? ? 'X-RAY DIFFRACTION' ? 
p_special_tor       0.0    15.0  ? ? 'X-RAY DIFFRACTION' ? 
# 
_struct.entry_id                  2A0B 
_struct.title                     'HISTIDINE-CONTAINING PHOSPHOTRANSFER DOMAIN OF ARCB FROM ESCHERICHIA COLI' 
_struct.pdbx_model_details        ? 
_struct.pdbx_CASP_flag            ? 
_struct.pdbx_model_type_details   ? 
# 
_struct_keywords.entry_id        2A0B 
_struct_keywords.pdbx_keywords   'SENSORY TRANSDUCTION' 
_struct_keywords.text            'SENSORY TRANSDUCTION, HISTIDINE KINASE, PHOSPHOTRANSFER, TWO-COMPONENT SYSTEM, FOUR-HELIX BUNDLE' 
# 
loop_
_struct_asym.id 
_struct_asym.pdbx_blank_PDB_chainid_flag 
_struct_asym.pdbx_modified 
_struct_asym.entity_id 
_struct_asym.details 
A N N 1 ? 
B N N 2 ? 
C N N 3 ? 
# 
_struct_ref.id                         1 
_struct_ref.db_name                    UNP 
_struct_ref.db_code                    ARCB_ECOLI 
_struct_ref.entity_id                  1 
_struct_ref.pdbx_db_accession          P22763 
_struct_ref.pdbx_align_begin           1 
_struct_ref.pdbx_seq_one_letter_code   
;MKQIRLLAQYYVDLMMKLGLVRFSMLLALALVVLAIVVQMAVTMVLHGQVESIDVIRSIFFGLLITPWAVYFLSVVVEQL
EESRQRLSRLVQKLEEMRERDLSLNVQLKDNIAQLNQEIAVREKAEAELQETFGQLKIEIKEREETQIQLEQQSSFLRSF
LDASPDLVFYRNEDKEFSGCNRAMELLTGKSEKQLVHLKPADVYSPEAAAKVIETDEKVFRHNVSLTYEQWLDYPDGRKA
CFEIRKVPYYDRVGKRHGLMGFGRDITERKRYQDALERASRDKTTFISTISHELRTPLNGIVGLSRILLDTELTAEQEKY
LKTIHVSAVTLGNIFNDIIDMDKMERRKVQLDNQPVDFTSFLADLENLSALQAQQKGLRFNLEPTLPLPHQVITDGTRLR
QILWNLISNAVKFTQQGQVTVRVRYDEGDMLHFEVEDSGIGIPQDELDKIFAMYYQVKDSHGGKPATGIGLAVSRRLAKN
MGGDITVTSEQGKGSTFTLTIHAPSVAEEVDDAFDEDDMPLPALNVLLVEDIELNVIVARSVLEKLGNSVDVAMTGKAAL
EMFKPGEYDLVLLDIQLPDMTGLDISRELTKRYPREDLPPLVALTANVLKDKQEYLNAGMDDVLSKPLSVPALTAMIKKF
WDTQDDEESTVTTEENSKSEALLDIPMLEQYLELVGPKLITDGLAVFEKMMPGYVSVLESNLTAQDKKGIVEEGHKIKGA
AGSVGLRHLQQLGQQIQSPDLPAWEDNVGEWIEEMKEEWRHDVEVLKAWVAKATKK
;
_struct_ref.pdbx_db_isoform            ? 
# 
_struct_ref_seq.align_id                      1 
_struct_ref_seq.ref_id                        1 
_struct_ref_seq.pdbx_PDB_id_code              2A0B 
_struct_ref_seq.pdbx_strand_id                A 
_struct_ref_seq.seq_align_beg                 1 
_struct_ref_seq.pdbx_seq_align_beg_ins_code   ? 
_struct_ref_seq.seq_align_end                 125 
_struct_ref_seq.pdbx_seq_align_end_ins_code   ? 
_struct_ref_seq.pdbx_db_accession             P22763 
_struct_ref_seq.db_align_beg                  652 
_struct_ref_seq.pdbx_db_align_beg_ins_code    ? 
_struct_ref_seq.db_align_end                  776 
_struct_ref_seq.pdbx_db_align_end_ins_code    ? 
_struct_ref_seq.pdbx_auth_seq_align_beg       652 
_struct_ref_seq.pdbx_auth_seq_align_end       776 
# 
_pdbx_struct_assembly.id                   1 
_pdbx_struct_assembly.details              author_defined_assembly 
_pdbx_struct_assembly.method_details       ? 
_pdbx_struct_assembly.oligomeric_details   monomeric 
_pdbx_struct_assembly.oligomeric_count     1 
# 
_pdbx_struct_assembly_gen.assembly_id       1 
_pdbx_struct_assembly_gen.oper_expression   1 
_pdbx_struct_assembly_gen.asym_id_list      A,B,C 
# 
_pdbx_struct_oper_list.id                   1 
_pdbx_struct_oper_list.type                 'identity operation' 
_pdbx_struct_oper_list.name                 1_555 
_pdbx_struct_oper_list.symmetry_operation   x,y,z 
_pdbx_struct_oper_list.matrix[1][1]         1.0000000000 
_pdbx_struct_oper_list.matrix[1][2]         0.0000000000 
_pdbx_struct_oper_list.matrix[1][3]         0.0000000000 
_pdbx_struct_oper_list.vector[1]            0.0000000000 
_pdbx_struct_oper_list.matrix[2][1]         0.0000000000 
_pdbx_struct_oper_list.matrix[2][2]         1.0000000000 
_pdbx_struct_oper_list.matrix[2][3]         0.0000000000 
_pdbx_struct_oper_list.vector[2]            0.0000000000 
_pdbx_struct_oper_list.matrix[3][1]         0.0000000000 
_pdbx_struct_oper_list.matrix[3][2]         0.0000000000 
_pdbx_struct_oper_list.matrix[3][3]         1.0000000000 
_pdbx_struct_oper_list.vector[3]            0.0000000000 
# 
_struct_biol.id   1 
# 
loop_
_struct_conf.conf_type_id 
_struct_conf.id 
_struct_conf.pdbx_PDB_helix_id 
_struct_conf.beg_label_comp_id 
_struct_conf.beg_label_asym_id 
_struct_conf.beg_label_seq_id 
_struct_conf.pdbx_beg_PDB_ins_code 
_struct_conf.end_label_comp_id 
_struct_conf.end_label_asym_id 
_struct_conf.end_label_seq_id 
_struct_conf.pdbx_end_PDB_ins_code 
_struct_conf.beg_auth_comp_id 
_struct_conf.beg_auth_asym_id 
_struct_conf.beg_auth_seq_id 
_struct_conf.end_auth_comp_id 
_struct_conf.end_auth_asym_id 
_struct_conf.end_auth_seq_id 
_struct_conf.pdbx_PDB_helix_class 
_struct_conf.details 
_struct_conf.pdbx_PDB_helix_length 
HELX_P HELX_P1 A LYS A 7  ? LEU A 11  ? LYS A 658 LEU A 662 1 ? 5  
HELX_P HELX_P2 B ILE A 14 ? LEU A 23  ? ILE A 665 LEU A 674 1 ? 10 
HELX_P HELX_P3 C PRO A 26 ? THR A 52  ? PRO A 677 THR A 703 1 ? 27 
HELX_P HELX_P4 D LYS A 56 ? SER A 72  ? LYS A 707 SER A 723 1 ? 17 
HELX_P HELX_P5 E ARG A 76 ? ILE A 85  ? ARG A 727 ILE A 736 1 ? 10 
HELX_P HELX_P6 F TRP A 93 ? ALA A 122 ? TRP A 744 ALA A 773 1 ? 30 
# 
_struct_conf_type.id          HELX_P 
_struct_conf_type.criteria    ? 
_struct_conf_type.reference   ? 
# 
loop_
_struct_conn.id 
_struct_conn.conn_type_id 
_struct_conn.pdbx_leaving_atom_flag 
_struct_conn.pdbx_PDB_id 
_struct_conn.ptnr1_label_asym_id 
_struct_conn.ptnr1_label_comp_id 
_struct_conn.ptnr1_label_seq_id 
_struct_conn.ptnr1_label_atom_id 
_struct_conn.pdbx_ptnr1_label_alt_id 
_struct_conn.pdbx_ptnr1_PDB_ins_code 
_struct_conn.pdbx_ptnr1_standard_comp_id 
_struct_conn.ptnr1_symmetry 
_struct_conn.ptnr2_label_asym_id 
_struct_conn.ptnr2_label_comp_id 
_struct_conn.ptnr2_label_seq_id 
_struct_conn.ptnr2_label_atom_id 
_struct_conn.pdbx_ptnr2_label_alt_id 
_struct_conn.pdbx_ptnr2_PDB_ins_code 
_struct_conn.ptnr1_auth_asym_id 
_struct_conn.ptnr1_auth_comp_id 
_struct_conn.ptnr1_auth_seq_id 
_struct_conn.ptnr2_auth_asym_id 
_struct_conn.ptnr2_auth_comp_id 
_struct_conn.ptnr2_auth_seq_id 
_struct_conn.ptnr2_symmetry 
_struct_conn.pdbx_ptnr3_label_atom_id 
_struct_conn.pdbx_ptnr3_label_seq_id 
_struct_conn.pdbx_ptnr3_label_comp_id 
_struct_conn.pdbx_ptnr3_label_asym_id 
_struct_conn.pdbx_ptnr3_label_alt_id 
_struct_conn.pdbx_ptnr3_PDB_ins_code 
_struct_conn.details 
_struct_conn.pdbx_dist_value 
_struct_conn.pdbx_value_order 
_struct_conn.pdbx_role 
metalc1 metalc ? ? A HIS 77  NE2 ? ? ? 1_555 B ZN . ZN ? ? A HIS 728 A ZN 800 1_555 ? ? ? ? ? ? ? 2.082 ? ? 
metalc2 metalc ? ? A ASP 95  OD1 ? ? ? 3_746 B ZN . ZN ? ? A ASP 746 A ZN 800 1_555 ? ? ? ? ? ? ? 2.717 ? ? 
metalc3 metalc ? ? A ASP 95  OD2 ? ? ? 3_746 B ZN . ZN ? ? A ASP 746 A ZN 800 1_555 ? ? ? ? ? ? ? 2.174 ? ? 
metalc4 metalc ? ? A GLU 103 OE2 ? ? ? 1_555 B ZN . ZN ? ? A GLU 754 A ZN 800 1_555 ? ? ? ? ? ? ? 2.076 ? ? 
metalc5 metalc ? ? A GLU 107 OE2 ? ? ? 1_555 B ZN . ZN ? ? A GLU 758 A ZN 800 1_555 ? ? ? ? ? ? ? 2.034 ? ? 
# 
_struct_conn_type.id          metalc 
_struct_conn_type.criteria    ? 
_struct_conn_type.reference   ? 
# 
loop_
_pdbx_struct_conn_angle.id 
_pdbx_struct_conn_angle.ptnr1_label_atom_id 
_pdbx_struct_conn_angle.ptnr1_label_alt_id 
_pdbx_struct_conn_angle.ptnr1_label_asym_id 
_pdbx_struct_conn_angle.ptnr1_label_comp_id 
_pdbx_struct_conn_angle.ptnr1_label_seq_id 
_pdbx_struct_conn_angle.ptnr1_auth_atom_id 
_pdbx_struct_conn_angle.ptnr1_auth_asym_id 
_pdbx_struct_conn_angle.ptnr1_auth_comp_id 
_pdbx_struct_conn_angle.ptnr1_auth_seq_id 
_pdbx_struct_conn_angle.ptnr1_PDB_ins_code 
_pdbx_struct_conn_angle.ptnr1_symmetry 
_pdbx_struct_conn_angle.ptnr2_label_atom_id 
_pdbx_struct_conn_angle.ptnr2_label_alt_id 
_pdbx_struct_conn_angle.ptnr2_label_asym_id 
_pdbx_struct_conn_angle.ptnr2_label_comp_id 
_pdbx_struct_conn_angle.ptnr2_label_seq_id 
_pdbx_struct_conn_angle.ptnr2_auth_atom_id 
_pdbx_struct_conn_angle.ptnr2_auth_asym_id 
_pdbx_struct_conn_angle.ptnr2_auth_comp_id 
_pdbx_struct_conn_angle.ptnr2_auth_seq_id 
_pdbx_struct_conn_angle.ptnr2_PDB_ins_code 
_pdbx_struct_conn_angle.ptnr2_symmetry 
_pdbx_struct_conn_angle.ptnr3_label_atom_id 
_pdbx_struct_conn_angle.ptnr3_label_alt_id 
_pdbx_struct_conn_angle.ptnr3_label_asym_id 
_pdbx_struct_conn_angle.ptnr3_label_comp_id 
_pdbx_struct_conn_angle.ptnr3_label_seq_id 
_pdbx_struct_conn_angle.ptnr3_auth_atom_id 
_pdbx_struct_conn_angle.ptnr3_auth_asym_id 
_pdbx_struct_conn_angle.ptnr3_auth_comp_id 
_pdbx_struct_conn_angle.ptnr3_auth_seq_id 
_pdbx_struct_conn_angle.ptnr3_PDB_ins_code 
_pdbx_struct_conn_angle.ptnr3_symmetry 
_pdbx_struct_conn_angle.value 
_pdbx_struct_conn_angle.value_esd 
1  NE2 ? A HIS 77  ? A HIS 728 ? 1_555 ZN ? B ZN . ? A ZN 800 ? 1_555 OD1 ? A ASP 95  ? A ASP 746 ? 3_746 93.7  ? 
2  NE2 ? A HIS 77  ? A HIS 728 ? 1_555 ZN ? B ZN . ? A ZN 800 ? 1_555 OD2 ? A ASP 95  ? A ASP 746 ? 3_746 142.8 ? 
3  OD1 ? A ASP 95  ? A ASP 746 ? 3_746 ZN ? B ZN . ? A ZN 800 ? 1_555 OD2 ? A ASP 95  ? A ASP 746 ? 3_746 55.2  ? 
4  NE2 ? A HIS 77  ? A HIS 728 ? 1_555 ZN ? B ZN . ? A ZN 800 ? 1_555 OE2 ? A GLU 103 ? A GLU 754 ? 1_555 103.4 ? 
5  OD1 ? A ASP 95  ? A ASP 746 ? 3_746 ZN ? B ZN . ? A ZN 800 ? 1_555 OE2 ? A GLU 103 ? A GLU 754 ? 1_555 96.1  ? 
6  OD2 ? A ASP 95  ? A ASP 746 ? 3_746 ZN ? B ZN . ? A ZN 800 ? 1_555 OE2 ? A GLU 103 ? A GLU 754 ? 1_555 100.2 ? 
7  NE2 ? A HIS 77  ? A HIS 728 ? 1_555 ZN ? B ZN . ? A ZN 800 ? 1_555 OE2 ? A GLU 107 ? A GLU 758 ? 1_555 104.2 ? 
8  OD1 ? A ASP 95  ? A ASP 746 ? 3_746 ZN ? B ZN . ? A ZN 800 ? 1_555 OE2 ? A GLU 107 ? A GLU 758 ? 1_555 140.5 ? 
9  OD2 ? A ASP 95  ? A ASP 746 ? 3_746 ZN ? B ZN . ? A ZN 800 ? 1_555 OE2 ? A GLU 107 ? A GLU 758 ? 1_555 92.4  ? 
10 OE2 ? A GLU 103 ? A GLU 754 ? 1_555 ZN ? B ZN . ? A ZN 800 ? 1_555 OE2 ? A GLU 107 ? A GLU 758 ? 1_555 113.0 ? 
# 
loop_
_struct_site.id 
_struct_site.pdbx_evidence_code 
_struct_site.pdbx_auth_asym_id 
_struct_site.pdbx_auth_comp_id 
_struct_site.pdbx_auth_seq_id 
_struct_site.pdbx_auth_ins_code 
_struct_site.pdbx_num_residues 
_struct_site.details 
ZNB Unknown  ? ?  ?   ? 4 'ZN BINDING SITE.'                  
PHB Unknown  ? ?  ?   ? 1 'PHOSPHORYLATION SITE.'             
AC1 Software A ZN 800 ? 4 'BINDING SITE FOR RESIDUE ZN A 800' 
# 
loop_
_struct_site_gen.id 
_struct_site_gen.site_id 
_struct_site_gen.pdbx_num_res 
_struct_site_gen.label_comp_id 
_struct_site_gen.label_asym_id 
_struct_site_gen.label_seq_id 
_struct_site_gen.pdbx_auth_ins_code 
_struct_site_gen.auth_comp_id 
_struct_site_gen.auth_asym_id 
_struct_site_gen.auth_seq_id 
_struct_site_gen.label_atom_id 
_struct_site_gen.label_alt_id 
_struct_site_gen.symmetry 
_struct_site_gen.details 
1 ZNB 4 HIS A 77  ? HIS A 728 . ? 1_555 ? 
2 ZNB 4 ASP A 95  ? ASP A 746 . ? 1_555 ? 
3 ZNB 4 GLU A 103 ? GLU A 754 . ? 1_555 ? 
4 ZNB 4 GLU A 107 ? GLU A 758 . ? 1_555 ? 
5 PHB 1 HIS A 64  ? HIS A 715 . ? 1_555 ? 
6 AC1 4 HIS A 77  ? HIS A 728 . ? 1_555 ? 
7 AC1 4 ASP A 95  ? ASP A 746 . ? 3_746 ? 
8 AC1 4 GLU A 103 ? GLU A 754 . ? 1_555 ? 
9 AC1 4 GLU A 107 ? GLU A 758 . ? 1_555 ? 
# 
loop_
_pdbx_validate_rmsd_angle.id 
_pdbx_validate_rmsd_angle.PDB_model_num 
_pdbx_validate_rmsd_angle.auth_atom_id_1 
_pdbx_validate_rmsd_angle.auth_asym_id_1 
_pdbx_validate_rmsd_angle.auth_comp_id_1 
_pdbx_validate_rmsd_angle.auth_seq_id_1 
_pdbx_validate_rmsd_angle.PDB_ins_code_1 
_pdbx_validate_rmsd_angle.label_alt_id_1 
_pdbx_validate_rmsd_angle.auth_atom_id_2 
_pdbx_validate_rmsd_angle.auth_asym_id_2 
_pdbx_validate_rmsd_angle.auth_comp_id_2 
_pdbx_validate_rmsd_angle.auth_seq_id_2 
_pdbx_validate_rmsd_angle.PDB_ins_code_2 
_pdbx_validate_rmsd_angle.label_alt_id_2 
_pdbx_validate_rmsd_angle.auth_atom_id_3 
_pdbx_validate_rmsd_angle.auth_asym_id_3 
_pdbx_validate_rmsd_angle.auth_comp_id_3 
_pdbx_validate_rmsd_angle.auth_seq_id_3 
_pdbx_validate_rmsd_angle.PDB_ins_code_3 
_pdbx_validate_rmsd_angle.label_alt_id_3 
_pdbx_validate_rmsd_angle.angle_value 
_pdbx_validate_rmsd_angle.angle_target_value 
_pdbx_validate_rmsd_angle.angle_deviation 
_pdbx_validate_rmsd_angle.angle_standard_deviation 
_pdbx_validate_rmsd_angle.linker_flag 
1  1 O   A LEU 662 ? ? C   A LEU 662 ? ? N   A LEU 663 ? ? 136.90 122.70 14.20  1.60 Y 
2  1 CB  A ASP 664 ? ? CG  A ASP 664 ? ? OD1 A ASP 664 ? ? 123.85 118.30 5.55   0.90 N 
3  1 CB  A ASP 664 ? ? CG  A ASP 664 ? ? OD2 A ASP 664 ? ? 110.75 118.30 -7.55  0.90 N 
4  1 CB  A TYR 694 ? ? CG  A TYR 694 ? ? CD2 A TYR 694 ? ? 113.33 121.00 -7.67  0.60 N 
5  1 CD1 A TYR 694 ? ? CG  A TYR 694 ? ? CD2 A TYR 694 ? ? 126.82 117.90 8.92   1.10 N 
6  1 CD1 A TYR 694 ? ? CE1 A TYR 694 ? ? CZ  A TYR 694 ? ? 113.32 119.80 -6.48  0.90 N 
7  1 CE1 A TYR 694 ? ? CZ  A TYR 694 ? ? CE2 A TYR 694 ? ? 132.02 119.80 12.22  1.60 N 
8  1 CZ  A TYR 694 ? ? CE2 A TYR 694 ? ? CD2 A TYR 694 ? ? 112.90 119.80 -6.90  0.90 N 
9  1 CE1 A HIS 715 ? ? NE2 A HIS 715 ? ? CD2 A HIS 715 ? ? 113.62 109.00 4.62   0.70 N 
10 1 O   A LYS 718 ? ? C   A LYS 718 ? ? N   A GLY 719 ? ? 133.89 123.20 10.69  1.70 Y 
11 1 CA  A GLY 725 ? ? C   A GLY 725 ? ? O   A GLY 725 ? ? 108.65 120.60 -11.95 1.80 N 
12 1 O   A GLY 725 ? ? C   A GLY 725 ? ? N   A LEU 726 ? ? 139.33 122.70 16.63  1.60 Y 
13 1 CD  A ARG 727 ? ? NE  A ARG 727 ? ? CZ  A ARG 727 ? ? 134.62 123.60 11.02  1.40 N 
14 1 NE  A ARG 727 ? ? CZ  A ARG 727 ? ? NH1 A ARG 727 ? ? 124.44 120.30 4.14   0.50 N 
15 1 CD1 A TRP 744 ? ? NE1 A TRP 744 ? ? CE2 A TRP 744 ? ? 114.45 109.00 5.45   0.90 N 
16 1 OD1 A ASP 746 ? ? CG  A ASP 746 ? ? OD2 A ASP 746 ? ? 143.89 123.30 20.59  1.90 N 
17 1 CB  A ASP 746 ? ? CG  A ASP 746 ? ? OD1 A ASP 746 ? ? 111.71 118.30 -6.59  0.90 N 
18 1 CB  A ASP 746 ? ? CG  A ASP 746 ? ? OD2 A ASP 746 ? ? 103.48 118.30 -14.82 0.90 N 
19 1 CA  A GLU 758 ? ? C   A GLU 758 ? ? O   A GLU 758 ? ? 106.98 120.10 -13.12 2.10 N 
20 1 O   A GLU 758 ? ? C   A GLU 758 ? ? N   A TRP 759 ? ? 137.51 122.70 14.81  1.60 Y 
21 1 C   A GLU 758 ? ? N   A TRP 759 ? ? CA  A TRP 759 ? ? 105.96 121.70 -15.74 2.50 Y 
22 1 CG  A TRP 759 ? ? CD2 A TRP 759 ? ? CE3 A TRP 759 ? ? 127.84 133.90 -6.06  0.90 N 
23 1 CB  A ASP 762 ? ? CG  A ASP 762 ? ? OD2 A ASP 762 ? ? 128.40 118.30 10.10  0.90 N 
24 1 O   A ASP 762 ? ? C   A ASP 762 ? ? N   A VAL 763 ? ? 134.98 122.70 12.28  1.60 Y 
25 1 O   A GLU 764 ? ? C   A GLU 764 ? ? N   A VAL 765 ? ? 111.36 122.70 -11.34 1.60 Y 
# 
loop_
_pdbx_unobs_or_zero_occ_residues.id 
_pdbx_unobs_or_zero_occ_residues.PDB_model_num 
_pdbx_unobs_or_zero_occ_residues.polymer_flag 
_pdbx_unobs_or_zero_occ_residues.occupancy_flag 
_pdbx_unobs_or_zero_occ_residues.auth_asym_id 
_pdbx_unobs_or_zero_occ_residues.auth_comp_id 
_pdbx_unobs_or_zero_occ_residues.auth_seq_id 
_pdbx_unobs_or_zero_occ_residues.PDB_ins_code 
_pdbx_unobs_or_zero_occ_residues.label_asym_id 
_pdbx_unobs_or_zero_occ_residues.label_comp_id 
_pdbx_unobs_or_zero_occ_residues.label_seq_id 
1 1 Y 1 A THR 652 ? A THR 1   
2 1 Y 1 A THR 653 ? A THR 2   
3 1 Y 1 A GLU 654 ? A GLU 3   
4 1 Y 1 A GLU 655 ? A GLU 4   
5 1 Y 1 A ASN 656 ? A ASN 5   
6 1 Y 1 A LYS 775 ? A LYS 124 
7 1 Y 1 A LYS 776 ? A LYS 125 
# 
loop_
_chem_comp_atom.comp_id 
_chem_comp_atom.atom_id 
_chem_comp_atom.type_symbol 
_chem_comp_atom.pdbx_aromatic_flag 
_chem_comp_atom.pdbx_stereo_config 
_chem_comp_atom.pdbx_ordinal 
ALA N    N  N N 1   
ALA CA   C  N S 2   
ALA C    C  N N 3   
ALA O    O  N N 4   
ALA CB   C  N N 5   
ALA OXT  O  N N 6   
ALA H    H  N N 7   
ALA H2   H  N N 8   
ALA HA   H  N N 9   
ALA HB1  H  N N 10  
ALA HB2  H  N N 11  
ALA HB3  H  N N 12  
ALA HXT  H  N N 13  
ARG N    N  N N 14  
ARG CA   C  N S 15  
ARG C    C  N N 16  
ARG O    O  N N 17  
ARG CB   C  N N 18  
ARG CG   C  N N 19  
ARG CD   C  N N 20  
ARG NE   N  N N 21  
ARG CZ   C  N N 22  
ARG NH1  N  N N 23  
ARG NH2  N  N N 24  
ARG OXT  O  N N 25  
ARG H    H  N N 26  
ARG H2   H  N N 27  
ARG HA   H  N N 28  
ARG HB2  H  N N 29  
ARG HB3  H  N N 30  
ARG HG2  H  N N 31  
ARG HG3  H  N N 32  
ARG HD2  H  N N 33  
ARG HD3  H  N N 34  
ARG HE   H  N N 35  
ARG HH11 H  N N 36  
ARG HH12 H  N N 37  
ARG HH21 H  N N 38  
ARG HH22 H  N N 39  
ARG HXT  H  N N 40  
ASN N    N  N N 41  
ASN CA   C  N S 42  
ASN C    C  N N 43  
ASN O    O  N N 44  
ASN CB   C  N N 45  
ASN CG   C  N N 46  
ASN OD1  O  N N 47  
ASN ND2  N  N N 48  
ASN OXT  O  N N 49  
ASN H    H  N N 50  
ASN H2   H  N N 51  
ASN HA   H  N N 52  
ASN HB2  H  N N 53  
ASN HB3  H  N N 54  
ASN HD21 H  N N 55  
ASN HD22 H  N N 56  
ASN HXT  H  N N 57  
ASP N    N  N N 58  
ASP CA   C  N S 59  
ASP C    C  N N 60  
ASP O    O  N N 61  
ASP CB   C  N N 62  
ASP CG   C  N N 63  
ASP OD1  O  N N 64  
ASP OD2  O  N N 65  
ASP OXT  O  N N 66  
ASP H    H  N N 67  
ASP H2   H  N N 68  
ASP HA   H  N N 69  
ASP HB2  H  N N 70  
ASP HB3  H  N N 71  
ASP HD2  H  N N 72  
ASP HXT  H  N N 73  
GLN N    N  N N 74  
GLN CA   C  N S 75  
GLN C    C  N N 76  
GLN O    O  N N 77  
GLN CB   C  N N 78  
GLN CG   C  N N 79  
GLN CD   C  N N 80  
GLN OE1  O  N N 81  
GLN NE2  N  N N 82  
GLN OXT  O  N N 83  
GLN H    H  N N 84  
GLN H2   H  N N 85  
GLN HA   H  N N 86  
GLN HB2  H  N N 87  
GLN HB3  H  N N 88  
GLN HG2  H  N N 89  
GLN HG3  H  N N 90  
GLN HE21 H  N N 91  
GLN HE22 H  N N 92  
GLN HXT  H  N N 93  
GLU N    N  N N 94  
GLU CA   C  N S 95  
GLU C    C  N N 96  
GLU O    O  N N 97  
GLU CB   C  N N 98  
GLU CG   C  N N 99  
GLU CD   C  N N 100 
GLU OE1  O  N N 101 
GLU OE2  O  N N 102 
GLU OXT  O  N N 103 
GLU H    H  N N 104 
GLU H2   H  N N 105 
GLU HA   H  N N 106 
GLU HB2  H  N N 107 
GLU HB3  H  N N 108 
GLU HG2  H  N N 109 
GLU HG3  H  N N 110 
GLU HE2  H  N N 111 
GLU HXT  H  N N 112 
GLY N    N  N N 113 
GLY CA   C  N N 114 
GLY C    C  N N 115 
GLY O    O  N N 116 
GLY OXT  O  N N 117 
GLY H    H  N N 118 
GLY H2   H  N N 119 
GLY HA2  H  N N 120 
GLY HA3  H  N N 121 
GLY HXT  H  N N 122 
HIS N    N  N N 123 
HIS CA   C  N S 124 
HIS C    C  N N 125 
HIS O    O  N N 126 
HIS CB   C  N N 127 
HIS CG   C  Y N 128 
HIS ND1  N  Y N 129 
HIS CD2  C  Y N 130 
HIS CE1  C  Y N 131 
HIS NE2  N  Y N 132 
HIS OXT  O  N N 133 
HIS H    H  N N 134 
HIS H2   H  N N 135 
HIS HA   H  N N 136 
HIS HB2  H  N N 137 
HIS HB3  H  N N 138 
HIS HD1  H  N N 139 
HIS HD2  H  N N 140 
HIS HE1  H  N N 141 
HIS HE2  H  N N 142 
HIS HXT  H  N N 143 
HOH O    O  N N 144 
HOH H1   H  N N 145 
HOH H2   H  N N 146 
ILE N    N  N N 147 
ILE CA   C  N S 148 
ILE C    C  N N 149 
ILE O    O  N N 150 
ILE CB   C  N S 151 
ILE CG1  C  N N 152 
ILE CG2  C  N N 153 
ILE CD1  C  N N 154 
ILE OXT  O  N N 155 
ILE H    H  N N 156 
ILE H2   H  N N 157 
ILE HA   H  N N 158 
ILE HB   H  N N 159 
ILE HG12 H  N N 160 
ILE HG13 H  N N 161 
ILE HG21 H  N N 162 
ILE HG22 H  N N 163 
ILE HG23 H  N N 164 
ILE HD11 H  N N 165 
ILE HD12 H  N N 166 
ILE HD13 H  N N 167 
ILE HXT  H  N N 168 
LEU N    N  N N 169 
LEU CA   C  N S 170 
LEU C    C  N N 171 
LEU O    O  N N 172 
LEU CB   C  N N 173 
LEU CG   C  N N 174 
LEU CD1  C  N N 175 
LEU CD2  C  N N 176 
LEU OXT  O  N N 177 
LEU H    H  N N 178 
LEU H2   H  N N 179 
LEU HA   H  N N 180 
LEU HB2  H  N N 181 
LEU HB3  H  N N 182 
LEU HG   H  N N 183 
LEU HD11 H  N N 184 
LEU HD12 H  N N 185 
LEU HD13 H  N N 186 
LEU HD21 H  N N 187 
LEU HD22 H  N N 188 
LEU HD23 H  N N 189 
LEU HXT  H  N N 190 
LYS N    N  N N 191 
LYS CA   C  N S 192 
LYS C    C  N N 193 
LYS O    O  N N 194 
LYS CB   C  N N 195 
LYS CG   C  N N 196 
LYS CD   C  N N 197 
LYS CE   C  N N 198 
LYS NZ   N  N N 199 
LYS OXT  O  N N 200 
LYS H    H  N N 201 
LYS H2   H  N N 202 
LYS HA   H  N N 203 
LYS HB2  H  N N 204 
LYS HB3  H  N N 205 
LYS HG2  H  N N 206 
LYS HG3  H  N N 207 
LYS HD2  H  N N 208 
LYS HD3  H  N N 209 
LYS HE2  H  N N 210 
LYS HE3  H  N N 211 
LYS HZ1  H  N N 212 
LYS HZ2  H  N N 213 
LYS HZ3  H  N N 214 
LYS HXT  H  N N 215 
MET N    N  N N 216 
MET CA   C  N S 217 
MET C    C  N N 218 
MET O    O  N N 219 
MET CB   C  N N 220 
MET CG   C  N N 221 
MET SD   S  N N 222 
MET CE   C  N N 223 
MET OXT  O  N N 224 
MET H    H  N N 225 
MET H2   H  N N 226 
MET HA   H  N N 227 
MET HB2  H  N N 228 
MET HB3  H  N N 229 
MET HG2  H  N N 230 
MET HG3  H  N N 231 
MET HE1  H  N N 232 
MET HE2  H  N N 233 
MET HE3  H  N N 234 
MET HXT  H  N N 235 
PHE N    N  N N 236 
PHE CA   C  N S 237 
PHE C    C  N N 238 
PHE O    O  N N 239 
PHE CB   C  N N 240 
PHE CG   C  Y N 241 
PHE CD1  C  Y N 242 
PHE CD2  C  Y N 243 
PHE CE1  C  Y N 244 
PHE CE2  C  Y N 245 
PHE CZ   C  Y N 246 
PHE OXT  O  N N 247 
PHE H    H  N N 248 
PHE H2   H  N N 249 
PHE HA   H  N N 250 
PHE HB2  H  N N 251 
PHE HB3  H  N N 252 
PHE HD1  H  N N 253 
PHE HD2  H  N N 254 
PHE HE1  H  N N 255 
PHE HE2  H  N N 256 
PHE HZ   H  N N 257 
PHE HXT  H  N N 258 
PRO N    N  N N 259 
PRO CA   C  N S 260 
PRO C    C  N N 261 
PRO O    O  N N 262 
PRO CB   C  N N 263 
PRO CG   C  N N 264 
PRO CD   C  N N 265 
PRO OXT  O  N N 266 
PRO H    H  N N 267 
PRO HA   H  N N 268 
PRO HB2  H  N N 269 
PRO HB3  H  N N 270 
PRO HG2  H  N N 271 
PRO HG3  H  N N 272 
PRO HD2  H  N N 273 
PRO HD3  H  N N 274 
PRO HXT  H  N N 275 
SER N    N  N N 276 
SER CA   C  N S 277 
SER C    C  N N 278 
SER O    O  N N 279 
SER CB   C  N N 280 
SER OG   O  N N 281 
SER OXT  O  N N 282 
SER H    H  N N 283 
SER H2   H  N N 284 
SER HA   H  N N 285 
SER HB2  H  N N 286 
SER HB3  H  N N 287 
SER HG   H  N N 288 
SER HXT  H  N N 289 
THR N    N  N N 290 
THR CA   C  N S 291 
THR C    C  N N 292 
THR O    O  N N 293 
THR CB   C  N R 294 
THR OG1  O  N N 295 
THR CG2  C  N N 296 
THR OXT  O  N N 297 
THR H    H  N N 298 
THR H2   H  N N 299 
THR HA   H  N N 300 
THR HB   H  N N 301 
THR HG1  H  N N 302 
THR HG21 H  N N 303 
THR HG22 H  N N 304 
THR HG23 H  N N 305 
THR HXT  H  N N 306 
TRP N    N  N N 307 
TRP CA   C  N S 308 
TRP C    C  N N 309 
TRP O    O  N N 310 
TRP CB   C  N N 311 
TRP CG   C  Y N 312 
TRP CD1  C  Y N 313 
TRP CD2  C  Y N 314 
TRP NE1  N  Y N 315 
TRP CE2  C  Y N 316 
TRP CE3  C  Y N 317 
TRP CZ2  C  Y N 318 
TRP CZ3  C  Y N 319 
TRP CH2  C  Y N 320 
TRP OXT  O  N N 321 
TRP H    H  N N 322 
TRP H2   H  N N 323 
TRP HA   H  N N 324 
TRP HB2  H  N N 325 
TRP HB3  H  N N 326 
TRP HD1  H  N N 327 
TRP HE1  H  N N 328 
TRP HE3  H  N N 329 
TRP HZ2  H  N N 330 
TRP HZ3  H  N N 331 
TRP HH2  H  N N 332 
TRP HXT  H  N N 333 
TYR N    N  N N 334 
TYR CA   C  N S 335 
TYR C    C  N N 336 
TYR O    O  N N 337 
TYR CB   C  N N 338 
TYR CG   C  Y N 339 
TYR CD1  C  Y N 340 
TYR CD2  C  Y N 341 
TYR CE1  C  Y N 342 
TYR CE2  C  Y N 343 
TYR CZ   C  Y N 344 
TYR OH   O  N N 345 
TYR OXT  O  N N 346 
TYR H    H  N N 347 
TYR H2   H  N N 348 
TYR HA   H  N N 349 
TYR HB2  H  N N 350 
TYR HB3  H  N N 351 
TYR HD1  H  N N 352 
TYR HD2  H  N N 353 
TYR HE1  H  N N 354 
TYR HE2  H  N N 355 
TYR HH   H  N N 356 
TYR HXT  H  N N 357 
VAL N    N  N N 358 
VAL CA   C  N S 359 
VAL C    C  N N 360 
VAL O    O  N N 361 
VAL CB   C  N N 362 
VAL CG1  C  N N 363 
VAL CG2  C  N N 364 
VAL OXT  O  N N 365 
VAL H    H  N N 366 
VAL H2   H  N N 367 
VAL HA   H  N N 368 
VAL HB   H  N N 369 
VAL HG11 H  N N 370 
VAL HG12 H  N N 371 
VAL HG13 H  N N 372 
VAL HG21 H  N N 373 
VAL HG22 H  N N 374 
VAL HG23 H  N N 375 
VAL HXT  H  N N 376 
ZN  ZN   ZN N N 377 
# 
loop_
_chem_comp_bond.comp_id 
_chem_comp_bond.atom_id_1 
_chem_comp_bond.atom_id_2 
_chem_comp_bond.value_order 
_chem_comp_bond.pdbx_aromatic_flag 
_chem_comp_bond.pdbx_stereo_config 
_chem_comp_bond.pdbx_ordinal 
ALA N   CA   sing N N 1   
ALA N   H    sing N N 2   
ALA N   H2   sing N N 3   
ALA CA  C    sing N N 4   
ALA CA  CB   sing N N 5   
ALA CA  HA   sing N N 6   
ALA C   O    doub N N 7   
ALA C   OXT  sing N N 8   
ALA CB  HB1  sing N N 9   
ALA CB  HB2  sing N N 10  
ALA CB  HB3  sing N N 11  
ALA OXT HXT  sing N N 12  
ARG N   CA   sing N N 13  
ARG N   H    sing N N 14  
ARG N   H2   sing N N 15  
ARG CA  C    sing N N 16  
ARG CA  CB   sing N N 17  
ARG CA  HA   sing N N 18  
ARG C   O    doub N N 19  
ARG C   OXT  sing N N 20  
ARG CB  CG   sing N N 21  
ARG CB  HB2  sing N N 22  
ARG CB  HB3  sing N N 23  
ARG CG  CD   sing N N 24  
ARG CG  HG2  sing N N 25  
ARG CG  HG3  sing N N 26  
ARG CD  NE   sing N N 27  
ARG CD  HD2  sing N N 28  
ARG CD  HD3  sing N N 29  
ARG NE  CZ   sing N N 30  
ARG NE  HE   sing N N 31  
ARG CZ  NH1  sing N N 32  
ARG CZ  NH2  doub N N 33  
ARG NH1 HH11 sing N N 34  
ARG NH1 HH12 sing N N 35  
ARG NH2 HH21 sing N N 36  
ARG NH2 HH22 sing N N 37  
ARG OXT HXT  sing N N 38  
ASN N   CA   sing N N 39  
ASN N   H    sing N N 40  
ASN N   H2   sing N N 41  
ASN CA  C    sing N N 42  
ASN CA  CB   sing N N 43  
ASN CA  HA   sing N N 44  
ASN C   O    doub N N 45  
ASN C   OXT  sing N N 46  
ASN CB  CG   sing N N 47  
ASN CB  HB2  sing N N 48  
ASN CB  HB3  sing N N 49  
ASN CG  OD1  doub N N 50  
ASN CG  ND2  sing N N 51  
ASN ND2 HD21 sing N N 52  
ASN ND2 HD22 sing N N 53  
ASN OXT HXT  sing N N 54  
ASP N   CA   sing N N 55  
ASP N   H    sing N N 56  
ASP N   H2   sing N N 57  
ASP CA  C    sing N N 58  
ASP CA  CB   sing N N 59  
ASP CA  HA   sing N N 60  
ASP C   O    doub N N 61  
ASP C   OXT  sing N N 62  
ASP CB  CG   sing N N 63  
ASP CB  HB2  sing N N 64  
ASP CB  HB3  sing N N 65  
ASP CG  OD1  doub N N 66  
ASP CG  OD2  sing N N 67  
ASP OD2 HD2  sing N N 68  
ASP OXT HXT  sing N N 69  
GLN N   CA   sing N N 70  
GLN N   H    sing N N 71  
GLN N   H2   sing N N 72  
GLN CA  C    sing N N 73  
GLN CA  CB   sing N N 74  
GLN CA  HA   sing N N 75  
GLN C   O    doub N N 76  
GLN C   OXT  sing N N 77  
GLN CB  CG   sing N N 78  
GLN CB  HB2  sing N N 79  
GLN CB  HB3  sing N N 80  
GLN CG  CD   sing N N 81  
GLN CG  HG2  sing N N 82  
GLN CG  HG3  sing N N 83  
GLN CD  OE1  doub N N 84  
GLN CD  NE2  sing N N 85  
GLN NE2 HE21 sing N N 86  
GLN NE2 HE22 sing N N 87  
GLN OXT HXT  sing N N 88  
GLU N   CA   sing N N 89  
GLU N   H    sing N N 90  
GLU N   H2   sing N N 91  
GLU CA  C    sing N N 92  
GLU CA  CB   sing N N 93  
GLU CA  HA   sing N N 94  
GLU C   O    doub N N 95  
GLU C   OXT  sing N N 96  
GLU CB  CG   sing N N 97  
GLU CB  HB2  sing N N 98  
GLU CB  HB3  sing N N 99  
GLU CG  CD   sing N N 100 
GLU CG  HG2  sing N N 101 
GLU CG  HG3  sing N N 102 
GLU CD  OE1  doub N N 103 
GLU CD  OE2  sing N N 104 
GLU OE2 HE2  sing N N 105 
GLU OXT HXT  sing N N 106 
GLY N   CA   sing N N 107 
GLY N   H    sing N N 108 
GLY N   H2   sing N N 109 
GLY CA  C    sing N N 110 
GLY CA  HA2  sing N N 111 
GLY CA  HA3  sing N N 112 
GLY C   O    doub N N 113 
GLY C   OXT  sing N N 114 
GLY OXT HXT  sing N N 115 
HIS N   CA   sing N N 116 
HIS N   H    sing N N 117 
HIS N   H2   sing N N 118 
HIS CA  C    sing N N 119 
HIS CA  CB   sing N N 120 
HIS CA  HA   sing N N 121 
HIS C   O    doub N N 122 
HIS C   OXT  sing N N 123 
HIS CB  CG   sing N N 124 
HIS CB  HB2  sing N N 125 
HIS CB  HB3  sing N N 126 
HIS CG  ND1  sing Y N 127 
HIS CG  CD2  doub Y N 128 
HIS ND1 CE1  doub Y N 129 
HIS ND1 HD1  sing N N 130 
HIS CD2 NE2  sing Y N 131 
HIS CD2 HD2  sing N N 132 
HIS CE1 NE2  sing Y N 133 
HIS CE1 HE1  sing N N 134 
HIS NE2 HE2  sing N N 135 
HIS OXT HXT  sing N N 136 
HOH O   H1   sing N N 137 
HOH O   H2   sing N N 138 
ILE N   CA   sing N N 139 
ILE N   H    sing N N 140 
ILE N   H2   sing N N 141 
ILE CA  C    sing N N 142 
ILE CA  CB   sing N N 143 
ILE CA  HA   sing N N 144 
ILE C   O    doub N N 145 
ILE C   OXT  sing N N 146 
ILE CB  CG1  sing N N 147 
ILE CB  CG2  sing N N 148 
ILE CB  HB   sing N N 149 
ILE CG1 CD1  sing N N 150 
ILE CG1 HG12 sing N N 151 
ILE CG1 HG13 sing N N 152 
ILE CG2 HG21 sing N N 153 
ILE CG2 HG22 sing N N 154 
ILE CG2 HG23 sing N N 155 
ILE CD1 HD11 sing N N 156 
ILE CD1 HD12 sing N N 157 
ILE CD1 HD13 sing N N 158 
ILE OXT HXT  sing N N 159 
LEU N   CA   sing N N 160 
LEU N   H    sing N N 161 
LEU N   H2   sing N N 162 
LEU CA  C    sing N N 163 
LEU CA  CB   sing N N 164 
LEU CA  HA   sing N N 165 
LEU C   O    doub N N 166 
LEU C   OXT  sing N N 167 
LEU CB  CG   sing N N 168 
LEU CB  HB2  sing N N 169 
LEU CB  HB3  sing N N 170 
LEU CG  CD1  sing N N 171 
LEU CG  CD2  sing N N 172 
LEU CG  HG   sing N N 173 
LEU CD1 HD11 sing N N 174 
LEU CD1 HD12 sing N N 175 
LEU CD1 HD13 sing N N 176 
LEU CD2 HD21 sing N N 177 
LEU CD2 HD22 sing N N 178 
LEU CD2 HD23 sing N N 179 
LEU OXT HXT  sing N N 180 
LYS N   CA   sing N N 181 
LYS N   H    sing N N 182 
LYS N   H2   sing N N 183 
LYS CA  C    sing N N 184 
LYS CA  CB   sing N N 185 
LYS CA  HA   sing N N 186 
LYS C   O    doub N N 187 
LYS C   OXT  sing N N 188 
LYS CB  CG   sing N N 189 
LYS CB  HB2  sing N N 190 
LYS CB  HB3  sing N N 191 
LYS CG  CD   sing N N 192 
LYS CG  HG2  sing N N 193 
LYS CG  HG3  sing N N 194 
LYS CD  CE   sing N N 195 
LYS CD  HD2  sing N N 196 
LYS CD  HD3  sing N N 197 
LYS CE  NZ   sing N N 198 
LYS CE  HE2  sing N N 199 
LYS CE  HE3  sing N N 200 
LYS NZ  HZ1  sing N N 201 
LYS NZ  HZ2  sing N N 202 
LYS NZ  HZ3  sing N N 203 
LYS OXT HXT  sing N N 204 
MET N   CA   sing N N 205 
MET N   H    sing N N 206 
MET N   H2   sing N N 207 
MET CA  C    sing N N 208 
MET CA  CB   sing N N 209 
MET CA  HA   sing N N 210 
MET C   O    doub N N 211 
MET C   OXT  sing N N 212 
MET CB  CG   sing N N 213 
MET CB  HB2  sing N N 214 
MET CB  HB3  sing N N 215 
MET CG  SD   sing N N 216 
MET CG  HG2  sing N N 217 
MET CG  HG3  sing N N 218 
MET SD  CE   sing N N 219 
MET CE  HE1  sing N N 220 
MET CE  HE2  sing N N 221 
MET CE  HE3  sing N N 222 
MET OXT HXT  sing N N 223 
PHE N   CA   sing N N 224 
PHE N   H    sing N N 225 
PHE N   H2   sing N N 226 
PHE CA  C    sing N N 227 
PHE CA  CB   sing N N 228 
PHE CA  HA   sing N N 229 
PHE C   O    doub N N 230 
PHE C   OXT  sing N N 231 
PHE CB  CG   sing N N 232 
PHE CB  HB2  sing N N 233 
PHE CB  HB3  sing N N 234 
PHE CG  CD1  doub Y N 235 
PHE CG  CD2  sing Y N 236 
PHE CD1 CE1  sing Y N 237 
PHE CD1 HD1  sing N N 238 
PHE CD2 CE2  doub Y N 239 
PHE CD2 HD2  sing N N 240 
PHE CE1 CZ   doub Y N 241 
PHE CE1 HE1  sing N N 242 
PHE CE2 CZ   sing Y N 243 
PHE CE2 HE2  sing N N 244 
PHE CZ  HZ   sing N N 245 
PHE OXT HXT  sing N N 246 
PRO N   CA   sing N N 247 
PRO N   CD   sing N N 248 
PRO N   H    sing N N 249 
PRO CA  C    sing N N 250 
PRO CA  CB   sing N N 251 
PRO CA  HA   sing N N 252 
PRO C   O    doub N N 253 
PRO C   OXT  sing N N 254 
PRO CB  CG   sing N N 255 
PRO CB  HB2  sing N N 256 
PRO CB  HB3  sing N N 257 
PRO CG  CD   sing N N 258 
PRO CG  HG2  sing N N 259 
PRO CG  HG3  sing N N 260 
PRO CD  HD2  sing N N 261 
PRO CD  HD3  sing N N 262 
PRO OXT HXT  sing N N 263 
SER N   CA   sing N N 264 
SER N   H    sing N N 265 
SER N   H2   sing N N 266 
SER CA  C    sing N N 267 
SER CA  CB   sing N N 268 
SER CA  HA   sing N N 269 
SER C   O    doub N N 270 
SER C   OXT  sing N N 271 
SER CB  OG   sing N N 272 
SER CB  HB2  sing N N 273 
SER CB  HB3  sing N N 274 
SER OG  HG   sing N N 275 
SER OXT HXT  sing N N 276 
THR N   CA   sing N N 277 
THR N   H    sing N N 278 
THR N   H2   sing N N 279 
THR CA  C    sing N N 280 
THR CA  CB   sing N N 281 
THR CA  HA   sing N N 282 
THR C   O    doub N N 283 
THR C   OXT  sing N N 284 
THR CB  OG1  sing N N 285 
THR CB  CG2  sing N N 286 
THR CB  HB   sing N N 287 
THR OG1 HG1  sing N N 288 
THR CG2 HG21 sing N N 289 
THR CG2 HG22 sing N N 290 
THR CG2 HG23 sing N N 291 
THR OXT HXT  sing N N 292 
TRP N   CA   sing N N 293 
TRP N   H    sing N N 294 
TRP N   H2   sing N N 295 
TRP CA  C    sing N N 296 
TRP CA  CB   sing N N 297 
TRP CA  HA   sing N N 298 
TRP C   O    doub N N 299 
TRP C   OXT  sing N N 300 
TRP CB  CG   sing N N 301 
TRP CB  HB2  sing N N 302 
TRP CB  HB3  sing N N 303 
TRP CG  CD1  doub Y N 304 
TRP CG  CD2  sing Y N 305 
TRP CD1 NE1  sing Y N 306 
TRP CD1 HD1  sing N N 307 
TRP CD2 CE2  doub Y N 308 
TRP CD2 CE3  sing Y N 309 
TRP NE1 CE2  sing Y N 310 
TRP NE1 HE1  sing N N 311 
TRP CE2 CZ2  sing Y N 312 
TRP CE3 CZ3  doub Y N 313 
TRP CE3 HE3  sing N N 314 
TRP CZ2 CH2  doub Y N 315 
TRP CZ2 HZ2  sing N N 316 
TRP CZ3 CH2  sing Y N 317 
TRP CZ3 HZ3  sing N N 318 
TRP CH2 HH2  sing N N 319 
TRP OXT HXT  sing N N 320 
TYR N   CA   sing N N 321 
TYR N   H    sing N N 322 
TYR N   H2   sing N N 323 
TYR CA  C    sing N N 324 
TYR CA  CB   sing N N 325 
TYR CA  HA   sing N N 326 
TYR C   O    doub N N 327 
TYR C   OXT  sing N N 328 
TYR CB  CG   sing N N 329 
TYR CB  HB2  sing N N 330 
TYR CB  HB3  sing N N 331 
TYR CG  CD1  doub Y N 332 
TYR CG  CD2  sing Y N 333 
TYR CD1 CE1  sing Y N 334 
TYR CD1 HD1  sing N N 335 
TYR CD2 CE2  doub Y N 336 
TYR CD2 HD2  sing N N 337 
TYR CE1 CZ   doub Y N 338 
TYR CE1 HE1  sing N N 339 
TYR CE2 CZ   sing Y N 340 
TYR CE2 HE2  sing N N 341 
TYR CZ  OH   sing N N 342 
TYR OH  HH   sing N N 343 
TYR OXT HXT  sing N N 344 
VAL N   CA   sing N N 345 
VAL N   H    sing N N 346 
VAL N   H2   sing N N 347 
VAL CA  C    sing N N 348 
VAL CA  CB   sing N N 349 
VAL CA  HA   sing N N 350 
VAL C   O    doub N N 351 
VAL C   OXT  sing N N 352 
VAL CB  CG1  sing N N 353 
VAL CB  CG2  sing N N 354 
VAL CB  HB   sing N N 355 
VAL CG1 HG11 sing N N 356 
VAL CG1 HG12 sing N N 357 
VAL CG1 HG13 sing N N 358 
VAL CG2 HG21 sing N N 359 
VAL CG2 HG22 sing N N 360 
VAL CG2 HG23 sing N N 361 
VAL OXT HXT  sing N N 362 
# 
_atom_sites.entry_id                    2A0B 
_atom_sites.fract_transf_matrix[1][1]   0.03232364 
_atom_sites.fract_transf_matrix[1][2]   -0.00381310 
_atom_sites.fract_transf_matrix[1][3]   -0.00432597 
_atom_sites.fract_transf_matrix[2][1]   0.00384145 
_atom_sites.fract_transf_matrix[2][2]   0.02810115 
_atom_sites.fract_transf_matrix[2][3]   0.00393379 
_atom_sites.fract_transf_matrix[3][1]   0.00102352 
_atom_sites.fract_transf_matrix[3][2]   -0.00138088 
_atom_sites.fract_transf_matrix[3][3]   0.00886490 
_atom_sites.fract_transf_vector[1]      1.086924 
_atom_sites.fract_transf_vector[2]      1.354482 
_atom_sites.fract_transf_vector[3]      0.625247 
# 
loop_
_atom_type.symbol 
C  
N  
O  
S  
ZN 
# 
loop_
_atom_site.group_PDB 
_atom_site.id 
_atom_site.type_symbol 
_atom_site.label_atom_id 
_atom_site.label_alt_id 
_atom_site.label_comp_id 
_atom_site.label_asym_id 
_atom_site.label_entity_id 
_atom_site.label_seq_id 
_atom_site.pdbx_PDB_ins_code 
_atom_site.Cartn_x 
_atom_site.Cartn_y 
_atom_site.Cartn_z 
_atom_site.occupancy 
_atom_site.B_iso_or_equiv 
_atom_site.pdbx_formal_charge 
_atom_site.auth_seq_id 
_atom_site.auth_comp_id 
_atom_site.auth_asym_id 
_atom_site.auth_atom_id 
_atom_site.pdbx_PDB_model_num 
ATOM   1    N  N   . SER A 1 6   ? -14.673 -10.071 6.663   1.00 47.24 ? 657 SER A N   1 
ATOM   2    C  CA  . SER A 1 6   ? -14.608 -8.598  6.730   1.00 45.62 ? 657 SER A CA  1 
ATOM   3    C  C   . SER A 1 6   ? -13.230 -8.084  6.332   1.00 44.35 ? 657 SER A C   1 
ATOM   4    O  O   . SER A 1 6   ? -13.123 -6.889  6.048   1.00 44.79 ? 657 SER A O   1 
ATOM   5    C  CB  . SER A 1 6   ? -14.967 -8.085  8.117   1.00 47.53 ? 657 SER A CB  1 
ATOM   6    N  N   . LYS A 1 7   ? -12.239 -8.964  6.251   1.00 41.11 ? 658 LYS A N   1 
ATOM   7    C  CA  . LYS A 1 7   ? -10.901 -8.516  5.900   1.00 40.90 ? 658 LYS A CA  1 
ATOM   8    C  C   . LYS A 1 7   ? -10.820 -8.037  4.446   1.00 39.33 ? 658 LYS A C   1 
ATOM   9    O  O   . LYS A 1 7   ? -10.064 -7.093  4.201   1.00 39.09 ? 658 LYS A O   1 
ATOM   10   C  CB  . LYS A 1 7   ? -9.833  -9.516  6.214   1.00 42.13 ? 658 LYS A CB  1 
ATOM   11   C  CG  . LYS A 1 7   ? -9.386  -10.645 5.336   1.00 44.01 ? 658 LYS A CG  1 
ATOM   12   C  CD  . LYS A 1 7   ? -8.462  -11.513 6.203   1.00 45.36 ? 658 LYS A CD  1 
ATOM   13   C  CE  . LYS A 1 7   ? -8.246  -12.928 5.678   1.00 46.23 ? 658 LYS A CE  1 
ATOM   14   N  NZ  . LYS A 1 7   ? -6.939  -13.416 6.248   1.00 46.39 ? 658 LYS A NZ  1 
ATOM   15   N  N   . SER A 1 8   ? -11.526 -8.684  3.534   1.00 38.23 ? 659 SER A N   1 
ATOM   16   C  CA  . SER A 1 8   ? -11.490 -8.240  2.140   1.00 38.42 ? 659 SER A CA  1 
ATOM   17   C  C   . SER A 1 8   ? -12.023 -6.804  2.065   1.00 36.47 ? 659 SER A C   1 
ATOM   18   O  O   . SER A 1 8   ? -11.379 -5.941  1.460   1.00 33.77 ? 659 SER A O   1 
ATOM   19   C  CB  . SER A 1 8   ? -12.290 -9.162  1.222   1.00 39.32 ? 659 SER A CB  1 
ATOM   20   O  OG  . SER A 1 8   ? -11.669 -10.436 1.084   1.00 41.69 ? 659 SER A OG  1 
ATOM   21   N  N   . GLU A 1 9   ? -13.157 -6.528  2.700   1.00 35.77 ? 660 GLU A N   1 
ATOM   22   C  CA  . GLU A 1 9   ? -13.758 -5.202  2.659   1.00 37.25 ? 660 GLU A CA  1 
ATOM   23   C  C   . GLU A 1 9   ? -12.883 -4.101  3.215   1.00 35.18 ? 660 GLU A C   1 
ATOM   24   O  O   . GLU A 1 9   ? -12.841 -2.958  2.753   1.00 34.62 ? 660 GLU A O   1 
ATOM   25   C  CB  . GLU A 1 9   ? -15.091 -5.176  3.452   1.00 40.31 ? 660 GLU A CB  1 
ATOM   26   C  CG  . GLU A 1 9   ? -16.038 -6.239  2.935   1.00 44.75 ? 660 GLU A CG  1 
ATOM   27   C  CD  . GLU A 1 9   ? -17.428 -6.243  3.539   1.00 47.63 ? 660 GLU A CD  1 
ATOM   28   O  OE1 . GLU A 1 9   ? -17.614 -5.864  4.717   1.00 48.79 ? 660 GLU A OE1 1 
ATOM   29   O  OE2 . GLU A 1 9   ? -18.351 -6.649  2.781   1.00 49.21 ? 660 GLU A OE2 1 
ATOM   30   N  N   . ALA A 1 10  ? -12.182 -4.452  4.297   1.00 33.02 ? 661 ALA A N   1 
ATOM   31   C  CA  . ALA A 1 10  ? -11.332 -3.510  4.980   1.00 31.98 ? 661 ALA A CA  1 
ATOM   32   C  C   . ALA A 1 10  ? -10.040 -3.229  4.251   1.00 29.44 ? 661 ALA A C   1 
ATOM   33   O  O   . ALA A 1 10  ? -9.577  -2.090  4.235   1.00 32.41 ? 661 ALA A O   1 
ATOM   34   C  CB  . ALA A 1 10  ? -11.054 -4.060  6.385   1.00 34.31 ? 661 ALA A CB  1 
ATOM   35   N  N   . LEU A 1 11  ? -9.410  -4.208  3.618   1.00 21.40 ? 662 LEU A N   1 
ATOM   36   C  CA  . LEU A 1 11  ? -8.094  -4.050  3.083   1.00 19.19 ? 662 LEU A CA  1 
ATOM   37   C  C   . LEU A 1 11  ? -8.169  -3.693  1.522   1.00 16.18 ? 662 LEU A C   1 
ATOM   38   O  O   . LEU A 1 11  ? -7.140  -3.242  1.138   1.00 19.78 ? 662 LEU A O   1 
ATOM   39   C  CB  . LEU A 1 11  ? -7.250  -5.325  3.225   1.00 20.43 ? 662 LEU A CB  1 
ATOM   40   C  CG  . LEU A 1 11  ? -7.036  -5.774  4.743   1.00 21.09 ? 662 LEU A CG  1 
ATOM   41   C  CD1 . LEU A 1 11  ? -6.268  -7.062  4.730   1.00 23.64 ? 662 LEU A CD1 1 
ATOM   42   C  CD2 . LEU A 1 11  ? -6.218  -4.655  5.389   1.00 23.11 ? 662 LEU A CD2 1 
ATOM   43   N  N   . LEU A 1 12  ? -9.292  -4.095  0.989   1.00 17.62 ? 663 LEU A N   1 
ATOM   44   C  CA  . LEU A 1 12  ? -9.232  -3.859  -0.519  1.00 19.02 ? 663 LEU A CA  1 
ATOM   45   C  C   . LEU A 1 12  ? -10.269 -2.857  -0.908  1.00 19.93 ? 663 LEU A C   1 
ATOM   46   O  O   . LEU A 1 12  ? -11.283 -2.619  -0.290  1.00 21.58 ? 663 LEU A O   1 
ATOM   47   C  CB  . LEU A 1 12  ? -9.675  -5.184  -1.183  1.00 19.82 ? 663 LEU A CB  1 
ATOM   48   C  CG  . LEU A 1 12  ? -8.851  -6.428  -0.785  1.00 21.31 ? 663 LEU A CG  1 
ATOM   49   C  CD1 . LEU A 1 12  ? -9.435  -7.658  -1.491  1.00 20.59 ? 663 LEU A CD1 1 
ATOM   50   C  CD2 . LEU A 1 12  ? -7.390  -6.179  -1.028  1.00 21.13 ? 663 LEU A CD2 1 
ATOM   51   N  N   . ASP A 1 13  ? -10.073 -2.275  -2.139  1.00 19.09 ? 664 ASP A N   1 
ATOM   52   C  CA  . ASP A 1 13  ? -11.119 -1.422  -2.682  1.00 19.30 ? 664 ASP A CA  1 
ATOM   53   C  C   . ASP A 1 13  ? -12.018 -2.274  -3.596  1.00 20.90 ? 664 ASP A C   1 
ATOM   54   O  O   . ASP A 1 13  ? -11.674 -2.417  -4.812  1.00 19.75 ? 664 ASP A O   1 
ATOM   55   C  CB  . ASP A 1 13  ? -10.479 -0.292  -3.481  1.00 19.84 ? 664 ASP A CB  1 
ATOM   56   C  CG  . ASP A 1 13  ? -11.489 0.727   -3.989  1.00 20.62 ? 664 ASP A CG  1 
ATOM   57   O  OD1 . ASP A 1 13  ? -12.692 0.540   -4.001  1.00 23.40 ? 664 ASP A OD1 1 
ATOM   58   O  OD2 . ASP A 1 13  ? -10.915 1.807   -4.307  1.00 27.41 ? 664 ASP A OD2 1 
ATOM   59   N  N   . ILE A 1 14  ? -13.000 -2.933  -3.062  1.00 19.58 ? 665 ILE A N   1 
ATOM   60   C  CA  . ILE A 1 14  ? -13.838 -3.891  -3.789  1.00 19.78 ? 665 ILE A CA  1 
ATOM   61   C  C   . ILE A 1 14  ? -14.607 -3.264  -4.944  1.00 20.80 ? 665 ILE A C   1 
ATOM   62   O  O   . ILE A 1 14  ? -14.484 -3.858  -6.042  1.00 22.93 ? 665 ILE A O   1 
ATOM   63   C  CB  A ILE A 1 14  ? -14.780 -4.691  -2.872  0.50 22.10 ? 665 ILE A CB  1 
ATOM   64   C  CB  B ILE A 1 14  ? -14.740 -4.688  -2.811  0.50 21.72 ? 665 ILE A CB  1 
ATOM   65   C  CG1 A ILE A 1 14  ? -13.897 -5.308  -1.778  0.50 22.58 ? 665 ILE A CG1 1 
ATOM   66   C  CG1 B ILE A 1 14  ? -13.843 -5.790  -2.205  0.50 21.28 ? 665 ILE A CG1 1 
ATOM   67   C  CG2 A ILE A 1 14  ? -15.475 -5.774  -3.702  0.50 21.88 ? 665 ILE A CG2 1 
ATOM   68   C  CG2 B ILE A 1 14  ? -15.979 -5.274  -3.480  0.50 21.91 ? 665 ILE A CG2 1 
ATOM   69   C  CD1 A ILE A 1 14  ? -12.874 -6.282  -2.281  0.50 22.43 ? 665 ILE A CD1 1 
ATOM   70   C  CD1 B ILE A 1 14  ? -14.442 -6.627  -1.087  0.50 22.12 ? 665 ILE A CD1 1 
ATOM   71   N  N   . PRO A 1 15  ? -15.208 -2.126  -4.803  1.00 22.13 ? 666 PRO A N   1 
ATOM   72   C  CA  . PRO A 1 15  ? -15.916 -1.482  -5.945  1.00 22.79 ? 666 PRO A CA  1 
ATOM   73   C  C   . PRO A 1 15  ? -14.921 -1.257  -7.091  1.00 24.33 ? 666 PRO A C   1 
ATOM   74   O  O   . PRO A 1 15  ? -15.306 -1.545  -8.260  1.00 25.21 ? 666 PRO A O   1 
ATOM   75   C  CB  . PRO A 1 15  ? -16.417 -0.168  -5.403  1.00 26.78 ? 666 PRO A CB  1 
ATOM   76   C  CG  . PRO A 1 15  ? -16.743 -0.557  -3.950  1.00 25.90 ? 666 PRO A CG  1 
ATOM   77   C  CD  . PRO A 1 15  ? -15.504 -1.346  -3.574  1.00 24.39 ? 666 PRO A CD  1 
ATOM   78   N  N   . MET A 1 16  ? -13.746 -0.746  -6.868  1.00 21.81 ? 667 MET A N   1 
ATOM   79   C  CA  . MET A 1 16  ? -12.767 -0.471  -7.921  1.00 22.52 ? 667 MET A CA  1 
ATOM   80   C  C   . MET A 1 16  ? -12.349 -1.782  -8.548  1.00 22.81 ? 667 MET A C   1 
ATOM   81   O  O   . MET A 1 16  ? -12.257 -1.975  -9.788  1.00 21.82 ? 667 MET A O   1 
ATOM   82   C  CB  A MET A 1 16  ? -11.558 0.334   -7.435  0.50 23.55 ? 667 MET A CB  1 
ATOM   83   C  CB  B MET A 1 16  ? -11.536 0.305   -7.425  0.50 24.61 ? 667 MET A CB  1 
ATOM   84   C  CG  A MET A 1 16  ? -10.418 0.450   -8.453  0.50 26.28 ? 667 MET A CG  1 
ATOM   85   C  CG  B MET A 1 16  ? -10.439 0.485   -8.471  0.50 28.11 ? 667 MET A CG  1 
ATOM   86   S  SD  A MET A 1 16  ? -9.280  -0.939  -8.352  0.50 30.19 ? 667 MET A SD  1 
ATOM   87   S  SD  B MET A 1 16  ? -8.770  0.657   -7.805  0.50 33.37 ? 667 MET A SD  1 
ATOM   88   C  CE  A MET A 1 16  ? -7.767  -0.273  -9.031  0.50 29.38 ? 667 MET A CE  1 
ATOM   89   C  CE  B MET A 1 16  ? -8.160  -1.014  -8.013  0.50 31.54 ? 667 MET A CE  1 
ATOM   90   N  N   . LEU A 1 17  ? -12.032 -2.825  -7.745  1.00 18.34 ? 668 LEU A N   1 
ATOM   91   C  CA  . LEU A 1 17  ? -11.591 -4.089  -8.276  1.00 17.95 ? 668 LEU A CA  1 
ATOM   92   C  C   . LEU A 1 17  ? -12.689 -4.762  -9.114  1.00 19.10 ? 668 LEU A C   1 
ATOM   93   O  O   . LEU A 1 17  ? -12.282 -5.400  -10.112 1.00 20.60 ? 668 LEU A O   1 
ATOM   94   C  CB  . LEU A 1 17  ? -11.144 -5.024  -7.099  1.00 18.90 ? 668 LEU A CB  1 
ATOM   95   C  CG  . LEU A 1 17  ? -9.818  -4.499  -6.546  1.00 19.23 ? 668 LEU A CG  1 
ATOM   96   C  CD1 . LEU A 1 17  ? -9.664  -5.190  -5.142  1.00 21.03 ? 668 LEU A CD1 1 
ATOM   97   C  CD2 . LEU A 1 17  ? -8.581  -4.846  -7.347  1.00 22.17 ? 668 LEU A CD2 1 
ATOM   98   N  N   . GLU A 1 18  ? -13.936 -4.664  -8.711  1.00 19.66 ? 669 GLU A N   1 
ATOM   99   C  CA  . GLU A 1 18  ? -14.992 -5.343  -9.458  1.00 20.81 ? 669 GLU A CA  1 
ATOM   100  C  C   . GLU A 1 18  ? -15.136 -4.599  -10.823 1.00 22.18 ? 669 GLU A C   1 
ATOM   101  O  O   . GLU A 1 18  ? -15.295 -5.346  -11.815 1.00 22.80 ? 669 GLU A O   1 
ATOM   102  C  CB  . GLU A 1 18  ? -16.293 -5.354  -8.699  1.00 25.05 ? 669 GLU A CB  1 
ATOM   103  C  CG  . GLU A 1 18  ? -16.168 -6.468  -7.634  1.00 30.18 ? 669 GLU A CG  1 
ATOM   104  C  CD  . GLU A 1 18  ? -17.452 -6.801  -6.913  1.00 34.64 ? 669 GLU A CD  1 
ATOM   105  O  OE1 . GLU A 1 18  ? -18.517 -6.197  -7.133  1.00 37.57 ? 669 GLU A OE1 1 
ATOM   106  O  OE2 . GLU A 1 18  ? -17.385 -7.762  -6.092  1.00 35.53 ? 669 GLU A OE2 1 
ATOM   107  N  N   . GLN A 1 19  ? -15.033 -3.282  -10.749 1.00 21.75 ? 670 GLN A N   1 
ATOM   108  C  CA  . GLN A 1 19  ? -15.157 -2.562  -12.052 1.00 22.92 ? 670 GLN A CA  1 
ATOM   109  C  C   . GLN A 1 19  ? -13.959 -2.944  -12.893 1.00 22.92 ? 670 GLN A C   1 
ATOM   110  O  O   . GLN A 1 19  ? -14.078 -3.207  -14.150 1.00 22.80 ? 670 GLN A O   1 
ATOM   111  C  CB  . GLN A 1 19  ? -15.163 -1.070  -11.760 1.00 25.01 ? 670 GLN A CB  1 
ATOM   112  C  CG  . GLN A 1 19  ? -15.252 -0.210  -13.037 1.00 28.94 ? 670 GLN A CG  1 
ATOM   113  C  CD  . GLN A 1 19  ? -15.138 1.265   -12.706 1.00 28.96 ? 670 GLN A CD  1 
ATOM   114  O  OE1 . GLN A 1 19  ? -16.157 1.958   -12.725 1.00 32.78 ? 670 GLN A OE1 1 
ATOM   115  N  NE2 . GLN A 1 19  ? -13.974 1.801   -12.447 1.00 31.17 ? 670 GLN A NE2 1 
ATOM   116  N  N   . TYR A 1 20  ? -12.744 -2.998  -12.379 1.00 19.67 ? 671 TYR A N   1 
ATOM   117  C  CA  . TYR A 1 20  ? -11.574 -3.398  -13.109 1.00 21.02 ? 671 TYR A CA  1 
ATOM   118  C  C   . TYR A 1 20  ? -11.672 -4.765  -13.737 1.00 24.61 ? 671 TYR A C   1 
ATOM   119  O  O   . TYR A 1 20  ? -11.263 -4.953  -14.932 1.00 24.73 ? 671 TYR A O   1 
ATOM   120  C  CB  . TYR A 1 20  ? -10.331 -3.307  -12.217 1.00 27.63 ? 671 TYR A CB  1 
ATOM   121  C  CG  . TYR A 1 20  ? -9.695  -1.947  -12.365 1.00 33.37 ? 671 TYR A CG  1 
ATOM   122  C  CD1 . TYR A 1 20  ? -10.446 -0.772  -12.368 1.00 36.22 ? 671 TYR A CD1 1 
ATOM   123  C  CD2 . TYR A 1 20  ? -8.327  -1.847  -12.499 1.00 37.21 ? 671 TYR A CD2 1 
ATOM   124  C  CE1 . TYR A 1 20  ? -9.858  0.476   -12.502 1.00 37.46 ? 671 TYR A CE1 1 
ATOM   125  C  CE2 . TYR A 1 20  ? -7.718  -0.607  -12.628 1.00 40.35 ? 671 TYR A CE2 1 
ATOM   126  C  CZ  . TYR A 1 20  ? -8.492  0.545   -12.631 1.00 40.03 ? 671 TYR A CZ  1 
ATOM   127  O  OH  . TYR A 1 20  ? -7.832  1.758   -12.772 1.00 41.16 ? 671 TYR A OH  1 
ATOM   128  N  N   . LEU A 1 21  ? -12.255 -5.746  -13.082 1.00 21.53 ? 672 LEU A N   1 
ATOM   129  C  CA  . LEU A 1 21  ? -12.405 -7.088  -13.618 1.00 25.15 ? 672 LEU A CA  1 
ATOM   130  C  C   . LEU A 1 21  ? -13.305 -7.038  -14.879 1.00 24.75 ? 672 LEU A C   1 
ATOM   131  O  O   . LEU A 1 21  ? -13.032 -7.811  -15.795 1.00 28.06 ? 672 LEU A O   1 
ATOM   132  C  CB  . LEU A 1 21  ? -13.011 -8.056  -12.604 1.00 29.17 ? 672 LEU A CB  1 
ATOM   133  C  CG  . LEU A 1 21  ? -11.953 -8.710  -11.686 1.00 33.31 ? 672 LEU A CG  1 
ATOM   134  C  CD1 . LEU A 1 21  ? -12.752 -9.470  -10.625 1.00 35.09 ? 672 LEU A CD1 1 
ATOM   135  C  CD2 . LEU A 1 21  ? -11.033 -9.647  -12.447 1.00 34.18 ? 672 LEU A CD2 1 
ATOM   136  N  N   . GLU A 1 22  ? -14.337 -6.272  -14.811 1.00 25.28 ? 673 GLU A N   1 
ATOM   137  C  CA  . GLU A 1 22  ? -15.260 -6.143  -15.949 1.00 26.45 ? 673 GLU A CA  1 
ATOM   138  C  C   . GLU A 1 22  ? -14.561 -5.397  -17.070 1.00 27.62 ? 673 GLU A C   1 
ATOM   139  O  O   . GLU A 1 22  ? -14.818 -5.712  -18.265 1.00 27.31 ? 673 GLU A O   1 
ATOM   140  C  CB  . GLU A 1 22  ? -16.500 -5.400  -15.532 1.00 29.08 ? 673 GLU A CB  1 
ATOM   141  C  CG  . GLU A 1 22  ? -17.422 -6.131  -14.596 1.00 35.60 ? 673 GLU A CG  1 
ATOM   142  C  CD  . GLU A 1 22  ? -18.091 -5.250  -13.564 1.00 41.17 ? 673 GLU A CD  1 
ATOM   143  O  OE1 . GLU A 1 22  ? -18.512 -4.097  -13.820 1.00 43.59 ? 673 GLU A OE1 1 
ATOM   144  O  OE2 . GLU A 1 22  ? -18.210 -5.740  -12.406 1.00 44.42 ? 673 GLU A OE2 1 
ATOM   145  N  N   . LEU A 1 23  ? -13.773 -4.384  -16.751 1.00 22.98 ? 674 LEU A N   1 
ATOM   146  C  CA  . LEU A 1 23  ? -13.193 -3.607  -17.884 1.00 24.01 ? 674 LEU A CA  1 
ATOM   147  C  C   . LEU A 1 23  ? -11.935 -4.159  -18.482 1.00 27.99 ? 674 LEU A C   1 
ATOM   148  O  O   . LEU A 1 23  ? -11.652 -4.030  -19.708 1.00 28.87 ? 674 LEU A O   1 
ATOM   149  C  CB  . LEU A 1 23  ? -12.927 -2.185  -17.403 1.00 21.87 ? 674 LEU A CB  1 
ATOM   150  C  CG  . LEU A 1 23  ? -14.119 -1.303  -17.071 1.00 22.69 ? 674 LEU A CG  1 
ATOM   151  C  CD1 . LEU A 1 23  ? -13.557 -0.102  -16.313 1.00 24.12 ? 674 LEU A CD1 1 
ATOM   152  C  CD2 . LEU A 1 23  ? -14.831 -0.836  -18.352 1.00 24.97 ? 674 LEU A CD2 1 
ATOM   153  N  N   . VAL A 1 24  ? -11.000 -4.707  -17.702 1.00 25.20 ? 675 VAL A N   1 
ATOM   154  C  CA  . VAL A 1 24  ? -9.705  -5.166  -18.137 1.00 27.03 ? 675 VAL A CA  1 
ATOM   155  C  C   . VAL A 1 24  ? -9.495  -6.655  -17.943 1.00 29.46 ? 675 VAL A C   1 
ATOM   156  O  O   . VAL A 1 24  ? -8.679  -7.247  -18.650 1.00 32.74 ? 675 VAL A O   1 
ATOM   157  C  CB  . VAL A 1 24  ? -8.557  -4.349  -17.528 1.00 29.50 ? 675 VAL A CB  1 
ATOM   158  C  CG1 . VAL A 1 24  ? -8.835  -2.842  -17.506 1.00 31.26 ? 675 VAL A CG1 1 
ATOM   159  C  CG2 . VAL A 1 24  ? -8.277  -4.774  -16.088 1.00 30.46 ? 675 VAL A CG2 1 
ATOM   160  N  N   . GLY A 1 25  ? -10.163 -7.278  -16.974 1.00 29.01 ? 676 GLY A N   1 
ATOM   161  C  CA  . GLY A 1 25  ? -9.952  -8.705  -16.682 1.00 30.83 ? 676 GLY A CA  1 
ATOM   162  C  C   . GLY A 1 25  ? -8.886  -8.837  -15.582 1.00 31.04 ? 676 GLY A C   1 
ATOM   163  O  O   . GLY A 1 25  ? -8.153  -7.903  -15.282 1.00 29.54 ? 676 GLY A O   1 
ATOM   164  N  N   . PRO A 1 26  ? -8.723  -10.055 -15.091 1.00 32.90 ? 677 PRO A N   1 
ATOM   165  C  CA  . PRO A 1 26  ? -7.779  -10.306 -13.999 1.00 33.34 ? 677 PRO A CA  1 
ATOM   166  C  C   . PRO A 1 26  ? -6.328  -10.250 -14.349 1.00 33.39 ? 677 PRO A C   1 
ATOM   167  O  O   . PRO A 1 26  ? -5.516  -9.983  -13.434 1.00 34.15 ? 677 PRO A O   1 
ATOM   168  C  CB  . PRO A 1 26  ? -8.218  -11.683 -13.495 1.00 34.58 ? 677 PRO A CB  1 
ATOM   169  C  CG  . PRO A 1 26  ? -8.721  -12.359 -14.750 1.00 35.03 ? 677 PRO A CG  1 
ATOM   170  C  CD  . PRO A 1 26  ? -9.557  -11.259 -15.383 1.00 34.63 ? 677 PRO A CD  1 
ATOM   171  N  N   . LYS A 1 27  ? -5.854  -10.479 -15.563 1.00 33.07 ? 678 LYS A N   1 
ATOM   172  C  CA  . LYS A 1 27  ? -4.440  -10.492 -15.860 1.00 34.69 ? 678 LYS A CA  1 
ATOM   173  C  C   . LYS A 1 27  ? -3.742  -9.175  -15.597 1.00 34.30 ? 678 LYS A C   1 
ATOM   174  O  O   . LYS A 1 27  ? -2.573  -9.181  -15.173 1.00 33.83 ? 678 LYS A O   1 
ATOM   175  C  CB  . LYS A 1 27  ? -4.122  -10.893 -17.312 1.00 37.16 ? 678 LYS A CB  1 
ATOM   176  C  CG  . LYS A 1 27  ? -2.661  -11.297 -17.437 1.00 41.35 ? 678 LYS A CG  1 
ATOM   177  C  CD  . LYS A 1 27  ? -2.157  -11.199 -18.868 1.00 43.37 ? 678 LYS A CD  1 
ATOM   178  C  CE  . LYS A 1 27  ? -0.709  -11.703 -18.922 1.00 44.40 ? 678 LYS A CE  1 
ATOM   179  N  NZ  . LYS A 1 27  ? 0.253   -10.592 -19.147 1.00 45.50 ? 678 LYS A NZ  1 
ATOM   180  N  N   . LEU A 1 28  ? -4.370  -8.043  -15.933 1.00 33.48 ? 679 LEU A N   1 
ATOM   181  C  CA  . LEU A 1 28  ? -3.655  -6.792  -15.696 1.00 33.33 ? 679 LEU A CA  1 
ATOM   182  C  C   . LEU A 1 28  ? -3.536  -6.606  -14.171 1.00 32.02 ? 679 LEU A C   1 
ATOM   183  O  O   . LEU A 1 28  ? -2.499  -6.107  -13.765 1.00 31.16 ? 679 LEU A O   1 
ATOM   184  C  CB  . LEU A 1 28  ? -4.272  -5.584  -16.401 1.00 38.09 ? 679 LEU A CB  1 
ATOM   185  C  CG  . LEU A 1 28  ? -3.352  -4.353  -16.449 1.00 41.05 ? 679 LEU A CG  1 
ATOM   186  C  CD1 . LEU A 1 28  ? -2.225  -4.591  -17.451 1.00 41.94 ? 679 LEU A CD1 1 
ATOM   187  C  CD2 . LEU A 1 28  ? -4.110  -3.072  -16.781 1.00 42.50 ? 679 LEU A CD2 1 
ATOM   188  N  N   . ILE A 1 29  ? -4.529  -7.001  -13.410 1.00 31.36 ? 680 ILE A N   1 
ATOM   189  C  CA  . ILE A 1 29  ? -4.480  -6.900  -11.942 1.00 31.14 ? 680 ILE A CA  1 
ATOM   190  C  C   . ILE A 1 29  ? -3.379  -7.801  -11.395 1.00 30.00 ? 680 ILE A C   1 
ATOM   191  O  O   . ILE A 1 29  ? -2.466  -7.396  -10.689 1.00 27.52 ? 680 ILE A O   1 
ATOM   192  C  CB  . ILE A 1 29  ? -5.857  -7.228  -11.352 1.00 34.06 ? 680 ILE A CB  1 
ATOM   193  C  CG1 . ILE A 1 29  ? -6.891  -6.177  -11.824 1.00 36.56 ? 680 ILE A CG1 1 
ATOM   194  C  CG2 . ILE A 1 29  ? -5.871  -7.259  -9.829  1.00 34.87 ? 680 ILE A CG2 1 
ATOM   195  C  CD1 . ILE A 1 29  ? -8.316  -6.722  -11.843 1.00 38.43 ? 680 ILE A CD1 1 
ATOM   196  N  N   . THR A 1 30  ? -3.334  -9.067  -11.804 1.00 28.02 ? 681 THR A N   1 
ATOM   197  C  CA  . THR A 1 30  ? -2.299  -9.966  -11.288 1.00 29.22 ? 681 THR A CA  1 
ATOM   198  C  C   . THR A 1 30  ? -0.906  -9.603  -11.747 1.00 28.70 ? 681 THR A C   1 
ATOM   199  O  O   . THR A 1 30  ? 0.077   -9.727  -10.989 1.00 26.73 ? 681 THR A O   1 
ATOM   200  C  CB  . THR A 1 30  ? -2.642  -11.449 -11.543 1.00 32.02 ? 681 THR A CB  1 
ATOM   201  O  OG1 . THR A 1 30  ? -2.939  -11.636 -12.918 1.00 34.79 ? 681 THR A OG1 1 
ATOM   202  C  CG2 . THR A 1 30  ? -3.851  -11.917 -10.753 1.00 34.37 ? 681 THR A CG2 1 
ATOM   203  N  N   . ASP A 1 31  ? -0.723  -9.110  -12.996 1.00 25.09 ? 682 ASP A N   1 
ATOM   204  C  CA  . ASP A 1 31  ? 0.581   -8.650  -13.401 1.00 26.75 ? 682 ASP A CA  1 
ATOM   205  C  C   . ASP A 1 31  ? 1.040   -7.412  -12.586 1.00 23.49 ? 682 ASP A C   1 
ATOM   206  O  O   . ASP A 1 31  ? 2.228   -7.306  -12.339 1.00 25.20 ? 682 ASP A O   1 
ATOM   207  C  CB  . ASP A 1 31  ? 0.616   -8.223  -14.886 1.00 30.66 ? 682 ASP A CB  1 
ATOM   208  C  CG  . ASP A 1 31  ? 0.474   -9.436  -15.796 1.00 34.04 ? 682 ASP A CG  1 
ATOM   209  O  OD1 . ASP A 1 31  ? 0.652   -10.571 -15.333 1.00 35.47 ? 682 ASP A OD1 1 
ATOM   210  O  OD2 . ASP A 1 31  ? 0.175   -9.206  -16.994 1.00 35.70 ? 682 ASP A OD2 1 
ATOM   211  N  N   . GLY A 1 32  ? 0.121   -6.514  -12.344 1.00 23.70 ? 683 GLY A N   1 
ATOM   212  C  CA  . GLY A 1 32  ? 0.396   -5.271  -11.591 1.00 23.21 ? 683 GLY A CA  1 
ATOM   213  C  C   . GLY A 1 32  ? 0.802   -5.704  -10.146 1.00 24.18 ? 683 GLY A C   1 
ATOM   214  O  O   . GLY A 1 32  ? 1.744   -5.127  -9.651  1.00 23.14 ? 683 GLY A O   1 
ATOM   215  N  N   . LEU A 1 33  ? 0.024   -6.640  -9.627  1.00 23.86 ? 684 LEU A N   1 
ATOM   216  C  CA  . LEU A 1 33  ? 0.354   -7.095  -8.266  1.00 25.08 ? 684 LEU A CA  1 
ATOM   217  C  C   . LEU A 1 33  ? 1.700   -7.713  -8.182  1.00 25.78 ? 684 LEU A C   1 
ATOM   218  O  O   . LEU A 1 33  ? 2.468   -7.579  -7.200  1.00 24.37 ? 684 LEU A O   1 
ATOM   219  C  CB  . LEU A 1 33  ? -0.758  -8.042  -7.812  1.00 25.58 ? 684 LEU A CB  1 
ATOM   220  C  CG  . LEU A 1 33  ? -0.724  -8.397  -6.315  1.00 27.75 ? 684 LEU A CG  1 
ATOM   221  C  CD1 . LEU A 1 33  ? -0.755  -7.129  -5.466  1.00 28.66 ? 684 LEU A CD1 1 
ATOM   222  C  CD2 . LEU A 1 33  ? -1.933  -9.258  -5.998  1.00 28.14 ? 684 LEU A CD2 1 
ATOM   223  N  N   . ALA A 1 34  ? 2.180   -8.485  -9.178  1.00 22.37 ? 685 ALA A N   1 
ATOM   224  C  CA  . ALA A 1 34  ? 3.491   -9.088  -9.191  1.00 22.45 ? 685 ALA A CA  1 
ATOM   225  C  C   . ALA A 1 34  ? 4.574   -8.037  -9.196  1.00 23.66 ? 685 ALA A C   1 
ATOM   226  O  O   . ALA A 1 34  ? 5.622   -8.144  -8.554  1.00 25.42 ? 685 ALA A O   1 
ATOM   227  C  CB  . ALA A 1 34  ? 3.643   -10.033 -10.391 1.00 24.06 ? 685 ALA A CB  1 
ATOM   228  N  N   . VAL A 1 35  ? 4.353   -6.903  -9.917  1.00 21.98 ? 686 VAL A N   1 
ATOM   229  C  CA  . VAL A 1 35  ? 5.286   -5.833  -9.920  1.00 21.33 ? 686 VAL A CA  1 
ATOM   230  C  C   . VAL A 1 35  ? 5.301   -5.120  -8.512  1.00 20.39 ? 686 VAL A C   1 
ATOM   231  O  O   . VAL A 1 35  ? 6.397   -4.855  -8.047  1.00 22.84 ? 686 VAL A O   1 
ATOM   232  C  CB  . VAL A 1 35  ? 4.988   -4.740  -10.986 1.00 23.62 ? 686 VAL A CB  1 
ATOM   233  C  CG1 . VAL A 1 35  ? 5.881   -3.529  -10.850 1.00 22.18 ? 686 VAL A CG1 1 
ATOM   234  C  CG2 . VAL A 1 35  ? 5.249   -5.452  -12.325 1.00 24.77 ? 686 VAL A CG2 1 
ATOM   235  N  N   . PHE A 1 36  ? 4.140   -4.978  -7.971  1.00 20.28 ? 687 PHE A N   1 
ATOM   236  C  CA  . PHE A 1 36  ? 4.052   -4.330  -6.606  1.00 20.15 ? 687 PHE A CA  1 
ATOM   237  C  C   . PHE A 1 36  ? 4.852   -5.188  -5.626  1.00 21.00 ? 687 PHE A C   1 
ATOM   238  O  O   . PHE A 1 36  ? 5.629   -4.576  -4.853  1.00 22.01 ? 687 PHE A O   1 
ATOM   239  C  CB  . PHE A 1 36  ? 2.606   -4.226  -6.217  1.00 21.07 ? 687 PHE A CB  1 
ATOM   240  C  CG  . PHE A 1 36  ? 2.363   -3.558  -4.868  1.00 22.75 ? 687 PHE A CG  1 
ATOM   241  C  CD1 . PHE A 1 36  ? 2.322   -2.186  -4.785  1.00 23.87 ? 687 PHE A CD1 1 
ATOM   242  C  CD2 . PHE A 1 36  ? 2.153   -4.363  -3.769  1.00 23.51 ? 687 PHE A CD2 1 
ATOM   243  C  CE1 . PHE A 1 36  ? 2.069   -1.609  -3.520  1.00 24.66 ? 687 PHE A CE1 1 
ATOM   244  C  CE2 . PHE A 1 36  ? 1.941   -3.783  -2.509  1.00 22.41 ? 687 PHE A CE2 1 
ATOM   245  C  CZ  . PHE A 1 36  ? 1.876   -2.419  -2.411  1.00 23.56 ? 687 PHE A CZ  1 
ATOM   246  N  N   . GLU A 1 37  ? 4.628   -6.501  -5.670  1.00 20.35 ? 688 GLU A N   1 
ATOM   247  C  CA  . GLU A 1 37  ? 5.411   -7.328  -4.701  1.00 23.99 ? 688 GLU A CA  1 
ATOM   248  C  C   . GLU A 1 37  ? 6.891   -7.249  -4.847  1.00 24.98 ? 688 GLU A C   1 
ATOM   249  O  O   . GLU A 1 37  ? 7.702   -7.378  -3.916  1.00 25.92 ? 688 GLU A O   1 
ATOM   250  C  CB  . GLU A 1 37  ? 5.056   -8.807  -4.917  1.00 27.62 ? 688 GLU A CB  1 
ATOM   251  C  CG  . GLU A 1 37  ? 3.697   -9.284  -4.501  1.00 34.29 ? 688 GLU A CG  1 
ATOM   252  C  CD  . GLU A 1 37  ? 3.717   -10.808 -4.723  1.00 36.03 ? 688 GLU A CD  1 
ATOM   253  O  OE1 . GLU A 1 37  ? 4.298   -11.507 -3.898  1.00 38.80 ? 688 GLU A OE1 1 
ATOM   254  O  OE2 . GLU A 1 37  ? 3.251   -11.259 -5.769  1.00 40.76 ? 688 GLU A OE2 1 
ATOM   255  N  N   . LYS A 1 38  ? 7.449   -7.083  -6.091  1.00 21.51 ? 689 LYS A N   1 
ATOM   256  C  CA  . LYS A 1 38  ? 8.877   -6.988  -6.238  1.00 24.56 ? 689 LYS A CA  1 
ATOM   257  C  C   . LYS A 1 38  ? 9.446   -5.635  -5.804  1.00 20.68 ? 689 LYS A C   1 
ATOM   258  O  O   . LYS A 1 38  ? 10.626  -5.592  -5.511  1.00 21.75 ? 689 LYS A O   1 
ATOM   259  C  CB  . LYS A 1 38  ? 9.323   -7.337  -7.664  1.00 29.79 ? 689 LYS A CB  1 
ATOM   260  C  CG  . LYS A 1 38  ? 9.574   -6.277  -8.682  1.00 35.64 ? 689 LYS A CG  1 
ATOM   261  C  CD  . LYS A 1 38  ? 10.314  -6.872  -9.894  1.00 38.08 ? 689 LYS A CD  1 
ATOM   262  C  CE  . LYS A 1 38  ? 9.428   -6.847  -11.128 1.00 40.71 ? 689 LYS A CE  1 
ATOM   263  N  NZ  . LYS A 1 38  ? 10.173  -7.483  -12.267 1.00 42.03 ? 689 LYS A NZ  1 
ATOM   264  N  N   . MET A 1 39  ? 8.589   -4.580  -5.841  1.00 20.42 ? 690 MET A N   1 
ATOM   265  C  CA  . MET A 1 39  ? 9.144   -3.277  -5.516  1.00 21.54 ? 690 MET A CA  1 
ATOM   266  C  C   . MET A 1 39  ? 9.005   -2.915  -4.015  1.00 20.89 ? 690 MET A C   1 
ATOM   267  O  O   . MET A 1 39  ? 9.818   -2.136  -3.528  1.00 23.14 ? 690 MET A O   1 
ATOM   268  C  CB  . MET A 1 39  ? 8.408   -2.161  -6.268  1.00 22.02 ? 690 MET A CB  1 
ATOM   269  C  CG  . MET A 1 39  ? 8.455   -2.383  -7.802  1.00 24.16 ? 690 MET A CG  1 
ATOM   270  S  SD  . MET A 1 39  ? 10.093  -2.478  -8.503  1.00 26.86 ? 690 MET A SD  1 
ATOM   271  C  CE  . MET A 1 39  ? 10.777  -0.905  -8.130  1.00 26.20 ? 690 MET A CE  1 
ATOM   272  N  N   . MET A 1 40  ? 8.009   -3.541  -3.412  1.00 21.25 ? 691 MET A N   1 
ATOM   273  C  CA  . MET A 1 40  ? 7.714   -3.140  -2.009  1.00 22.12 ? 691 MET A CA  1 
ATOM   274  C  C   . MET A 1 40  ? 8.848   -3.367  -1.042  1.00 23.92 ? 691 MET A C   1 
ATOM   275  O  O   . MET A 1 40  ? 9.062   -2.466  -0.176  1.00 22.23 ? 691 MET A O   1 
ATOM   276  C  CB  . MET A 1 40  ? 6.419   -3.762  -1.535  1.00 24.37 ? 691 MET A CB  1 
ATOM   277  C  CG  . MET A 1 40  ? 5.138   -2.982  -1.671  1.00 26.90 ? 691 MET A CG  1 
ATOM   278  S  SD  . MET A 1 40  ? 5.198   -1.328  -0.908  1.00 24.77 ? 691 MET A SD  1 
ATOM   279  C  CE  . MET A 1 40  ? 4.365   -1.595  0.683   1.00 26.25 ? 691 MET A CE  1 
ATOM   280  N  N   . PRO A 1 41  ? 9.616   -4.430  -1.117  1.00 23.28 ? 692 PRO A N   1 
ATOM   281  C  CA  . PRO A 1 41  ? 10.736  -4.581  -0.193  1.00 22.41 ? 692 PRO A CA  1 
ATOM   282  C  C   . PRO A 1 41  ? 11.654  -3.387  -0.198  1.00 24.99 ? 692 PRO A C   1 
ATOM   283  O  O   . PRO A 1 41  ? 12.092  -2.816  0.851   1.00 23.93 ? 692 PRO A O   1 
ATOM   284  C  CB  . PRO A 1 41  ? 11.471  -5.861  -0.608  1.00 24.36 ? 692 PRO A CB  1 
ATOM   285  C  CG  . PRO A 1 41  ? 10.418  -6.632  -1.308  1.00 25.62 ? 692 PRO A CG  1 
ATOM   286  C  CD  . PRO A 1 41  ? 9.509   -5.615  -1.997  1.00 23.19 ? 692 PRO A CD  1 
ATOM   287  N  N   . GLY A 1 42  ? 12.030  -2.858  -1.374  1.00 22.76 ? 693 GLY A N   1 
ATOM   288  C  CA  . GLY A 1 42  ? 12.861  -1.718  -1.509  1.00 21.67 ? 693 GLY A CA  1 
ATOM   289  C  C   . GLY A 1 42  ? 12.195  -0.435  -1.065  1.00 20.11 ? 693 GLY A C   1 
ATOM   290  O  O   . GLY A 1 42  ? 12.869  0.434   -0.480  1.00 23.16 ? 693 GLY A O   1 
ATOM   291  N  N   . TYR A 1 43  ? 10.899  -0.234  -1.288  1.00 20.29 ? 694 TYR A N   1 
ATOM   292  C  CA  . TYR A 1 43  ? 10.176  0.947   -0.883  1.00 19.10 ? 694 TYR A CA  1 
ATOM   293  C  C   . TYR A 1 43  ? 10.157  0.987   0.696   1.00 19.81 ? 694 TYR A C   1 
ATOM   294  O  O   . TYR A 1 43  ? 10.361  2.078   1.198   1.00 20.42 ? 694 TYR A O   1 
ATOM   295  C  CB  . TYR A 1 43  ? 8.748   1.037   -1.418  1.00 21.02 ? 694 TYR A CB  1 
ATOM   296  C  CG  . TYR A 1 43  ? 8.633   1.176   -2.974  1.00 19.98 ? 694 TYR A CG  1 
ATOM   297  C  CD1 . TYR A 1 43  ? 9.737   1.446   -3.709  1.00 22.74 ? 694 TYR A CD1 1 
ATOM   298  C  CD2 . TYR A 1 43  ? 7.347   0.973   -3.450  1.00 19.89 ? 694 TYR A CD2 1 
ATOM   299  C  CE1 . TYR A 1 43  ? 9.579   1.582   -5.132  1.00 23.22 ? 694 TYR A CE1 1 
ATOM   300  C  CE2 . TYR A 1 43  ? 7.144   1.109   -4.875  1.00 20.69 ? 694 TYR A CE2 1 
ATOM   301  C  CZ  . TYR A 1 43  ? 8.298   1.384   -5.554  1.00 20.47 ? 694 TYR A CZ  1 
ATOM   302  O  OH  . TYR A 1 43  ? 8.176   1.556   -6.987  1.00 24.59 ? 694 TYR A OH  1 
ATOM   303  N  N   . VAL A 1 44  ? 9.953   -0.191  1.244   1.00 20.85 ? 695 VAL A N   1 
ATOM   304  C  CA  . VAL A 1 44  ? 9.864   -0.144  2.758   1.00 21.53 ? 695 VAL A CA  1 
ATOM   305  C  C   . VAL A 1 44  ? 11.256  0.075   3.314   1.00 23.99 ? 695 VAL A C   1 
ATOM   306  O  O   . VAL A 1 44  ? 11.393  0.881   4.264   1.00 21.73 ? 695 VAL A O   1 
ATOM   307  C  CB  . VAL A 1 44  ? 9.205   -1.425  3.225   1.00 22.77 ? 695 VAL A CB  1 
ATOM   308  C  CG1 . VAL A 1 44  ? 9.400   -1.576  4.774   1.00 26.52 ? 695 VAL A CG1 1 
ATOM   309  C  CG2 . VAL A 1 44  ? 7.715   -1.505  2.972   1.00 22.32 ? 695 VAL A CG2 1 
ATOM   310  N  N   . SER A 1 45  ? 12.309  -0.491  2.724   1.00 23.89 ? 696 SER A N   1 
ATOM   311  C  CA  . SER A 1 45  ? 13.659  -0.225  3.174   1.00 24.88 ? 696 SER A CA  1 
ATOM   312  C  C   . SER A 1 45  ? 14.024  1.244   3.071   1.00 26.96 ? 696 SER A C   1 
ATOM   313  O  O   . SER A 1 45  ? 14.715  1.828   3.923   1.00 26.40 ? 696 SER A O   1 
ATOM   314  C  CB  A SER A 1 45  ? 14.679  -1.113  2.460   0.50 26.35 ? 696 SER A CB  1 
ATOM   315  C  CB  B SER A 1 45  ? 14.655  -1.076  2.381   0.50 26.07 ? 696 SER A CB  1 
ATOM   316  O  OG  A SER A 1 45  ? 14.319  -2.473  2.671   0.50 27.88 ? 696 SER A OG  1 
ATOM   317  O  OG  B SER A 1 45  ? 15.965  -0.804  2.822   0.50 26.64 ? 696 SER A OG  1 
ATOM   318  N  N   . VAL A 1 46  ? 13.594  1.952   2.016   1.00 25.89 ? 697 VAL A N   1 
ATOM   319  C  CA  . VAL A 1 46  ? 13.855  3.377   1.880   1.00 27.12 ? 697 VAL A CA  1 
ATOM   320  C  C   . VAL A 1 46  ? 13.084  4.152   2.949   1.00 24.83 ? 697 VAL A C   1 
ATOM   321  O  O   . VAL A 1 46  ? 13.657  5.090   3.514   1.00 27.06 ? 697 VAL A O   1 
ATOM   322  C  CB  . VAL A 1 46  ? 13.476  3.914   0.479   1.00 28.54 ? 697 VAL A CB  1 
ATOM   323  C  CG1 . VAL A 1 46  ? 13.496  5.431   0.405   1.00 29.70 ? 697 VAL A CG1 1 
ATOM   324  C  CG2 . VAL A 1 46  ? 14.474  3.304   -0.520  1.00 28.63 ? 697 VAL A CG2 1 
ATOM   325  N  N   . LEU A 1 47  ? 11.836  3.807   3.251   1.00 24.35 ? 698 LEU A N   1 
ATOM   326  C  CA  . LEU A 1 47  ? 11.086  4.430   4.317   1.00 24.30 ? 698 LEU A CA  1 
ATOM   327  C  C   . LEU A 1 47  ? 11.890  4.323   5.644   1.00 25.83 ? 698 LEU A C   1 
ATOM   328  O  O   . LEU A 1 47  ? 12.013  5.361   6.294   1.00 26.96 ? 698 LEU A O   1 
ATOM   329  C  CB  . LEU A 1 47  ? 9.729   3.802   4.656   1.00 26.47 ? 698 LEU A CB  1 
ATOM   330  C  CG  . LEU A 1 47  ? 8.518   4.272   3.879   1.00 27.61 ? 698 LEU A CG  1 
ATOM   331  C  CD1 . LEU A 1 47  ? 7.317   3.401   4.218   1.00 27.40 ? 698 LEU A CD1 1 
ATOM   332  C  CD2 . LEU A 1 47  ? 8.240   5.757   4.164   1.00 27.43 ? 698 LEU A CD2 1 
ATOM   333  N  N   . GLU A 1 48  ? 12.331  3.124   5.919   1.00 26.59 ? 699 GLU A N   1 
ATOM   334  C  CA  . GLU A 1 48  ? 13.056  2.909   7.194   1.00 27.96 ? 699 GLU A CA  1 
ATOM   335  C  C   . GLU A 1 48  ? 14.342  3.684   7.257   1.00 29.35 ? 699 GLU A C   1 
ATOM   336  O  O   . GLU A 1 48  ? 14.663  4.241   8.328   1.00 31.12 ? 699 GLU A O   1 
ATOM   337  C  CB  A GLU A 1 48  ? 13.401  1.428   7.369   0.50 29.52 ? 699 GLU A CB  1 
ATOM   338  C  CB  B GLU A 1 48  ? 13.357  1.424   7.361   0.50 28.46 ? 699 GLU A CB  1 
ATOM   339  C  CG  A GLU A 1 48  ? 12.234  0.484   7.400   0.50 31.14 ? 699 GLU A CG  1 
ATOM   340  C  CG  B GLU A 1 48  ? 12.135  0.588   7.687   0.50 28.87 ? 699 GLU A CG  1 
ATOM   341  C  CD  A GLU A 1 48  ? 11.546  0.391   8.740   0.50 33.78 ? 699 GLU A CD  1 
ATOM   342  C  CD  B GLU A 1 48  ? 12.592  -0.817  8.042   0.50 31.30 ? 699 GLU A CD  1 
ATOM   343  O  OE1 A GLU A 1 48  ? 11.613  1.342   9.540   0.50 34.77 ? 699 GLU A OE1 1 
ATOM   344  O  OE1 B GLU A 1 48  ? 12.874  -1.591  7.124   0.50 32.10 ? 699 GLU A OE1 1 
ATOM   345  O  OE2 A GLU A 1 48  ? 10.959  -0.682  8.973   0.50 35.04 ? 699 GLU A OE2 1 
ATOM   346  O  OE2 B GLU A 1 48  ? 12.696  -1.093  9.253   0.50 32.71 ? 699 GLU A OE2 1 
ATOM   347  N  N   . SER A 1 49  ? 15.113  3.729   6.170   1.00 29.72 ? 700 SER A N   1 
ATOM   348  C  CA  . SER A 1 49  ? 16.398  4.434   6.245   1.00 31.71 ? 700 SER A CA  1 
ATOM   349  C  C   . SER A 1 49  ? 16.143  5.924   6.407   1.00 32.54 ? 700 SER A C   1 
ATOM   350  O  O   . SER A 1 49  ? 16.780  6.602   7.239   1.00 32.11 ? 700 SER A O   1 
ATOM   351  C  CB  . SER A 1 49  ? 17.331  4.012   5.130   1.00 35.35 ? 700 SER A CB  1 
ATOM   352  O  OG  . SER A 1 49  ? 16.924  4.544   3.896   1.00 39.35 ? 700 SER A OG  1 
ATOM   353  N  N   . ASN A 1 50  ? 15.085  6.451   5.777   1.00 30.05 ? 701 ASN A N   1 
ATOM   354  C  CA  . ASN A 1 50  ? 14.739  7.859   5.953   1.00 31.85 ? 701 ASN A CA  1 
ATOM   355  C  C   . ASN A 1 50  ? 14.251  8.146   7.380   1.00 31.61 ? 701 ASN A C   1 
ATOM   356  O  O   . ASN A 1 50  ? 14.529  9.200   7.973   1.00 32.30 ? 701 ASN A O   1 
ATOM   357  C  CB  . ASN A 1 50  ? 13.680  8.256   4.904   1.00 33.03 ? 701 ASN A CB  1 
ATOM   358  C  CG  . ASN A 1 50  ? 14.331  8.575   3.563   1.00 36.01 ? 701 ASN A CG  1 
ATOM   359  O  OD1 . ASN A 1 50  ? 13.972  8.049   2.504   1.00 38.84 ? 701 ASN A OD1 1 
ATOM   360  N  ND2 . ASN A 1 50  ? 15.270  9.520   3.572   1.00 37.37 ? 701 ASN A ND2 1 
ATOM   361  N  N   . LEU A 1 51  ? 13.545  7.186   7.966   1.00 30.66 ? 702 LEU A N   1 
ATOM   362  C  CA  . LEU A 1 51  ? 13.042  7.350   9.336   1.00 30.69 ? 702 LEU A CA  1 
ATOM   363  C  C   . LEU A 1 51  ? 14.284  7.457   10.248  1.00 31.86 ? 702 LEU A C   1 
ATOM   364  O  O   . LEU A 1 51  ? 14.331  8.406   11.039  1.00 32.99 ? 702 LEU A O   1 
ATOM   365  C  CB  . LEU A 1 51  ? 12.152  6.199   9.751   1.00 30.07 ? 702 LEU A CB  1 
ATOM   366  C  CG  . LEU A 1 51  ? 11.547  6.279   11.158  1.00 29.68 ? 702 LEU A CG  1 
ATOM   367  C  CD1 . LEU A 1 51  ? 10.706  7.549   11.333  1.00 30.72 ? 702 LEU A CD1 1 
ATOM   368  C  CD2 . LEU A 1 51  ? 10.787  5.019   11.495  1.00 28.96 ? 702 LEU A CD2 1 
ATOM   369  N  N   . THR A 1 52  ? 15.250  6.591   10.033  1.00 32.22 ? 703 THR A N   1 
ATOM   370  C  CA  . THR A 1 52  ? 16.473  6.636   10.870  1.00 36.02 ? 703 THR A CA  1 
ATOM   371  C  C   . THR A 1 52  ? 17.243  7.931   10.746  1.00 37.48 ? 703 THR A C   1 
ATOM   372  O  O   . THR A 1 52  ? 17.727  8.535   11.719  1.00 38.61 ? 703 THR A O   1 
ATOM   373  C  CB  . THR A 1 52  ? 17.425  5.493   10.515  1.00 35.93 ? 703 THR A CB  1 
ATOM   374  O  OG1 . THR A 1 52  ? 16.770  4.271   10.859  1.00 38.38 ? 703 THR A OG1 1 
ATOM   375  C  CG2 . THR A 1 52  ? 18.754  5.606   11.273  1.00 38.19 ? 703 THR A CG2 1 
ATOM   376  N  N   . ALA A 1 53  ? 17.391  8.433   9.527   1.00 36.71 ? 704 ALA A N   1 
ATOM   377  C  CA  . ALA A 1 53  ? 18.059  9.695   9.253   1.00 37.64 ? 704 ALA A CA  1 
ATOM   378  C  C   . ALA A 1 53  ? 17.217  10.895  9.628   1.00 37.21 ? 704 ALA A C   1 
ATOM   379  O  O   . ALA A 1 53  ? 17.591  12.053  9.428   1.00 37.26 ? 704 ALA A O   1 
ATOM   380  C  CB  . ALA A 1 53  ? 18.416  9.719   7.763   1.00 38.08 ? 704 ALA A CB  1 
ATOM   381  N  N   . GLN A 1 54  ? 15.983  10.712  10.063  1.00 37.48 ? 705 GLN A N   1 
ATOM   382  C  CA  . GLN A 1 54  ? 15.042  11.782  10.382  1.00 38.81 ? 705 GLN A CA  1 
ATOM   383  C  C   . GLN A 1 54  ? 14.903  12.709  9.201   1.00 37.58 ? 705 GLN A C   1 
ATOM   384  O  O   . GLN A 1 54  ? 14.793  13.935  9.323   1.00 38.45 ? 705 GLN A O   1 
ATOM   385  C  CB  . GLN A 1 54  ? 15.464  12.428  11.733  1.00 41.86 ? 705 GLN A CB  1 
ATOM   386  C  CG  . GLN A 1 54  ? 15.255  11.405  12.841  1.00 45.08 ? 705 GLN A CG  1 
ATOM   387  C  CD  . GLN A 1 54  ? 15.298  11.772  14.288  1.00 48.36 ? 705 GLN A CD  1 
ATOM   388  O  OE1 . GLN A 1 54  ? 15.939  11.065  15.092  1.00 50.35 ? 705 GLN A OE1 1 
ATOM   389  N  NE2 . GLN A 1 54  ? 14.621  12.834  14.719  1.00 50.32 ? 705 GLN A NE2 1 
ATOM   390  N  N   . ASP A 1 55  ? 14.845  12.135  7.977   1.00 34.88 ? 706 ASP A N   1 
ATOM   391  C  CA  . ASP A 1 55  ? 14.722  12.947  6.753   1.00 32.76 ? 706 ASP A CA  1 
ATOM   392  C  C   . ASP A 1 55  ? 13.245  13.033  6.395   1.00 32.65 ? 706 ASP A C   1 
ATOM   393  O  O   . ASP A 1 55  ? 12.683  12.136  5.755   1.00 31.48 ? 706 ASP A O   1 
ATOM   394  C  CB  . ASP A 1 55  ? 15.547  12.307  5.653   1.00 34.01 ? 706 ASP A CB  1 
ATOM   395  C  CG  . ASP A 1 55  ? 15.440  12.909  4.271   1.00 35.80 ? 706 ASP A CG  1 
ATOM   396  O  OD1 . ASP A 1 55  ? 14.716  13.882  4.031   1.00 34.98 ? 706 ASP A OD1 1 
ATOM   397  O  OD2 . ASP A 1 55  ? 16.092  12.406  3.328   1.00 39.77 ? 706 ASP A OD2 1 
ATOM   398  N  N   . LYS A 1 56  ? 12.544  14.075  6.821   1.00 30.28 ? 707 LYS A N   1 
ATOM   399  C  CA  . LYS A 1 56  ? 11.135  14.260  6.629   1.00 31.12 ? 707 LYS A CA  1 
ATOM   400  C  C   . LYS A 1 56  ? 10.728  14.309  5.149   1.00 30.25 ? 707 LYS A C   1 
ATOM   401  O  O   . LYS A 1 56  ? 9.756   13.633  4.802   1.00 29.00 ? 707 LYS A O   1 
ATOM   402  C  CB  . LYS A 1 56  ? 10.624  15.512  7.357   1.00 31.95 ? 707 LYS A CB  1 
ATOM   403  C  CG  . LYS A 1 56  ? 9.163   15.777  7.052   1.00 34.67 ? 707 LYS A CG  1 
ATOM   404  C  CD  . LYS A 1 56  ? 8.755   17.192  7.426   1.00 37.11 ? 707 LYS A CD  1 
ATOM   405  C  CE  . LYS A 1 56  ? 7.912   17.146  8.679   1.00 37.72 ? 707 LYS A CE  1 
ATOM   406  N  NZ  . LYS A 1 56  ? 7.525   18.533  9.112   1.00 38.39 ? 707 LYS A NZ  1 
ATOM   407  N  N   . LYS A 1 57  ? 11.505  14.993  4.320   1.00 28.85 ? 708 LYS A N   1 
ATOM   408  C  CA  . LYS A 1 57  ? 11.170  15.046  2.890   1.00 30.75 ? 708 LYS A CA  1 
ATOM   409  C  C   . LYS A 1 57  ? 11.264  13.646  2.278   1.00 28.17 ? 708 LYS A C   1 
ATOM   410  O  O   . LYS A 1 57  ? 10.439  13.315  1.421   1.00 28.40 ? 708 LYS A O   1 
ATOM   411  C  CB  . LYS A 1 57  ? 12.066  16.047  2.164   1.00 33.96 ? 708 LYS A CB  1 
ATOM   412  C  CG  . LYS A 1 57  ? 12.173  15.874  0.659   1.00 38.41 ? 708 LYS A CG  1 
ATOM   413  C  CD  . LYS A 1 57  ? 12.663  17.146  -0.038  1.00 41.91 ? 708 LYS A CD  1 
ATOM   414  C  CE  . LYS A 1 57  ? 13.222  16.784  -1.413  1.00 45.16 ? 708 LYS A CE  1 
ATOM   415  N  NZ  . LYS A 1 57  ? 12.273  17.100  -2.518  1.00 46.97 ? 708 LYS A NZ  1 
ATOM   416  N  N   . GLY A 1 58  ? 12.260  12.884  2.664   1.00 26.75 ? 709 GLY A N   1 
ATOM   417  C  CA  . GLY A 1 58  ? 12.494  11.518  2.174   1.00 27.15 ? 709 GLY A CA  1 
ATOM   418  C  C   . GLY A 1 58  ? 11.344  10.616  2.567   1.00 25.64 ? 709 GLY A C   1 
ATOM   419  O  O   . GLY A 1 58  ? 10.808  9.806   1.807   1.00 24.58 ? 709 GLY A O   1 
ATOM   420  N  N   . ILE A 1 59  ? 10.883  10.704  3.847   1.00 22.92 ? 710 ILE A N   1 
ATOM   421  C  CA  . ILE A 1 59  ? 9.757   9.930   4.290   1.00 22.65 ? 710 ILE A CA  1 
ATOM   422  C  C   . ILE A 1 59  ? 8.475   10.294  3.569   1.00 21.23 ? 710 ILE A C   1 
ATOM   423  O  O   . ILE A 1 59  ? 7.743   9.395   3.134   1.00 22.78 ? 710 ILE A O   1 
ATOM   424  C  CB  . ILE A 1 59  ? 9.480   10.129  5.826   1.00 22.97 ? 710 ILE A CB  1 
ATOM   425  C  CG1 . ILE A 1 59  ? 10.698  9.644   6.621   1.00 23.86 ? 710 ILE A CG1 1 
ATOM   426  C  CG2 . ILE A 1 59  ? 8.173   9.476   6.243   1.00 23.39 ? 710 ILE A CG2 1 
ATOM   427  C  CD1 . ILE A 1 59  ? 10.535  10.120  8.092   1.00 26.32 ? 710 ILE A CD1 1 
ATOM   428  N  N   . VAL A 1 60  ? 8.173   11.566  3.372   1.00 20.74 ? 711 VAL A N   1 
ATOM   429  C  CA  . VAL A 1 60  ? 6.942   11.986  2.725   1.00 20.68 ? 711 VAL A CA  1 
ATOM   430  C  C   . VAL A 1 60  ? 7.014   11.556  1.234   1.00 21.70 ? 711 VAL A C   1 
ATOM   431  O  O   . VAL A 1 60  ? 5.959   11.162  0.754   1.00 21.49 ? 711 VAL A O   1 
ATOM   432  C  CB  . VAL A 1 60  ? 6.818   13.524  2.860   1.00 23.63 ? 711 VAL A CB  1 
ATOM   433  C  CG1 . VAL A 1 60  ? 5.719   14.092  1.967   1.00 24.06 ? 711 VAL A CG1 1 
ATOM   434  C  CG2 . VAL A 1 60  ? 6.521   13.857  4.335   1.00 24.03 ? 711 VAL A CG2 1 
ATOM   435  N  N   . GLU A 1 61  ? 8.157   11.688  0.621   1.00 23.27 ? 712 GLU A N   1 
ATOM   436  C  CA  . GLU A 1 61  ? 8.255   11.327  -0.816  1.00 25.90 ? 712 GLU A CA  1 
ATOM   437  C  C   . GLU A 1 61  ? 8.024   9.841   -1.056  1.00 24.03 ? 712 GLU A C   1 
ATOM   438  O  O   . GLU A 1 61  ? 7.254   9.428   -1.928  1.00 23.02 ? 712 GLU A O   1 
ATOM   439  C  CB  . GLU A 1 61  ? 9.624   11.750  -1.360  1.00 30.72 ? 712 GLU A CB  1 
ATOM   440  C  CG  . GLU A 1 61  ? 9.540   13.070  -2.110  1.00 39.59 ? 712 GLU A CG  1 
ATOM   441  C  CD  . GLU A 1 61  ? 10.828  13.866  -2.116  1.00 43.51 ? 712 GLU A CD  1 
ATOM   442  O  OE1 . GLU A 1 61  ? 11.905  13.262  -1.909  1.00 47.11 ? 712 GLU A OE1 1 
ATOM   443  O  OE2 . GLU A 1 61  ? 10.771  15.107  -2.313  1.00 45.76 ? 712 GLU A OE2 1 
ATOM   444  N  N   . GLU A 1 62  ? 8.571   9.003   -0.160  1.00 23.80 ? 713 GLU A N   1 
ATOM   445  C  CA  . GLU A 1 62  ? 8.398   7.552   -0.300  1.00 21.42 ? 713 GLU A CA  1 
ATOM   446  C  C   . GLU A 1 62  ? 7.000   7.177   0.065   1.00 21.98 ? 713 GLU A C   1 
ATOM   447  O  O   . GLU A 1 62  ? 6.339   6.259   -0.518  1.00 19.96 ? 713 GLU A O   1 
ATOM   448  C  CB  . GLU A 1 62  ? 9.486   6.806   0.499   1.00 22.99 ? 713 GLU A CB  1 
ATOM   449  C  CG  . GLU A 1 62  ? 9.693   5.384   0.008   1.00 25.53 ? 713 GLU A CG  1 
ATOM   450  C  CD  . GLU A 1 62  ? 10.356  5.314   -1.368  1.00 27.50 ? 713 GLU A CD  1 
ATOM   451  O  OE1 . GLU A 1 62  ? 10.763  6.343   -1.933  1.00 29.49 ? 713 GLU A OE1 1 
ATOM   452  O  OE2 . GLU A 1 62  ? 10.457  4.183   -1.874  1.00 28.67 ? 713 GLU A OE2 1 
ATOM   453  N  N   . GLY A 1 63  ? 6.381   7.814   1.100   1.00 18.56 ? 714 GLY A N   1 
ATOM   454  C  CA  . GLY A 1 63  ? 4.991   7.572   1.420   1.00 18.56 ? 714 GLY A CA  1 
ATOM   455  C  C   . GLY A 1 63  ? 4.065   7.805   0.160   1.00 19.12 ? 714 GLY A C   1 
ATOM   456  O  O   . GLY A 1 63  ? 3.168   7.068   -0.053  1.00 20.33 ? 714 GLY A O   1 
ATOM   457  N  N   . HIS A 1 64  ? 4.327   8.938   -0.496  1.00 18.69 ? 715 HIS A N   1 
ATOM   458  C  CA  . HIS A 1 64  ? 3.518   9.280   -1.696  1.00 19.31 ? 715 HIS A CA  1 
ATOM   459  C  C   . HIS A 1 64  ? 3.724   8.226   -2.786  1.00 18.81 ? 715 HIS A C   1 
ATOM   460  O  O   . HIS A 1 64  ? 2.682   7.907   -3.426  1.00 21.46 ? 715 HIS A O   1 
ATOM   461  C  CB  . HIS A 1 64  ? 4.102   10.619  -2.170  1.00 22.40 ? 715 HIS A CB  1 
ATOM   462  C  CG  . HIS A 1 64  ? 3.347   11.163  -3.378  1.00 23.01 ? 715 HIS A CG  1 
ATOM   463  N  ND1 . HIS A 1 64  ? 2.057   11.579  -3.342  1.00 25.85 ? 715 HIS A ND1 1 
ATOM   464  C  CD2 . HIS A 1 64  ? 3.806   11.265  -4.663  1.00 26.76 ? 715 HIS A CD2 1 
ATOM   465  C  CE1 . HIS A 1 64  ? 1.691   11.989  -4.592  1.00 26.79 ? 715 HIS A CE1 1 
ATOM   466  N  NE2 . HIS A 1 64  ? 2.742   11.800  -5.339  1.00 26.78 ? 715 HIS A NE2 1 
ATOM   467  N  N   . LYS A 1 65  ? 4.923   7.761   -2.962  1.00 20.46 ? 716 LYS A N   1 
ATOM   468  C  CA  . LYS A 1 65  ? 5.162   6.719   -3.992  1.00 21.65 ? 716 LYS A CA  1 
ATOM   469  C  C   . LYS A 1 65  ? 4.383   5.451   -3.675  1.00 22.91 ? 716 LYS A C   1 
ATOM   470  O  O   . LYS A 1 65  ? 3.665   4.871   -4.506  1.00 21.43 ? 716 LYS A O   1 
ATOM   471  C  CB  A LYS A 1 65  ? 6.640   6.478   -4.102  0.50 23.30 ? 716 LYS A CB  1 
ATOM   472  C  CB  B LYS A 1 65  ? 6.632   6.422   -4.166  0.50 24.20 ? 716 LYS A CB  1 
ATOM   473  C  CG  A LYS A 1 65  ? 7.187   5.733   -5.317  0.50 26.35 ? 716 LYS A CG  1 
ATOM   474  C  CG  B LYS A 1 65  ? 6.779   5.260   -5.157  0.50 28.07 ? 716 LYS A CG  1 
ATOM   475  C  CD  A LYS A 1 65  ? 8.670   5.421   -5.126  0.50 28.26 ? 716 LYS A CD  1 
ATOM   476  C  CD  B LYS A 1 65  ? 8.219   4.904   -5.443  0.50 30.15 ? 716 LYS A CD  1 
ATOM   477  C  CE  A LYS A 1 65  ? 9.477   6.701   -4.991  0.50 29.41 ? 716 LYS A CE  1 
ATOM   478  C  CE  B LYS A 1 65  ? 8.296   4.710   -6.968  0.50 30.91 ? 716 LYS A CE  1 
ATOM   479  N  NZ  A LYS A 1 65  ? 10.917  6.448   -4.704  0.50 32.38 ? 716 LYS A NZ  1 
ATOM   480  N  NZ  B LYS A 1 65  ? 9.367   5.612   -7.475  0.50 34.19 ? 716 LYS A NZ  1 
ATOM   481  N  N   . ILE A 1 66  ? 4.451   5.030   -2.372  1.00 19.78 ? 717 ILE A N   1 
ATOM   482  C  CA  . ILE A 1 66  ? 3.671   3.829   -2.043  1.00 18.78 ? 717 ILE A CA  1 
ATOM   483  C  C   . ILE A 1 66  ? 2.226   4.038   -2.136  1.00 15.89 ? 717 ILE A C   1 
ATOM   484  O  O   . ILE A 1 66  ? 1.442   3.113   -2.498  1.00 18.26 ? 717 ILE A O   1 
ATOM   485  C  CB  . ILE A 1 66  ? 4.115   3.420   -0.566  1.00 19.04 ? 717 ILE A CB  1 
ATOM   486  C  CG1 . ILE A 1 66  ? 5.535   2.919   -0.596  1.00 21.27 ? 717 ILE A CG1 1 
ATOM   487  C  CG2 . ILE A 1 66  ? 3.174   2.349   -0.056  1.00 20.40 ? 717 ILE A CG2 1 
ATOM   488  C  CD1 . ILE A 1 66  ? 6.189   2.921   0.815   1.00 23.59 ? 717 ILE A CD1 1 
ATOM   489  N  N   . LYS A 1 67  ? 1.595   5.172   -1.761  1.00 16.70 ? 718 LYS A N   1 
ATOM   490  C  CA  . LYS A 1 67  ? 0.225   5.507   -1.811  1.00 17.13 ? 718 LYS A CA  1 
ATOM   491  C  C   . LYS A 1 67  ? -0.275  5.255   -3.311  1.00 18.64 ? 718 LYS A C   1 
ATOM   492  O  O   . LYS A 1 67  ? -1.296  4.639   -3.442  1.00 19.02 ? 718 LYS A O   1 
ATOM   493  C  CB  . LYS A 1 67  ? -0.031  6.965   -1.422  1.00 21.33 ? 718 LYS A CB  1 
ATOM   494  C  CG  . LYS A 1 67  ? -1.487  7.333   -1.527  1.00 24.57 ? 718 LYS A CG  1 
ATOM   495  C  CD  . LYS A 1 67  ? -1.760  8.820   -1.401  1.00 29.28 ? 718 LYS A CD  1 
ATOM   496  C  CE  . LYS A 1 67  ? -3.242  9.145   -1.615  1.00 31.78 ? 718 LYS A CE  1 
ATOM   497  N  NZ  . LYS A 1 67  ? -3.331  10.652  -1.688  1.00 34.19 ? 718 LYS A NZ  1 
ATOM   498  N  N   . GLY A 1 68  ? 0.547   5.855   -4.153  1.00 19.76 ? 719 GLY A N   1 
ATOM   499  C  CA  . GLY A 1 68  ? 0.100   5.692   -5.592  1.00 21.66 ? 719 GLY A CA  1 
ATOM   500  C  C   . GLY A 1 68  ? 0.168   4.240   -6.046  1.00 20.97 ? 719 GLY A C   1 
ATOM   501  O  O   . GLY A 1 68  ? -0.771  3.764   -6.754  1.00 22.57 ? 719 GLY A O   1 
ATOM   502  N  N   . ALA A 1 69  ? 1.259   3.581   -5.757  1.00 19.17 ? 720 ALA A N   1 
ATOM   503  C  CA  . ALA A 1 69  ? 1.515   2.178   -6.122  1.00 18.14 ? 720 ALA A CA  1 
ATOM   504  C  C   . ALA A 1 69  ? 0.426   1.300   -5.602  1.00 20.95 ? 720 ALA A C   1 
ATOM   505  O  O   . ALA A 1 69  ? -0.251  0.508   -6.257  1.00 20.11 ? 720 ALA A O   1 
ATOM   506  C  CB  . ALA A 1 69  ? 2.892   1.697   -5.738  1.00 19.03 ? 720 ALA A CB  1 
ATOM   507  N  N   . ALA A 1 70  ? 0.161   1.395   -4.242  1.00 17.88 ? 721 ALA A N   1 
ATOM   508  C  CA  . ALA A 1 70  ? -0.915  0.588   -3.719  1.00 17.05 ? 721 ALA A CA  1 
ATOM   509  C  C   . ALA A 1 70  ? -2.296  0.840   -4.201  1.00 19.03 ? 721 ALA A C   1 
ATOM   510  O  O   . ALA A 1 70  ? -3.130  -0.032  -4.405  1.00 19.94 ? 721 ALA A O   1 
ATOM   511  C  CB  . ALA A 1 70  ? -0.888  0.806   -2.143  1.00 18.22 ? 721 ALA A CB  1 
ATOM   512  N  N   . GLY A 1 71  ? -2.654  2.114   -4.467  1.00 20.44 ? 722 GLY A N   1 
ATOM   513  C  CA  . GLY A 1 71  ? -3.965  2.531   -4.940  1.00 22.46 ? 722 GLY A CA  1 
ATOM   514  C  C   . GLY A 1 71  ? -4.147  1.982   -6.392  1.00 20.30 ? 722 GLY A C   1 
ATOM   515  O  O   . GLY A 1 71  ? -5.296  1.632   -6.694  1.00 23.68 ? 722 GLY A O   1 
ATOM   516  N  N   . SER A 1 72  ? -3.079  1.813   -7.089  1.00 20.52 ? 723 SER A N   1 
ATOM   517  C  CA  . SER A 1 72  ? -3.194  1.347   -8.487  1.00 23.64 ? 723 SER A CA  1 
ATOM   518  C  C   . SER A 1 72  ? -3.715  -0.077  -8.571  1.00 25.63 ? 723 SER A C   1 
ATOM   519  O  O   . SER A 1 72  ? -4.259  -0.499  -9.598  1.00 24.56 ? 723 SER A O   1 
ATOM   520  C  CB  . SER A 1 72  ? -1.865  1.529   -9.184  1.00 23.81 ? 723 SER A CB  1 
ATOM   521  O  OG  . SER A 1 72  ? -0.953  0.478   -9.063  1.00 27.41 ? 723 SER A OG  1 
ATOM   522  N  N   . VAL A 1 73  ? -3.417  -0.895  -7.545  1.00 20.92 ? 724 VAL A N   1 
ATOM   523  C  CA  . VAL A 1 73  ? -3.854  -2.278  -7.494  1.00 20.94 ? 724 VAL A CA  1 
ATOM   524  C  C   . VAL A 1 73  ? -4.929  -2.550  -6.453  1.00 21.04 ? 724 VAL A C   1 
ATOM   525  O  O   . VAL A 1 73  ? -5.280  -3.732  -6.231  1.00 23.75 ? 724 VAL A O   1 
ATOM   526  C  CB  . VAL A 1 73  ? -2.658  -3.225  -7.332  1.00 23.80 ? 724 VAL A CB  1 
ATOM   527  C  CG1 . VAL A 1 73  ? -1.755  -3.186  -8.562  1.00 28.06 ? 724 VAL A CG1 1 
ATOM   528  C  CG2 . VAL A 1 73  ? -1.811  -2.939  -6.076  1.00 25.40 ? 724 VAL A CG2 1 
ATOM   529  N  N   . GLY A 1 74  ? -5.566  -1.556  -5.872  1.00 17.60 ? 725 GLY A N   1 
ATOM   530  C  CA  . GLY A 1 74  ? -6.722  -1.741  -4.994  1.00 17.22 ? 725 GLY A CA  1 
ATOM   531  C  C   . GLY A 1 74  ? -6.349  -2.091  -3.500  1.00 15.15 ? 725 GLY A C   1 
ATOM   532  O  O   . GLY A 1 74  ? -7.363  -2.559  -2.933  1.00 17.38 ? 725 GLY A O   1 
ATOM   533  N  N   . LEU A 1 75  ? -5.151  -1.760  -3.219  1.00 17.50 ? 726 LEU A N   1 
ATOM   534  C  CA  . LEU A 1 75  ? -4.804  -2.074  -1.723  1.00 17.14 ? 726 LEU A CA  1 
ATOM   535  C  C   . LEU A 1 75  ? -5.208  -0.803  -0.930  1.00 15.13 ? 726 LEU A C   1 
ATOM   536  O  O   . LEU A 1 75  ? -4.243  -0.062  -0.681  1.00 16.94 ? 726 LEU A O   1 
ATOM   537  C  CB  . LEU A 1 75  ? -3.353  -2.470  -1.667  1.00 16.51 ? 726 LEU A CB  1 
ATOM   538  C  CG  . LEU A 1 75  ? -3.002  -3.842  -2.367  1.00 18.89 ? 726 LEU A CG  1 
ATOM   539  C  CD1 . LEU A 1 75  ? -1.538  -4.026  -2.587  1.00 20.10 ? 726 LEU A CD1 1 
ATOM   540  C  CD2 . LEU A 1 75  ? -3.625  -4.959  -1.532  1.00 20.97 ? 726 LEU A CD2 1 
ATOM   541  N  N   . ARG A 1 76  ? -6.461  -0.695  -0.613  1.00 17.28 ? 727 ARG A N   1 
ATOM   542  C  CA  . ARG A 1 76  ? -7.029  0.512   -0.001  1.00 19.00 ? 727 ARG A CA  1 
ATOM   543  C  C   . ARG A 1 76  ? -6.393  0.814   1.393   1.00 18.97 ? 727 ARG A C   1 
ATOM   544  O  O   . ARG A 1 76  ? -6.047  1.949   1.620   1.00 19.34 ? 727 ARG A O   1 
ATOM   545  C  CB  . ARG A 1 76  ? -8.515  0.272   0.148   1.00 24.42 ? 727 ARG A CB  1 
ATOM   546  C  CG  . ARG A 1 76  ? -9.397  1.365   0.722   1.00 32.89 ? 727 ARG A CG  1 
ATOM   547  C  CD  . ARG A 1 76  ? -10.505 0.718   1.543   1.00 36.97 ? 727 ARG A CD  1 
ATOM   548  N  NE  . ARG A 1 76  ? -11.718 0.258   0.938   1.00 43.09 ? 727 ARG A NE  1 
ATOM   549  C  CZ  . ARG A 1 76  ? -12.725 0.847   0.293   1.00 45.04 ? 727 ARG A CZ  1 
ATOM   550  N  NH1 . ARG A 1 76  ? -12.772 2.145   -0.006  1.00 46.57 ? 727 ARG A NH1 1 
ATOM   551  N  NH2 . ARG A 1 76  ? -13.765 0.134   -0.151  1.00 46.70 ? 727 ARG A NH2 1 
ATOM   552  N  N   . HIS A 1 77  ? -6.156  -0.261  2.167   1.00 19.28 ? 728 HIS A N   1 
ATOM   553  C  CA  . HIS A 1 77  ? -5.574  0.108   3.511   1.00 20.87 ? 728 HIS A CA  1 
ATOM   554  C  C   . HIS A 1 77  ? -4.155  0.502   3.432   1.00 19.42 ? 728 HIS A C   1 
ATOM   555  O  O   . HIS A 1 77  ? -3.653  1.436   4.151   1.00 18.42 ? 728 HIS A O   1 
ATOM   556  C  CB  . HIS A 1 77  ? -5.760  -1.160  4.376   1.00 18.97 ? 728 HIS A CB  1 
ATOM   557  C  CG  . HIS A 1 77  ? -5.071  -1.014  5.735   1.00 21.45 ? 728 HIS A CG  1 
ATOM   558  N  ND1 . HIS A 1 77  ? -5.494  -0.018  6.589   1.00 23.48 ? 728 HIS A ND1 1 
ATOM   559  C  CD2 . HIS A 1 77  ? -4.037  -1.667  6.236   1.00 22.83 ? 728 HIS A CD2 1 
ATOM   560  C  CE1 . HIS A 1 77  ? -4.711  -0.101  7.686   1.00 21.60 ? 728 HIS A CE1 1 
ATOM   561  N  NE2 . HIS A 1 77  ? -3.851  -1.042  7.459   1.00 17.69 ? 728 HIS A NE2 1 
ATOM   562  N  N   . LEU A 1 78  ? -3.306  -0.046  2.559   1.00 16.63 ? 729 LEU A N   1 
ATOM   563  C  CA  . LEU A 1 78  ? -1.955  0.335   2.340   1.00 17.19 ? 729 LEU A CA  1 
ATOM   564  C  C   . LEU A 1 78  ? -1.923  1.770   1.744   1.00 17.67 ? 729 LEU A C   1 
ATOM   565  O  O   . LEU A 1 78  ? -1.064  2.559   2.046   1.00 18.05 ? 729 LEU A O   1 
ATOM   566  C  CB  . LEU A 1 78  ? -1.080  -0.569  1.474   1.00 18.50 ? 729 LEU A CB  1 
ATOM   567  C  CG  . LEU A 1 78  ? -0.938  -2.030  1.982   1.00 18.89 ? 729 LEU A CG  1 
ATOM   568  C  CD1 . LEU A 1 78  ? 0.008   -2.834  1.118   1.00 20.68 ? 729 LEU A CD1 1 
ATOM   569  C  CD2 . LEU A 1 78  ? -0.284  -1.955  3.397   1.00 22.20 ? 729 LEU A CD2 1 
ATOM   570  N  N   . GLN A 1 79  ? -2.929  2.020   0.883   1.00 16.94 ? 730 GLN A N   1 
ATOM   571  C  CA  . GLN A 1 79  ? -3.000  3.400   0.338   1.00 19.31 ? 730 GLN A CA  1 
ATOM   572  C  C   . GLN A 1 79  ? -3.273  4.464   1.420   1.00 18.85 ? 730 GLN A C   1 
ATOM   573  O  O   . GLN A 1 79  ? -2.580  5.482   1.420   1.00 18.93 ? 730 GLN A O   1 
ATOM   574  C  CB  . GLN A 1 79  ? -4.149  3.416   -0.697  1.00 19.83 ? 730 GLN A CB  1 
ATOM   575  C  CG  . GLN A 1 79  ? -4.179  4.749   -1.468  1.00 25.62 ? 730 GLN A CG  1 
ATOM   576  C  CD  . GLN A 1 79  ? -5.424  4.823   -2.325  1.00 30.64 ? 730 GLN A CD  1 
ATOM   577  O  OE1 . GLN A 1 79  ? -5.391  5.555   -3.326  1.00 36.09 ? 730 GLN A OE1 1 
ATOM   578  N  NE2 . GLN A 1 79  ? -6.492  4.151   -2.034  1.00 31.89 ? 730 GLN A NE2 1 
ATOM   579  N  N   . GLN A 1 80  ? -4.126  4.071   2.348   1.00 20.59 ? 731 GLN A N   1 
ATOM   580  C  CA  . GLN A 1 80  ? -4.453  4.994   3.462   1.00 21.46 ? 731 GLN A CA  1 
ATOM   581  C  C   . GLN A 1 80  ? -3.262  5.158   4.397   1.00 21.76 ? 731 GLN A C   1 
ATOM   582  O  O   . GLN A 1 80  ? -2.946  6.302   4.818   1.00 19.14 ? 731 GLN A O   1 
ATOM   583  C  CB  . GLN A 1 80  ? -5.688  4.534   4.207   1.00 25.69 ? 731 GLN A CB  1 
ATOM   584  C  CG  . GLN A 1 80  ? -6.105  5.504   5.318   1.00 32.82 ? 731 GLN A CG  1 
ATOM   585  C  CD  . GLN A 1 80  ? -6.236  6.948   4.894   1.00 37.86 ? 731 GLN A CD  1 
ATOM   586  O  OE1 . GLN A 1 80  ? -6.614  7.249   3.736   1.00 41.47 ? 731 GLN A OE1 1 
ATOM   587  N  NE2 . GLN A 1 80  ? -5.922  7.896   5.793   1.00 38.69 ? 731 GLN A NE2 1 
ATOM   588  N  N   . LEU A 1 81  ? -2.497  4.073   4.626   1.00 18.75 ? 732 LEU A N   1 
ATOM   589  C  CA  . LEU A 1 81  ? -1.253  4.283   5.417   1.00 18.06 ? 732 LEU A CA  1 
ATOM   590  C  C   . LEU A 1 81  ? -0.257  5.203   4.783   1.00 18.68 ? 732 LEU A C   1 
ATOM   591  O  O   . LEU A 1 81  ? 0.498   6.025   5.261   1.00 19.04 ? 732 LEU A O   1 
ATOM   592  C  CB  . LEU A 1 81  ? -0.514  2.942   5.685   1.00 20.66 ? 732 LEU A CB  1 
ATOM   593  C  CG  . LEU A 1 81  ? -1.094  2.097   6.798   1.00 24.18 ? 732 LEU A CG  1 
ATOM   594  C  CD1 . LEU A 1 81  ? -0.292  0.807   6.835   1.00 21.85 ? 732 LEU A CD1 1 
ATOM   595  C  CD2 . LEU A 1 81  ? -0.969  2.921   8.075   1.00 23.19 ? 732 LEU A CD2 1 
ATOM   596  N  N   . GLY A 1 82  ? -0.148  5.065   3.389   1.00 17.43 ? 733 GLY A N   1 
ATOM   597  C  CA  . GLY A 1 82  ? 0.807   5.911   2.676   1.00 17.95 ? 733 GLY A CA  1 
ATOM   598  C  C   . GLY A 1 82  ? 0.225   7.347   2.676   1.00 16.04 ? 733 GLY A C   1 
ATOM   599  O  O   . GLY A 1 82  ? 1.121   8.194   2.774   1.00 19.01 ? 733 GLY A O   1 
ATOM   600  N  N   . GLN A 1 83  ? -1.039  7.535   2.649   1.00 17.37 ? 734 GLN A N   1 
ATOM   601  C  CA  . GLN A 1 83  ? -1.608  8.891   2.748   1.00 19.55 ? 734 GLN A CA  1 
ATOM   602  C  C   . GLN A 1 83  ? -1.221  9.517   4.102   1.00 20.29 ? 734 GLN A C   1 
ATOM   603  O  O   . GLN A 1 83  ? -0.736  10.654  4.128   1.00 19.89 ? 734 GLN A O   1 
ATOM   604  C  CB  . GLN A 1 83  ? -3.108  8.841   2.560   1.00 23.06 ? 734 GLN A CB  1 
ATOM   605  C  CG  . GLN A 1 83  ? -3.802  10.149  2.912   1.00 24.71 ? 734 GLN A CG  1 
ATOM   606  C  CD  . GLN A 1 83  ? -3.471  11.245  1.933   1.00 29.50 ? 734 GLN A CD  1 
ATOM   607  O  OE1 . GLN A 1 83  ? -2.913  11.010  0.867   1.00 33.62 ? 734 GLN A OE1 1 
ATOM   608  N  NE2 . GLN A 1 83  ? -3.790  12.502  2.281   1.00 31.32 ? 734 GLN A NE2 1 
ATOM   609  N  N   . GLN A 1 84  ? -1.375  8.700   5.174   1.00 19.15 ? 735 GLN A N   1 
ATOM   610  C  CA  . GLN A 1 84  ? -0.969  9.282   6.488   1.00 20.54 ? 735 GLN A CA  1 
ATOM   611  C  C   . GLN A 1 84  ? 0.496   9.580   6.534   1.00 18.08 ? 735 GLN A C   1 
ATOM   612  O  O   . GLN A 1 84  ? 0.905   10.681  6.987   1.00 17.97 ? 735 GLN A O   1 
ATOM   613  C  CB  . GLN A 1 84  ? -1.326  8.256   7.596   1.00 18.36 ? 735 GLN A CB  1 
ATOM   614  C  CG  . GLN A 1 84  ? -2.808  8.099   7.789   1.00 22.52 ? 735 GLN A CG  1 
ATOM   615  C  CD  . GLN A 1 84  ? -3.225  6.834   8.525   1.00 25.37 ? 735 GLN A CD  1 
ATOM   616  O  OE1 . GLN A 1 84  ? -4.406  6.522   8.564   1.00 31.96 ? 735 GLN A OE1 1 
ATOM   617  N  NE2 . GLN A 1 84  ? -2.336  6.003   9.027   1.00 31.08 ? 735 GLN A NE2 1 
ATOM   618  N  N   . ILE A 1 85  ? 1.420   8.739   6.070   1.00 16.87 ? 736 ILE A N   1 
ATOM   619  C  CA  . ILE A 1 85  ? 2.834   8.924   6.033   1.00 17.43 ? 736 ILE A CA  1 
ATOM   620  C  C   . ILE A 1 85  ? 3.254   10.178  5.262   1.00 18.10 ? 736 ILE A C   1 
ATOM   621  O  O   . ILE A 1 85  ? 4.152   10.914  5.615   1.00 19.50 ? 736 ILE A O   1 
ATOM   622  C  CB  . ILE A 1 85  ? 3.586   7.677   5.492   1.00 17.29 ? 736 ILE A CB  1 
ATOM   623  C  CG1 . ILE A 1 85  ? 3.371   6.546   6.552   1.00 18.90 ? 736 ILE A CG1 1 
ATOM   624  C  CG2 . ILE A 1 85  ? 5.043   7.897   5.292   1.00 19.68 ? 736 ILE A CG2 1 
ATOM   625  C  CD1 . ILE A 1 85  ? 3.710   5.143   6.085   1.00 19.67 ? 736 ILE A CD1 1 
ATOM   626  N  N   . GLN A 1 86  ? 2.497   10.447  4.146   1.00 18.84 ? 737 GLN A N   1 
ATOM   627  C  CA  . GLN A 1 86  ? 2.893   11.665  3.421   1.00 21.13 ? 737 GLN A CA  1 
ATOM   628  C  C   . GLN A 1 86  ? 2.168   12.865  3.927   1.00 22.58 ? 737 GLN A C   1 
ATOM   629  O  O   . GLN A 1 86  ? 2.237   13.929  3.232   1.00 25.47 ? 737 GLN A O   1 
ATOM   630  C  CB  . GLN A 1 86  ? 2.619   11.433  1.884   1.00 20.93 ? 737 GLN A CB  1 
ATOM   631  C  CG  . GLN A 1 86  ? 1.182   11.411  1.536   1.00 21.96 ? 737 GLN A CG  1 
ATOM   632  C  CD  . GLN A 1 86  ? 0.761   11.780  0.099   1.00 28.51 ? 737 GLN A CD  1 
ATOM   633  O  OE1 . GLN A 1 86  ? 1.458   11.424  -0.821  1.00 30.47 ? 737 GLN A OE1 1 
ATOM   634  N  NE2 . GLN A 1 86  ? -0.358  12.439  -0.052  1.00 32.43 ? 737 GLN A NE2 1 
ATOM   635  N  N   . SER A 1 87  ? 1.571   12.919  5.131   1.00 20.01 ? 738 SER A N   1 
ATOM   636  C  CA  . SER A 1 87  ? 0.794   14.061  5.587   1.00 19.34 ? 738 SER A CA  1 
ATOM   637  C  C   . SER A 1 87  ? 1.366   14.680  6.889   1.00 19.90 ? 738 SER A C   1 
ATOM   638  O  O   . SER A 1 87  ? 0.674   14.513  7.902   1.00 21.04 ? 738 SER A O   1 
ATOM   639  C  CB  . SER A 1 87  ? -0.654  13.691  5.779   1.00 22.76 ? 738 SER A CB  1 
ATOM   640  O  OG  . SER A 1 87  ? -1.298  13.332  4.586   1.00 26.89 ? 738 SER A OG  1 
ATOM   641  N  N   . PRO A 1 88  ? 2.454   15.381  6.811   1.00 20.98 ? 739 PRO A N   1 
ATOM   642  C  CA  . PRO A 1 88  ? 3.109   15.966  8.004   1.00 21.73 ? 739 PRO A CA  1 
ATOM   643  C  C   . PRO A 1 88  ? 2.280   17.093  8.565   1.00 23.51 ? 739 PRO A C   1 
ATOM   644  O  O   . PRO A 1 88  ? 2.583   17.530  9.699   1.00 24.07 ? 739 PRO A O   1 
ATOM   645  C  CB  . PRO A 1 88  ? 4.496   16.372  7.590   1.00 23.28 ? 739 PRO A CB  1 
ATOM   646  C  CG  . PRO A 1 88  ? 4.389   16.572  6.100   1.00 25.75 ? 739 PRO A CG  1 
ATOM   647  C  CD  . PRO A 1 88  ? 3.343   15.608  5.639   1.00 23.56 ? 739 PRO A CD  1 
ATOM   648  N  N   . ASP A 1 89  ? 1.193   17.532  7.956   1.00 22.50 ? 740 ASP A N   1 
ATOM   649  C  CA  . ASP A 1 89  ? 0.259   18.495  8.473   1.00 24.56 ? 740 ASP A CA  1 
ATOM   650  C  C   . ASP A 1 89  ? -0.590  17.928  9.610   1.00 24.11 ? 740 ASP A C   1 
ATOM   651  O  O   . ASP A 1 89  ? -1.256  18.663  10.342  1.00 27.83 ? 740 ASP A O   1 
ATOM   652  C  CB  . ASP A 1 89  ? -0.683  18.991  7.355   1.00 24.11 ? 740 ASP A CB  1 
ATOM   653  C  CG  . ASP A 1 89  ? -1.374  17.853  6.591   1.00 24.45 ? 740 ASP A CG  1 
ATOM   654  O  OD1 . ASP A 1 89  ? -0.671  17.149  5.854   1.00 24.72 ? 740 ASP A OD1 1 
ATOM   655  O  OD2 . ASP A 1 89  ? -2.588  17.689  6.673   1.00 28.70 ? 740 ASP A OD2 1 
ATOM   656  N  N   . LEU A 1 90  ? -0.656  16.605  9.759   1.00 22.65 ? 741 LEU A N   1 
ATOM   657  C  CA  . LEU A 1 90  ? -1.501  15.981  10.765  1.00 23.53 ? 741 LEU A CA  1 
ATOM   658  C  C   . LEU A 1 90  ? -0.847  16.187  12.142  1.00 22.61 ? 741 LEU A C   1 
ATOM   659  O  O   . LEU A 1 90  ? 0.336   16.066  12.262  1.00 23.17 ? 741 LEU A O   1 
ATOM   660  C  CB  . LEU A 1 90  ? -1.526  14.453  10.462  1.00 24.15 ? 741 LEU A CB  1 
ATOM   661  C  CG  . LEU A 1 90  ? -2.342  14.022  9.236   1.00 26.69 ? 741 LEU A CG  1 
ATOM   662  C  CD1 . LEU A 1 90  ? -2.165  12.509  9.008   1.00 25.69 ? 741 LEU A CD1 1 
ATOM   663  C  CD2 . LEU A 1 90  ? -3.796  14.357  9.311   1.00 26.03 ? 741 LEU A CD2 1 
ATOM   664  N  N   . PRO A 1 91  ? -1.688  16.565  13.086  1.00 25.16 ? 742 PRO A N   1 
ATOM   665  C  CA  . PRO A 1 91  ? -1.148  16.744  14.465  1.00 26.78 ? 742 PRO A CA  1 
ATOM   666  C  C   . PRO A 1 91  ? -0.407  15.525  14.997  1.00 25.55 ? 742 PRO A C   1 
ATOM   667  O  O   . PRO A 1 91  ? 0.579   15.649  15.750  1.00 28.16 ? 742 PRO A O   1 
ATOM   668  C  CB  . PRO A 1 91  ? -2.419  16.947  15.273  1.00 28.13 ? 742 PRO A CB  1 
ATOM   669  C  CG  . PRO A 1 91  ? -3.478  17.410  14.350  1.00 29.81 ? 742 PRO A CG  1 
ATOM   670  C  CD  . PRO A 1 91  ? -3.120  16.803  12.995  1.00 26.53 ? 742 PRO A CD  1 
ATOM   671  N  N   . ALA A 1 92  ? -0.875  14.318  14.684  1.00 25.08 ? 743 ALA A N   1 
ATOM   672  C  CA  . ALA A 1 92  ? -0.237  13.087  15.178  1.00 22.88 ? 743 ALA A CA  1 
ATOM   673  C  C   . ALA A 1 92  ? 0.943   12.602  14.382  1.00 22.41 ? 743 ALA A C   1 
ATOM   674  O  O   . ALA A 1 92  ? 1.599   11.601  14.614  1.00 21.35 ? 743 ALA A O   1 
ATOM   675  C  CB  . ALA A 1 92  ? -1.297  11.997  15.204  1.00 25.28 ? 743 ALA A CB  1 
ATOM   676  N  N   . TRP A 1 93  ? 1.338   13.282  13.245  1.00 18.77 ? 744 TRP A N   1 
ATOM   677  C  CA  . TRP A 1 93  ? 2.391   12.777  12.400  1.00 18.70 ? 744 TRP A CA  1 
ATOM   678  C  C   . TRP A 1 93  ? 3.716   12.458  13.040  1.00 18.91 ? 744 TRP A C   1 
ATOM   679  O  O   . TRP A 1 93  ? 4.307   11.409  12.938  1.00 18.82 ? 744 TRP A O   1 
ATOM   680  C  CB  . TRP A 1 93  ? 2.609   13.729  11.151  1.00 19.67 ? 744 TRP A CB  1 
ATOM   681  C  CG  . TRP A 1 93  ? 3.514   13.169  10.092  1.00 18.89 ? 744 TRP A CG  1 
ATOM   682  C  CD1 . TRP A 1 93  ? 3.057   12.415  8.992   1.00 19.98 ? 744 TRP A CD1 1 
ATOM   683  C  CD2 . TRP A 1 93  ? 4.906   13.247  9.952   1.00 19.09 ? 744 TRP A CD2 1 
ATOM   684  N  NE1 . TRP A 1 93  ? 4.153   12.112  8.239   1.00 20.11 ? 744 TRP A NE1 1 
ATOM   685  C  CE2 . TRP A 1 93  ? 5.321   12.564  8.744   1.00 20.24 ? 744 TRP A CE2 1 
ATOM   686  C  CE3 . TRP A 1 93  ? 5.946   13.847  10.690  1.00 21.73 ? 744 TRP A CE3 1 
ATOM   687  C  CZ2 . TRP A 1 93  ? 6.640   12.500  8.371   1.00 20.70 ? 744 TRP A CZ2 1 
ATOM   688  C  CZ3 . TRP A 1 93  ? 7.254   13.758  10.283  1.00 21.59 ? 744 TRP A CZ3 1 
ATOM   689  C  CH2 . TRP A 1 93  ? 7.639   13.064  9.121   1.00 23.37 ? 744 TRP A CH2 1 
ATOM   690  N  N   . GLU A 1 94  ? 4.263   13.426  13.846  1.00 18.95 ? 745 GLU A N   1 
ATOM   691  C  CA  . GLU A 1 94  ? 5.549   13.165  14.467  1.00 23.15 ? 745 GLU A CA  1 
ATOM   692  C  C   . GLU A 1 94  ? 5.440   11.986  15.489  1.00 19.17 ? 745 GLU A C   1 
ATOM   693  O  O   . GLU A 1 94  ? 6.421   11.237  15.505  1.00 22.44 ? 745 GLU A O   1 
ATOM   694  C  CB  . GLU A 1 94  ? 5.957   14.447  15.242  1.00 26.96 ? 745 GLU A CB  1 
ATOM   695  C  CG  . GLU A 1 94  ? 6.522   15.531  14.338  1.00 33.20 ? 745 GLU A CG  1 
ATOM   696  C  CD  . GLU A 1 94  ? 7.946   15.343  13.880  1.00 37.67 ? 745 GLU A CD  1 
ATOM   697  O  OE1 . GLU A 1 94  ? 8.714   14.527  14.433  1.00 41.68 ? 745 GLU A OE1 1 
ATOM   698  O  OE2 . GLU A 1 94  ? 8.392   16.032  12.921  1.00 39.80 ? 745 GLU A OE2 1 
ATOM   699  N  N   . ASP A 1 95  ? 4.308   11.932  16.137  1.00 21.02 ? 746 ASP A N   1 
ATOM   700  C  CA  . ASP A 1 95  ? 4.184   10.843  17.145  1.00 21.67 ? 746 ASP A CA  1 
ATOM   701  C  C   . ASP A 1 95  ? 4.037   9.460   16.502  1.00 21.89 ? 746 ASP A C   1 
ATOM   702  O  O   . ASP A 1 95  ? 4.393   8.446   17.068  1.00 22.54 ? 746 ASP A O   1 
ATOM   703  C  CB  . ASP A 1 95  ? 2.937   11.000  17.973  1.00 22.05 ? 746 ASP A CB  1 
ATOM   704  C  CG  . ASP A 1 95  ? 3.065   12.102  19.116  1.00 19.94 ? 746 ASP A CG  1 
ATOM   705  O  OD1 . ASP A 1 95  ? 4.210   12.441  19.282  1.00 27.35 ? 746 ASP A OD1 1 
ATOM   706  O  OD2 . ASP A 1 95  ? 1.896   12.391  19.366  1.00 24.68 ? 746 ASP A OD2 1 
ATOM   707  N  N   . ASN A 1 96  ? 3.357   9.433   15.323  1.00 20.45 ? 747 ASN A N   1 
ATOM   708  C  CA  . ASN A 1 96  ? 2.917   8.147   14.802  1.00 21.63 ? 747 ASN A CA  1 
ATOM   709  C  C   . ASN A 1 96  ? 3.577   7.734   13.482  1.00 19.12 ? 747 ASN A C   1 
ATOM   710  O  O   . ASN A 1 96  ? 3.408   6.530   13.208  1.00 19.90 ? 747 ASN A O   1 
ATOM   711  C  CB  . ASN A 1 96  ? 1.405   8.329   14.552  1.00 24.20 ? 747 ASN A CB  1 
ATOM   712  C  CG  . ASN A 1 96  ? 0.577   8.245   15.838  1.00 30.36 ? 747 ASN A CG  1 
ATOM   713  O  OD1 . ASN A 1 96  ? 1.213   7.860   16.825  1.00 31.25 ? 747 ASN A OD1 1 
ATOM   714  N  ND2 . ASN A 1 96  ? -0.698  8.532   15.760  1.00 30.35 ? 747 ASN A ND2 1 
ATOM   715  N  N   . VAL A 1 97  ? 4.381   8.589   12.889  1.00 18.95 ? 748 VAL A N   1 
ATOM   716  C  CA  . VAL A 1 97  ? 4.907   8.091   11.561  1.00 18.72 ? 748 VAL A CA  1 
ATOM   717  C  C   . VAL A 1 97  ? 5.743   6.872   11.657  1.00 20.21 ? 748 VAL A C   1 
ATOM   718  O  O   . VAL A 1 97  ? 5.709   5.945   10.816  1.00 21.59 ? 748 VAL A O   1 
ATOM   719  C  CB  . VAL A 1 97  ? 5.561   9.289   10.863  1.00 20.04 ? 748 VAL A CB  1 
ATOM   720  C  CG1 . VAL A 1 97  ? 6.898   9.676   11.469  1.00 21.12 ? 748 VAL A CG1 1 
ATOM   721  C  CG2 . VAL A 1 97  ? 5.699   8.874   9.382   1.00 23.82 ? 748 VAL A CG2 1 
ATOM   722  N  N   . GLY A 1 98  ? 6.576   6.692   12.728  1.00 19.29 ? 749 GLY A N   1 
ATOM   723  C  CA  . GLY A 1 98  ? 7.375   5.454   12.840  1.00 20.44 ? 749 GLY A CA  1 
ATOM   724  C  C   . GLY A 1 98  ? 6.403   4.268   13.075  1.00 18.60 ? 749 GLY A C   1 
ATOM   725  O  O   . GLY A 1 98  ? 6.801   3.184   12.584  1.00 21.04 ? 749 GLY A O   1 
ATOM   726  N  N   . GLU A 1 99  ? 5.309   4.371   13.761  1.00 19.28 ? 750 GLU A N   1 
ATOM   727  C  CA  . GLU A 1 99  ? 4.349   3.306   13.987  1.00 20.97 ? 750 GLU A CA  1 
ATOM   728  C  C   . GLU A 1 99  ? 3.689   2.945   12.613  1.00 19.37 ? 750 GLU A C   1 
ATOM   729  O  O   . GLU A 1 99  ? 3.597   1.751   12.321  1.00 19.05 ? 750 GLU A O   1 
ATOM   730  C  CB  . GLU A 1 99  ? 3.252   3.593   14.986  1.00 25.29 ? 750 GLU A CB  1 
ATOM   731  C  CG  . GLU A 1 99  ? 2.420   2.355   15.333  1.00 35.08 ? 750 GLU A CG  1 
ATOM   732  C  CD  . GLU A 1 99  ? 2.217   2.107   16.813  1.00 40.84 ? 750 GLU A CD  1 
ATOM   733  O  OE1 . GLU A 1 99  ? 2.926   2.714   17.662  1.00 44.98 ? 750 GLU A OE1 1 
ATOM   734  O  OE2 . GLU A 1 99  ? 1.314   1.342   17.246  1.00 43.62 ? 750 GLU A OE2 1 
ATOM   735  N  N   . TRP A 1 100 ? 3.344   4.000   11.858  1.00 18.79 ? 751 TRP A N   1 
ATOM   736  C  CA  . TRP A 1 100 ? 2.711   3.620   10.545  1.00 17.05 ? 751 TRP A CA  1 
ATOM   737  C  C   . TRP A 1 100 ? 3.715   2.978   9.664   1.00 16.57 ? 751 TRP A C   1 
ATOM   738  O  O   . TRP A 1 100 ? 3.261   2.035   8.923   1.00 17.46 ? 751 TRP A O   1 
ATOM   739  C  CB  . TRP A 1 100 ? 2.256   4.958   9.937   1.00 16.98 ? 751 TRP A CB  1 
ATOM   740  C  CG  . TRP A 1 100 ? 1.120   5.617   10.638  1.00 19.04 ? 751 TRP A CG  1 
ATOM   741  C  CD1 . TRP A 1 100 ? 0.141   5.093   11.403  1.00 20.68 ? 751 TRP A CD1 1 
ATOM   742  C  CD2 . TRP A 1 100 ? 0.896   7.045   10.665  1.00 18.67 ? 751 TRP A CD2 1 
ATOM   743  N  NE1 . TRP A 1 100 ? -0.721  6.057   11.860  1.00 22.09 ? 751 TRP A NE1 1 
ATOM   744  C  CE2 . TRP A 1 100 ? -0.247  7.275   11.418  1.00 19.49 ? 751 TRP A CE2 1 
ATOM   745  C  CE3 . TRP A 1 100 ? 1.574   8.100   10.038  1.00 19.87 ? 751 TRP A CE3 1 
ATOM   746  C  CZ2 . TRP A 1 100 ? -0.793  8.550   11.629  1.00 22.52 ? 751 TRP A CZ2 1 
ATOM   747  C  CZ3 . TRP A 1 100 ? 1.049   9.379   10.290  1.00 19.30 ? 751 TRP A CZ3 1 
ATOM   748  C  CH2 . TRP A 1 100 ? -0.092  9.578   11.044  1.00 20.12 ? 751 TRP A CH2 1 
ATOM   749  N  N   . ILE A 1 101 ? 4.969   3.296   9.639   1.00 15.12 ? 752 ILE A N   1 
ATOM   750  C  CA  . ILE A 1 101 ? 6.012   2.657   8.863   1.00 15.56 ? 752 ILE A CA  1 
ATOM   751  C  C   . ILE A 1 101 ? 6.100   1.205   9.279   1.00 18.59 ? 752 ILE A C   1 
ATOM   752  O  O   . ILE A 1 101 ? 6.160   0.257   8.534   1.00 18.20 ? 752 ILE A O   1 
ATOM   753  C  CB  . ILE A 1 101 ? 7.325   3.405   8.869   1.00 18.54 ? 752 ILE A CB  1 
ATOM   754  C  CG1 . ILE A 1 101 ? 7.103   4.778   8.140   1.00 19.86 ? 752 ILE A CG1 1 
ATOM   755  C  CG2 . ILE A 1 101 ? 8.457   2.541   8.358   1.00 19.20 ? 752 ILE A CG2 1 
ATOM   756  C  CD1 . ILE A 1 101 ? 8.357   5.656   8.273   1.00 21.30 ? 752 ILE A CD1 1 
ATOM   757  N  N   . GLU A 1 102 ? 6.273   0.962   10.645  1.00 16.61 ? 753 GLU A N   1 
ATOM   758  C  CA  . GLU A 1 102 ? 6.336   -0.429  11.081  1.00 17.91 ? 753 GLU A CA  1 
ATOM   759  C  C   . GLU A 1 102 ? 5.093   -1.219  10.765  1.00 18.49 ? 753 GLU A C   1 
ATOM   760  O  O   . GLU A 1 102 ? 5.206   -2.416  10.434  1.00 19.90 ? 753 GLU A O   1 
ATOM   761  C  CB  . GLU A 1 102 ? 6.486   -0.351  12.644  1.00 19.60 ? 753 GLU A CB  1 
ATOM   762  C  CG  . GLU A 1 102 ? 6.651   -1.755  13.210  1.00 23.47 ? 753 GLU A CG  1 
ATOM   763  C  CD  . GLU A 1 102 ? 7.874   -2.535  12.822  1.00 25.26 ? 753 GLU A CD  1 
ATOM   764  O  OE1 . GLU A 1 102 ? 8.948   -2.046  12.396  1.00 28.20 ? 753 GLU A OE1 1 
ATOM   765  O  OE2 . GLU A 1 102 ? 7.738   -3.776  12.939  1.00 26.80 ? 753 GLU A OE2 1 
ATOM   766  N  N   . GLU A 1 103 ? 3.894   -0.712  10.874  1.00 17.81 ? 754 GLU A N   1 
ATOM   767  C  CA  . GLU A 1 103 ? 2.640   -1.321  10.545  1.00 18.02 ? 754 GLU A CA  1 
ATOM   768  C  C   . GLU A 1 103 ? 2.670   -1.765  9.039   1.00 19.67 ? 754 GLU A C   1 
ATOM   769  O  O   . GLU A 1 103 ? 2.390   -2.910  8.740   1.00 19.29 ? 754 GLU A O   1 
ATOM   770  C  CB  . GLU A 1 103 ? 1.506   -0.366  10.752  1.00 19.88 ? 754 GLU A CB  1 
ATOM   771  C  CG  . GLU A 1 103 ? 0.181   -1.015  10.481  1.00 19.33 ? 754 GLU A CG  1 
ATOM   772  C  CD  . GLU A 1 103 ? -0.948  -0.059  10.615  1.00 20.37 ? 754 GLU A CD  1 
ATOM   773  O  OE1 . GLU A 1 103 ? -0.870  1.034   11.304  1.00 22.63 ? 754 GLU A OE1 1 
ATOM   774  O  OE2 . GLU A 1 103 ? -2.057  -0.296  10.080  1.00 19.93 ? 754 GLU A OE2 1 
ATOM   775  N  N   . MET A 1 104 ? 3.100   -0.782  8.251   1.00 17.12 ? 755 MET A N   1 
ATOM   776  C  CA  . MET A 1 104 ? 3.258   -1.143  6.795   1.00 19.24 ? 755 MET A CA  1 
ATOM   777  C  C   . MET A 1 104 ? 4.220   -2.269  6.580   1.00 20.11 ? 755 MET A C   1 
ATOM   778  O  O   . MET A 1 104 ? 3.939   -3.223  5.821   1.00 19.42 ? 755 MET A O   1 
ATOM   779  C  CB  A MET A 1 104 ? 3.831   0.087   6.039   0.50 20.79 ? 755 MET A CB  1 
ATOM   780  C  CB  B MET A 1 104 ? 3.575   0.141   6.029   0.50 18.43 ? 755 MET A CB  1 
ATOM   781  C  CG  A MET A 1 104 ? 4.093   -0.317  4.573   0.50 22.36 ? 755 MET A CG  1 
ATOM   782  C  CG  B MET A 1 104 ? 3.909   -0.253  4.576   0.50 17.83 ? 755 MET A CG  1 
ATOM   783  S  SD  A MET A 1 104 ? 2.802   0.397   3.504   0.50 25.00 ? 755 MET A SD  1 
ATOM   784  S  SD  B MET A 1 104 ? 4.182   1.274   3.658   0.50 16.40 ? 755 MET A SD  1 
ATOM   785  C  CE  A MET A 1 104 ? 3.303   2.112   3.741   0.50 19.26 ? 755 MET A CE  1 
ATOM   786  C  CE  B MET A 1 104 ? 2.473   1.880   3.635   0.50 14.82 ? 755 MET A CE  1 
ATOM   787  N  N   . LYS A 1 105 ? 5.408   -2.262  7.197   1.00 18.91 ? 756 LYS A N   1 
ATOM   788  C  CA  . LYS A 1 105 ? 6.450   -3.239  7.040   1.00 19.54 ? 756 LYS A CA  1 
ATOM   789  C  C   . LYS A 1 105 ? 5.907   -4.620  7.412   1.00 19.52 ? 756 LYS A C   1 
ATOM   790  O  O   . LYS A 1 105 ? 6.171   -5.646  6.759   1.00 20.61 ? 756 LYS A O   1 
ATOM   791  C  CB  . LYS A 1 105 ? 7.645   -2.853  7.915   1.00 21.61 ? 756 LYS A CB  1 
ATOM   792  C  CG  . LYS A 1 105 ? 8.729   -3.941  7.960   1.00 25.66 ? 756 LYS A CG  1 
ATOM   793  C  CD  . LYS A 1 105 ? 9.858   -3.445  8.868   1.00 31.78 ? 756 LYS A CD  1 
ATOM   794  C  CE  . LYS A 1 105 ? 11.180  -4.104  8.496   1.00 36.86 ? 756 LYS A CE  1 
ATOM   795  N  NZ  . LYS A 1 105 ? 12.209  -3.888  9.568   1.00 39.94 ? 756 LYS A NZ  1 
ATOM   796  N  N   . GLU A 1 106 ? 5.209   -4.660  8.549   1.00 18.56 ? 757 GLU A N   1 
ATOM   797  C  CA  . GLU A 1 106 ? 4.736   -5.945  9.055   1.00 20.28 ? 757 GLU A CA  1 
ATOM   798  C  C   . GLU A 1 106 ? 3.597   -6.529  8.256   1.00 19.80 ? 757 GLU A C   1 
ATOM   799  O  O   . GLU A 1 106 ? 3.462   -7.768  8.256   1.00 23.35 ? 757 GLU A O   1 
ATOM   800  C  CB  . GLU A 1 106 ? 4.237   -5.853  10.548  1.00 21.41 ? 757 GLU A CB  1 
ATOM   801  C  CG  . GLU A 1 106 ? 5.411   -5.620  11.494  1.00 23.56 ? 757 GLU A CG  1 
ATOM   802  C  CD  . GLU A 1 106 ? 4.962   -5.473  12.975  1.00 23.78 ? 757 GLU A CD  1 
ATOM   803  O  OE1 . GLU A 1 106 ? 3.879   -5.902  13.340  1.00 26.18 ? 757 GLU A OE1 1 
ATOM   804  O  OE2 . GLU A 1 106 ? 5.800   -4.875  13.664  1.00 26.33 ? 757 GLU A OE2 1 
ATOM   805  N  N   . GLU A 1 107 ? 2.704   -5.760  7.605   1.00 17.05 ? 758 GLU A N   1 
ATOM   806  C  CA  . GLU A 1 107 ? 1.534   -6.295  7.007   1.00 15.98 ? 758 GLU A CA  1 
ATOM   807  C  C   . GLU A 1 107 ? 1.514   -6.326  5.402   1.00 14.66 ? 758 GLU A C   1 
ATOM   808  O  O   . GLU A 1 107 ? 0.538   -7.006  5.066   1.00 17.54 ? 758 GLU A O   1 
ATOM   809  C  CB  . GLU A 1 107 ? 0.304   -5.517  7.353   1.00 17.95 ? 758 GLU A CB  1 
ATOM   810  C  CG  . GLU A 1 107 ? 0.225   -4.154  6.630   1.00 20.10 ? 758 GLU A CG  1 
ATOM   811  C  CD  . GLU A 1 107 ? -1.069  -3.532  6.983   1.00 22.81 ? 758 GLU A CD  1 
ATOM   812  O  OE1 . GLU A 1 107 ? -2.196  -3.956  6.731   1.00 25.26 ? 758 GLU A OE1 1 
ATOM   813  O  OE2 . GLU A 1 107 ? -0.947  -2.480  7.685   1.00 26.27 ? 758 GLU A OE2 1 
ATOM   814  N  N   . TRP A 1 108 ? 2.474   -5.690  4.822   1.00 16.14 ? 759 TRP A N   1 
ATOM   815  C  CA  . TRP A 1 108 ? 2.090   -5.603  3.344   1.00 17.27 ? 759 TRP A CA  1 
ATOM   816  C  C   . TRP A 1 108 ? 2.056   -6.958  2.629   1.00 18.93 ? 759 TRP A C   1 
ATOM   817  O  O   . TRP A 1 108 ? 1.140   -7.024  1.767   1.00 17.56 ? 759 TRP A O   1 
ATOM   818  C  CB  . TRP A 1 108 ? 3.061   -4.642  2.687   1.00 17.74 ? 759 TRP A CB  1 
ATOM   819  C  CG  . TRP A 1 108 ? 4.448   -5.083  2.507   1.00 18.03 ? 759 TRP A CG  1 
ATOM   820  C  CD1 . TRP A 1 108 ? 5.538   -4.893  3.313   1.00 17.13 ? 759 TRP A CD1 1 
ATOM   821  C  CD2 . TRP A 1 108 ? 4.978   -5.890  1.424   1.00 18.48 ? 759 TRP A CD2 1 
ATOM   822  N  NE1 . TRP A 1 108 ? 6.674   -5.437  2.839   1.00 20.21 ? 759 TRP A NE1 1 
ATOM   823  C  CE2 . TRP A 1 108 ? 6.307   -6.086  1.624   1.00 20.56 ? 759 TRP A CE2 1 
ATOM   824  C  CE3 . TRP A 1 108 ? 4.278   -6.398  0.281   1.00 20.84 ? 759 TRP A CE3 1 
ATOM   825  C  CZ2 . TRP A 1 108 ? 7.147   -6.819  0.767   1.00 21.48 ? 759 TRP A CZ2 1 
ATOM   826  C  CZ3 . TRP A 1 108 ? 5.112   -7.126  -0.570  1.00 19.21 ? 759 TRP A CZ3 1 
ATOM   827  C  CH2 . TRP A 1 108 ? 6.469   -7.320  -0.340  1.00 19.82 ? 759 TRP A CH2 1 
ATOM   828  N  N   . ARG A 1 109 ? 2.923   -7.875  3.051   1.00 18.64 ? 760 ARG A N   1 
ATOM   829  C  CA  . ARG A 1 109 ? 2.826   -9.188  2.337   1.00 18.34 ? 760 ARG A CA  1 
ATOM   830  C  C   . ARG A 1 109 ? 1.502   -9.803  2.575   1.00 19.07 ? 760 ARG A C   1 
ATOM   831  O  O   . ARG A 1 109 ? 0.833   -10.483 1.727   1.00 18.13 ? 760 ARG A O   1 
ATOM   832  C  CB  A ARG A 1 109 ? 4.058   -10.013 2.668   0.50 18.41 ? 760 ARG A CB  1 
ATOM   833  C  CB  B ARG A 1 109 ? 3.943   -10.116 2.776   0.50 20.23 ? 760 ARG A CB  1 
ATOM   834  C  CG  A ARG A 1 109 ? 5.423   -9.451  2.352   0.50 20.57 ? 760 ARG A CG  1 
ATOM   835  C  CG  B ARG A 1 109 ? 5.293   -9.783  2.206   0.50 22.60 ? 760 ARG A CG  1 
ATOM   836  C  CD  A ARG A 1 109 ? 6.575   -10.405 2.622   0.50 23.33 ? 760 ARG A CD  1 
ATOM   837  C  CD  B ARG A 1 109 ? 6.134   -11.030 1.954   0.50 26.27 ? 760 ARG A CD  1 
ATOM   838  N  NE  A ARG A 1 109 ? 7.894   -9.949  2.201   0.50 24.57 ? 760 ARG A NE  1 
ATOM   839  N  NE  B ARG A 1 109 ? 7.502   -10.617 1.590   0.50 29.78 ? 760 ARG A NE  1 
ATOM   840  C  CZ  A ARG A 1 109 ? 8.715   -9.170  2.889   0.50 26.82 ? 760 ARG A CZ  1 
ATOM   841  C  CZ  B ARG A 1 109 ? 7.917   -10.612 0.321   0.50 29.83 ? 760 ARG A CZ  1 
ATOM   842  N  NH1 A ARG A 1 109 ? 8.331   -8.689  4.073   0.50 27.25 ? 760 ARG A NH1 1 
ATOM   843  N  NH1 B ARG A 1 109 ? 7.071   -10.989 -0.625  0.50 29.79 ? 760 ARG A NH1 1 
ATOM   844  N  NH2 A ARG A 1 109 ? 9.888   -8.825  2.378   0.50 26.06 ? 760 ARG A NH2 1 
ATOM   845  N  NH2 B ARG A 1 109 ? 9.149   -10.223 0.023   0.50 29.98 ? 760 ARG A NH2 1 
ATOM   846  N  N   . HIS A 1 110 ? 0.902   -9.738  3.816   1.00 16.87 ? 761 HIS A N   1 
ATOM   847  C  CA  . HIS A 1 110 ? -0.399  -10.251 4.093   1.00 17.14 ? 761 HIS A CA  1 
ATOM   848  C  C   . HIS A 1 110 ? -1.526  -9.654  3.279   1.00 18.52 ? 761 HIS A C   1 
ATOM   849  O  O   . HIS A 1 110 ? -2.455  -10.269 2.807   1.00 19.73 ? 761 HIS A O   1 
ATOM   850  C  CB  . HIS A 1 110 ? -0.685  -10.140 5.644   1.00 19.25 ? 761 HIS A CB  1 
ATOM   851  C  CG  . HIS A 1 110 ? -2.090  -10.371 6.032   1.00 21.53 ? 761 HIS A CG  1 
ATOM   852  N  ND1 . HIS A 1 110 ? -2.634  -11.633 6.137   1.00 24.86 ? 761 HIS A ND1 1 
ATOM   853  C  CD2 . HIS A 1 110 ? -3.150  -9.576  6.356   1.00 23.80 ? 761 HIS A CD2 1 
ATOM   854  C  CE1 . HIS A 1 110 ? -3.894  -11.595 6.473   1.00 24.05 ? 761 HIS A CE1 1 
ATOM   855  N  NE2 . HIS A 1 110 ? -4.253  -10.343 6.630   1.00 25.87 ? 761 HIS A NE2 1 
ATOM   856  N  N   . ASP A 1 111 ? -1.473  -8.285  3.126   1.00 17.37 ? 762 ASP A N   1 
ATOM   857  C  CA  . ASP A 1 111 ? -2.462  -7.595  2.329   1.00 17.41 ? 762 ASP A CA  1 
ATOM   858  C  C   . ASP A 1 111 ? -2.313  -8.110  0.823   1.00 16.06 ? 762 ASP A C   1 
ATOM   859  O  O   . ASP A 1 111 ? -3.436  -8.295  0.341   1.00 17.85 ? 762 ASP A O   1 
ATOM   860  C  CB  . ASP A 1 111 ? -2.154  -6.095  2.322   1.00 17.85 ? 762 ASP A CB  1 
ATOM   861  C  CG  . ASP A 1 111 ? -2.585  -5.299  3.540   1.00 23.78 ? 762 ASP A CG  1 
ATOM   862  O  OD1 . ASP A 1 111 ? -2.272  -5.860  4.647   1.00 24.69 ? 762 ASP A OD1 1 
ATOM   863  O  OD2 . ASP A 1 111 ? -3.245  -4.262  3.581   1.00 22.63 ? 762 ASP A OD2 1 
ATOM   864  N  N   . VAL A 1 112 ? -1.111  -8.334  0.433   1.00 15.74 ? 763 VAL A N   1 
ATOM   865  C  CA  . VAL A 1 112 ? -1.028  -8.878  -1.004  1.00 16.61 ? 763 VAL A CA  1 
ATOM   866  C  C   . VAL A 1 112 ? -1.635  -10.254 -1.077  1.00 19.65 ? 763 VAL A C   1 
ATOM   867  O  O   . VAL A 1 112 ? -2.399  -10.612 -1.994  1.00 18.51 ? 763 VAL A O   1 
ATOM   868  C  CB  . VAL A 1 112 ? 0.419   -8.885  -1.404  1.00 16.86 ? 763 VAL A CB  1 
ATOM   869  C  CG1 . VAL A 1 112 ? 0.725   -9.798  -2.613  1.00 21.98 ? 763 VAL A CG1 1 
ATOM   870  C  CG2 . VAL A 1 112 ? 0.985   -7.467  -1.630  1.00 20.01 ? 763 VAL A CG2 1 
ATOM   871  N  N   . GLU A 1 113 ? -1.400  -11.120 -0.014  1.00 17.58 ? 764 GLU A N   1 
ATOM   872  C  CA  . GLU A 1 113 ? -2.042  -12.437 -0.085  1.00 17.32 ? 764 GLU A CA  1 
ATOM   873  C  C   . GLU A 1 113 ? -3.521  -12.413 -0.069  1.00 16.85 ? 764 GLU A C   1 
ATOM   874  O  O   . GLU A 1 113 ? -4.278  -13.220 -0.632  1.00 18.91 ? 764 GLU A O   1 
ATOM   875  C  CB  . GLU A 1 113 ? -1.550  -13.262 1.173   1.00 18.96 ? 764 GLU A CB  1 
ATOM   876  C  CG  . GLU A 1 113 ? -0.100  -13.584 1.060   1.00 20.37 ? 764 GLU A CG  1 
ATOM   877  C  CD  . GLU A 1 113 ? 0.554   -14.137 2.330   1.00 24.67 ? 764 GLU A CD  1 
ATOM   878  O  OE1 . GLU A 1 113 ? -0.065  -14.015 3.398   1.00 29.21 ? 764 GLU A OE1 1 
ATOM   879  O  OE2 . GLU A 1 113 ? 1.659   -14.654 2.218   1.00 30.19 ? 764 GLU A OE2 1 
ATOM   880  N  N   . VAL A 1 114 ? -4.224  -11.494 0.655   1.00 16.87 ? 765 VAL A N   1 
ATOM   881  C  CA  . VAL A 1 114 ? -5.622  -11.271 0.701   1.00 18.13 ? 765 VAL A CA  1 
ATOM   882  C  C   . VAL A 1 114 ? -6.143  -10.827 -0.730  1.00 17.21 ? 765 VAL A C   1 
ATOM   883  O  O   . VAL A 1 114 ? -7.158  -11.366 -1.070  1.00 19.31 ? 765 VAL A O   1 
ATOM   884  C  CB  . VAL A 1 114 ? -6.016  -10.210 1.757   1.00 19.45 ? 765 VAL A CB  1 
ATOM   885  C  CG1 . VAL A 1 114 ? -7.469  -9.858  1.691   1.00 21.12 ? 765 VAL A CG1 1 
ATOM   886  C  CG2 . VAL A 1 114 ? -5.757  -10.883 3.149   1.00 20.97 ? 765 VAL A CG2 1 
ATOM   887  N  N   . LEU A 1 115 ? -5.389  -9.973  -1.355  1.00 16.81 ? 766 LEU A N   1 
ATOM   888  C  CA  . LEU A 1 115 ? -5.878  -9.568  -2.740  1.00 18.19 ? 766 LEU A CA  1 
ATOM   889  C  C   . LEU A 1 115 ? -5.715  -10.746 -3.679  1.00 19.40 ? 766 LEU A C   1 
ATOM   890  O  O   . LEU A 1 115 ? -6.690  -10.984 -4.417  1.00 20.94 ? 766 LEU A O   1 
ATOM   891  C  CB  . LEU A 1 115 ? -5.069  -8.342  -3.106  1.00 18.65 ? 766 LEU A CB  1 
ATOM   892  C  CG  . LEU A 1 115 ? -5.296  -7.919  -4.618  1.00 20.94 ? 766 LEU A CG  1 
ATOM   893  C  CD1 . LEU A 1 115 ? -6.725  -7.636  -4.773  1.00 20.51 ? 766 LEU A CD1 1 
ATOM   894  C  CD2 . LEU A 1 115 ? -4.324  -6.768  -4.879  1.00 23.19 ? 766 LEU A CD2 1 
ATOM   895  N  N   . LYS A 1 116 ? -4.643  -11.491 -3.581  1.00 19.23 ? 767 LYS A N   1 
ATOM   896  C  CA  . LYS A 1 116 ? -4.487  -12.664 -4.493  1.00 22.26 ? 767 LYS A CA  1 
ATOM   897  C  C   . LYS A 1 116 ? -5.648  -13.597 -4.322  1.00 23.01 ? 767 LYS A C   1 
ATOM   898  O  O   . LYS A 1 116 ? -6.255  -14.133 -5.258  1.00 22.72 ? 767 LYS A O   1 
ATOM   899  C  CB  . LYS A 1 116 ? -3.197  -13.413 -4.281  1.00 21.48 ? 767 LYS A CB  1 
ATOM   900  C  CG  . LYS A 1 116 ? -1.988  -12.741 -4.863  1.00 23.37 ? 767 LYS A CG  1 
ATOM   901  C  CD  . LYS A 1 116 ? -0.688  -13.409 -4.539  1.00 25.69 ? 767 LYS A CD  1 
ATOM   902  C  CE  . LYS A 1 116 ? 0.516   -12.794 -5.206  1.00 28.16 ? 767 LYS A CE  1 
ATOM   903  N  NZ  . LYS A 1 116 ? 1.791   -13.426 -4.734  1.00 30.67 ? 767 LYS A NZ  1 
ATOM   904  N  N   . ALA A 1 117 ? -6.053  -13.892 -3.064  1.00 21.19 ? 768 ALA A N   1 
ATOM   905  C  CA  . ALA A 1 117 ? -7.149  -14.795 -2.831  1.00 22.31 ? 768 ALA A CA  1 
ATOM   906  C  C   . ALA A 1 117 ? -8.461  -14.288 -3.352  1.00 24.58 ? 768 ALA A C   1 
ATOM   907  O  O   . ALA A 1 117 ? -9.273  -15.031 -3.890  1.00 26.54 ? 768 ALA A O   1 
ATOM   908  C  CB  . ALA A 1 117 ? -7.186  -15.077 -1.306  1.00 23.49 ? 768 ALA A CB  1 
ATOM   909  N  N   . TRP A 1 118 ? -8.730  -12.985 -3.243  1.00 22.02 ? 769 TRP A N   1 
ATOM   910  C  CA  . TRP A 1 118 ? -9.961  -12.371 -3.680  1.00 21.91 ? 769 TRP A CA  1 
ATOM   911  C  C   . TRP A 1 118 ? -10.025 -12.469 -5.228  1.00 20.90 ? 769 TRP A C   1 
ATOM   912  O  O   . TRP A 1 118 ? -11.136 -12.801 -5.672  1.00 24.87 ? 769 TRP A O   1 
ATOM   913  C  CB  . TRP A 1 118 ? -9.960  -10.879 -3.249  1.00 22.91 ? 769 TRP A CB  1 
ATOM   914  C  CG  . TRP A 1 118 ? -11.286 -10.254 -3.573  1.00 25.20 ? 769 TRP A CG  1 
ATOM   915  C  CD1 . TRP A 1 118 ? -12.419 -10.240 -2.834  1.00 25.80 ? 769 TRP A CD1 1 
ATOM   916  C  CD2 . TRP A 1 118 ? -11.616 -9.600  -4.826  1.00 25.52 ? 769 TRP A CD2 1 
ATOM   917  N  NE1 . TRP A 1 118 ? -13.451 -9.618  -3.521  1.00 28.61 ? 769 TRP A NE1 1 
ATOM   918  C  CE2 . TRP A 1 118 ? -12.946 -9.218  -4.740  1.00 26.44 ? 769 TRP A CE2 1 
ATOM   919  C  CE3 . TRP A 1 118 ? -10.856 -9.336  -5.976  1.00 26.67 ? 769 TRP A CE3 1 
ATOM   920  C  CZ2 . TRP A 1 118 ? -13.630 -8.550  -5.767  1.00 27.36 ? 769 TRP A CZ2 1 
ATOM   921  C  CZ3 . TRP A 1 118 ? -11.528 -8.677  -7.025  1.00 27.23 ? 769 TRP A CZ3 1 
ATOM   922  C  CH2 . TRP A 1 118 ? -12.845 -8.292  -6.879  1.00 25.73 ? 769 TRP A CH2 1 
ATOM   923  N  N   . VAL A 1 119 ? -8.893  -12.249 -5.850  1.00 22.02 ? 770 VAL A N   1 
ATOM   924  C  CA  . VAL A 1 119 ? -8.956  -12.269 -7.333  1.00 25.14 ? 770 VAL A CA  1 
ATOM   925  C  C   . VAL A 1 119 ? -9.200  -13.713 -7.791  1.00 28.60 ? 770 VAL A C   1 
ATOM   926  O  O   . VAL A 1 119 ? -9.970  -13.923 -8.769  1.00 29.77 ? 770 VAL A O   1 
ATOM   927  C  CB  . VAL A 1 119 ? -7.695  -11.745 -7.990  1.00 24.82 ? 770 VAL A CB  1 
ATOM   928  C  CG1 . VAL A 1 119 ? -7.751  -11.897 -9.531  1.00 28.40 ? 770 VAL A CG1 1 
ATOM   929  C  CG2 . VAL A 1 119 ? -7.420  -10.270 -7.754  1.00 26.51 ? 770 VAL A CG2 1 
ATOM   930  N  N   . ALA A 1 120 ? -8.585  -14.649 -7.098  1.00 28.24 ? 771 ALA A N   1 
ATOM   931  C  CA  . ALA A 1 120 ? -8.799  -16.075 -7.404  1.00 31.66 ? 771 ALA A CA  1 
ATOM   932  C  C   . ALA A 1 120 ? -10.254 -16.463 -7.263  1.00 33.77 ? 771 ALA A C   1 
ATOM   933  O  O   . ALA A 1 120 ? -10.794 -17.178 -8.140  1.00 35.27 ? 771 ALA A O   1 
ATOM   934  C  CB  . ALA A 1 120 ? -7.952  -16.964 -6.509  1.00 31.70 ? 771 ALA A CB  1 
ATOM   935  N  N   . LYS A 1 121 ? -10.975 -16.029 -6.254  1.00 33.52 ? 772 LYS A N   1 
ATOM   936  C  CA  . LYS A 1 121 ? -12.362 -16.338 -6.012  1.00 36.48 ? 772 LYS A CA  1 
ATOM   937  C  C   . LYS A 1 121 ? -13.332 -15.598 -6.924  1.00 38.65 ? 772 LYS A C   1 
ATOM   938  O  O   . LYS A 1 121 ? -14.373 -16.130 -7.333  1.00 39.96 ? 772 LYS A O   1 
ATOM   939  C  CB  . LYS A 1 121 ? -12.708 -16.035 -4.553  1.00 37.95 ? 772 LYS A CB  1 
ATOM   940  C  CG  . LYS A 1 121 ? -14.159 -16.270 -4.176  1.00 41.70 ? 772 LYS A CG  1 
ATOM   941  C  CD  . LYS A 1 121 ? -14.290 -16.820 -2.756  1.00 44.14 ? 772 LYS A CD  1 
ATOM   942  C  CE  . LYS A 1 121 ? -15.431 -17.828 -2.690  1.00 45.79 ? 772 LYS A CE  1 
ATOM   943  N  NZ  . LYS A 1 121 ? -14.893 -19.216 -2.528  1.00 46.99 ? 772 LYS A NZ  1 
ATOM   944  N  N   . ALA A 1 122 ? -13.009 -14.353 -7.252  1.00 37.78 ? 773 ALA A N   1 
ATOM   945  C  CA  . ALA A 1 122 ? -13.892 -13.562 -8.103  1.00 40.69 ? 773 ALA A CA  1 
ATOM   946  C  C   . ALA A 1 122 ? -13.866 -14.105 -9.525  1.00 42.47 ? 773 ALA A C   1 
ATOM   947  O  O   . ALA A 1 122 ? -14.868 -13.961 -10.234 1.00 44.56 ? 773 ALA A O   1 
ATOM   948  C  CB  . ALA A 1 122 ? -13.488 -12.096 -8.064  1.00 39.55 ? 773 ALA A CB  1 
ATOM   949  N  N   . THR A 1 123 ? -12.747 -14.642 -9.963  1.00 44.26 ? 774 THR A N   1 
ATOM   950  C  CA  . THR A 1 123 ? -12.618 -15.134 -11.333 1.00 47.35 ? 774 THR A CA  1 
ATOM   951  C  C   . THR A 1 123 ? -12.972 -16.608 -11.463 1.00 48.98 ? 774 THR A C   1 
ATOM   952  O  O   . THR A 1 123 ? -13.868 -17.091 -10.728 1.00 49.59 ? 774 THR A O   1 
ATOM   953  C  CB  . THR A 1 123 ? -11.211 -14.840 -11.869 1.00 46.70 ? 774 THR A CB  1 
ATOM   954  O  OG1 . THR A 1 123 ? -10.223 -15.499 -11.082 1.00 48.14 ? 774 THR A OG1 1 
ATOM   955  C  CG2 . THR A 1 123 ? -10.921 -13.347 -11.818 1.00 47.71 ? 774 THR A CG2 1 
HETATM 956  ZN ZN  . ZN  B 2 .   ? -2.522  -1.882  8.824   1.00 24.08 ? 800 ZN  A ZN  1 
HETATM 957  O  O   . HOH C 3 .   ? -4.405  -2.881  1.640   1.00 21.27 ? 801 HOH A O   1 
HETATM 958  O  O   . HOH C 3 .   ? 5.072   -7.872  5.181   1.00 23.83 ? 802 HOH A O   1 
HETATM 959  O  O   . HOH C 3 .   ? 2.758   -9.459  6.244   1.00 26.18 ? 803 HOH A O   1 
HETATM 960  O  O   . HOH C 3 .   ? -3.298  -15.866 -0.933  1.00 27.22 ? 804 HOH A O   1 
HETATM 961  O  O   . HOH C 3 .   ? 3.079   16.231  13.803  1.00 27.60 ? 805 HOH A O   1 
HETATM 962  O  O   . HOH C 3 .   ? 2.817   14.270  16.768  1.00 28.57 ? 806 HOH A O   1 
HETATM 963  O  O   . HOH C 3 .   ? -3.506  -6.239  7.618   1.00 29.68 ? 807 HOH A O   1 
HETATM 964  O  O   . HOH C 3 .   ? 5.816   6.415   16.003  1.00 28.98 ? 808 HOH A O   1 
HETATM 965  O  O   . HOH C 3 .   ? -3.738  13.435  13.563  1.00 29.25 ? 809 HOH A O   1 
HETATM 966  O  O   . HOH C 3 .   ? -2.213  9.969   18.114  1.00 29.85 ? 810 HOH A O   1 
HETATM 967  O  O   . HOH C 3 .   ? 0.796   -4.538  10.806  1.00 29.38 ? 811 HOH A O   1 
HETATM 968  O  O   . HOH C 3 .   ? 3.492   5.671   -7.225  1.00 29.40 ? 812 HOH A O   1 
HETATM 969  O  O   . HOH C 3 .   ? -14.145 -2.423  -0.195  1.00 30.92 ? 813 HOH A O   1 
HETATM 970  O  O   . HOH C 3 .   ? 4.847   8.072   19.813  1.00 31.35 ? 814 HOH A O   1 
HETATM 971  O  O   . HOH C 3 .   ? 12.503  -4.122  -4.044  1.00 31.98 ? 815 HOH A O   1 
HETATM 972  O  O   . HOH C 3 .   ? -9.467  -12.319 0.209   1.00 32.04 ? 816 HOH A O   1 
HETATM 973  O  O   . HOH C 3 .   ? -0.028  8.089   19.353  1.00 33.22 ? 817 HOH A O   1 
HETATM 974  O  O   . HOH C 3 .   ? 7.224   8.532   14.973  1.00 33.25 ? 818 HOH A O   1 
HETATM 975  O  O   . HOH C 3 .   ? 11.912  -4.295  3.222   1.00 33.79 ? 819 HOH A O   1 
HETATM 976  O  O   . HOH C 3 .   ? 11.957  -1.081  -4.872  1.00 33.42 ? 820 HOH A O   1 
HETATM 977  O  O   . HOH C 3 .   ? 12.213  4.220   -3.887  1.00 34.57 ? 821 HOH A O   1 
HETATM 978  O  O   . HOH C 3 .   ? -17.987 -1.697  -8.993  1.00 35.10 ? 822 HOH A O   1 
HETATM 979  O  O   . HOH C 3 .   ? 9.260   -5.491  4.004   1.00 36.96 ? 823 HOH A O   1 
HETATM 980  O  O   . HOH C 3 .   ? 0.039   1.259   13.735  1.00 35.79 ? 824 HOH A O   1 
HETATM 981  O  O   . HOH C 3 .   ? -4.542  -14.685 -7.626  1.00 38.26 ? 825 HOH A O   1 
HETATM 982  O  O   . HOH C 3 .   ? 2.723   15.522  1.113   1.00 37.71 ? 826 HOH A O   1 
HETATM 983  O  O   . HOH C 3 .   ? 9.089   -9.599  -3.093  1.00 38.39 ? 827 HOH A O   1 
HETATM 984  O  O   . HOH C 3 .   ? 9.845   0.000   11.128  1.00 40.09 ? 828 HOH A O   1 
HETATM 985  O  O   . HOH C 3 .   ? 6.706   10.467  -4.651  1.00 38.44 ? 829 HOH A O   1 
HETATM 986  O  O   . HOH C 3 .   ? 2.774   -11.969 -0.188  1.00 39.97 ? 830 HOH A O   1 
HETATM 987  O  O   . HOH C 3 .   ? -4.237  0.119   12.115  1.00 40.20 ? 831 HOH A O   1 
HETATM 988  O  O   . HOH C 3 .   ? -16.645 -7.982  -11.651 1.00 38.86 ? 832 HOH A O   1 
HETATM 989  O  O   . HOH C 3 .   ? 1.978   -13.498 -2.099  1.00 41.26 ? 833 HOH A O   1 
HETATM 990  O  O   . HOH C 3 .   ? 0.288   -11.478 -8.909  1.00 40.82 ? 834 HOH A O   1 
HETATM 991  O  O   . HOH C 3 .   ? -9.111  -17.792 -3.116  1.00 41.33 ? 835 HOH A O   1 
HETATM 992  O  O   . HOH C 3 .   ? 4.545   17.263  11.463  1.00 42.40 ? 836 HOH A O   1 
HETATM 993  O  O   . HOH C 3 .   ? 7.092   17.620  11.460  1.00 43.05 ? 837 HOH A O   1 
HETATM 994  O  O   . HOH C 3 .   ? -4.228  13.072  5.427   1.00 42.47 ? 838 HOH A O   1 
HETATM 995  O  O   . HOH C 3 .   ? -3.761  7.034   -4.788  1.00 44.41 ? 839 HOH A O   1 
HETATM 996  O  O   . HOH C 3 .   ? -1.805  -13.727 5.034   1.00 42.49 ? 840 HOH A O   1 
HETATM 997  O  O   . HOH C 3 .   ? 6.097   -10.364 6.424   1.00 45.12 ? 841 HOH A O   1 
HETATM 998  O  O   . HOH C 3 .   ? -0.969  0.709   19.012  1.00 42.09 ? 842 HOH A O   1 
HETATM 999  O  O   . HOH C 3 .   ? -3.712  10.917  12.278  1.00 43.10 ? 843 HOH A O   1 
HETATM 1000 O  O   . HOH C 3 .   ? 0.902   8.987   -5.175  1.00 43.73 ? 844 HOH A O   1 
HETATM 1001 O  O   . HOH C 3 .   ? 16.458  0.339   5.561   1.00 43.38 ? 845 HOH A O   1 
HETATM 1002 O  O   . HOH C 3 .   ? 12.482  8.977   -0.696  1.00 45.89 ? 846 HOH A O   1 
HETATM 1003 O  O   . HOH C 3 .   ? -2.838  2.916   11.269  1.00 44.06 ? 847 HOH A O   1 
HETATM 1004 O  O   . HOH C 3 .   ? 4.629   -10.911 -1.557  1.00 44.32 ? 848 HOH A O   1 
HETATM 1005 O  O   . HOH C 3 .   ? -6.493  -9.197  7.808   1.00 47.29 ? 849 HOH A O   1 
HETATM 1006 O  O   . HOH C 3 .   ? -8.042  1.773   -5.185  1.00 45.91 ? 850 HOH A O   1 
HETATM 1007 O  O   . HOH C 3 .   ? 3.309   -12.070 5.997   1.00 46.18 ? 851 HOH A O   1 
HETATM 1008 O  O   . HOH C 3 .   ? 6.670   -10.723 -8.148  1.00 43.37 ? 852 HOH A O   1 
HETATM 1009 O  O   . HOH C 3 .   ? 4.150   17.846  2.710   1.00 45.20 ? 853 HOH A O   1 
HETATM 1010 O  O   . HOH C 3 .   ? 3.961   -8.317  -14.124 1.00 44.48 ? 854 HOH A O   1 
HETATM 1011 O  O   . HOH C 3 .   ? 6.646   10.721  20.536  1.00 47.27 ? 855 HOH A O   1 
HETATM 1012 O  O   . HOH C 3 .   ? 12.648  -7.341  -4.724  1.00 47.67 ? 856 HOH A O   1 
HETATM 1013 O  O   . HOH C 3 .   ? -4.828  10.800  6.609   1.00 45.43 ? 857 HOH A O   1 
HETATM 1014 O  O   . HOH C 3 .   ? 2.861   5.614   17.868  1.00 44.87 ? 858 HOH A O   1 
HETATM 1015 O  O   . HOH C 3 .   ? 3.470   14.182  -1.246  1.00 47.06 ? 859 HOH A O   1 
HETATM 1016 O  O   . HOH C 3 .   ? 9.211   2.234   12.895  1.00 46.84 ? 860 HOH A O   1 
HETATM 1017 O  O   . HOH C 3 .   ? 7.179   0.986   16.145  1.00 47.05 ? 861 HOH A O   1 
HETATM 1018 O  O   . HOH C 3 .   ? -3.840  15.693  5.476   1.00 45.91 ? 862 HOH A O   1 
HETATM 1019 O  O   . HOH C 3 .   ? -6.381  -8.382  -18.301 1.00 47.46 ? 863 HOH A O   1 
HETATM 1020 O  O   . HOH C 3 .   ? -3.333  -1.440  -12.315 1.00 46.58 ? 864 HOH A O   1 
HETATM 1021 O  O   . HOH C 3 .   ? 12.353  -3.639  5.630   1.00 48.27 ? 865 HOH A O   1 
HETATM 1022 O  O   . HOH C 3 .   ? 3.052   -8.446  12.729  1.00 48.40 ? 866 HOH A O   1 
HETATM 1023 O  O   . HOH C 3 .   ? 2.453   -12.607 -7.803  1.00 49.85 ? 867 HOH A O   1 
HETATM 1024 O  O   . HOH C 3 .   ? -6.250  7.004   0.870   1.00 50.29 ? 868 HOH A O   1 
HETATM 1025 O  O   . HOH C 3 .   ? -4.604  -13.717 -13.941 1.00 49.56 ? 869 HOH A O   1 
HETATM 1026 O  O   . HOH C 3 .   ? 0.420   16.947  1.607   1.00 48.56 ? 870 HOH A O   1 
HETATM 1027 O  O   . HOH C 3 .   ? -3.025  8.162   13.890  1.00 47.49 ? 871 HOH A O   1 
HETATM 1028 O  O   . HOH C 3 .   ? 19.679  3.264   7.505   1.00 51.78 ? 872 HOH A O   1 
HETATM 1029 O  O   . HOH C 3 .   ? -3.115  5.174   -7.452  1.00 51.71 ? 873 HOH A O   1 
HETATM 1030 O  O   . HOH C 3 .   ? -1.860  15.538  3.285   1.00 49.73 ? 874 HOH A O   1 
HETATM 1031 O  O   . HOH C 3 .   ? -2.545  7.454   19.235  1.00 54.18 ? 875 HOH A O   1 
HETATM 1032 O  O   . HOH C 3 .   ? 9.856   5.899   16.119  1.00 53.29 ? 876 HOH A O   1 
HETATM 1033 O  O   . HOH C 3 .   ? -8.327  4.969   -9.625  1.00 51.40 ? 877 HOH A O   1 
HETATM 1034 O  O   . HOH C 3 .   ? -10.813 -14.297 -1.045  1.00 50.34 ? 878 HOH A O   1 
HETATM 1035 O  O   . HOH C 3 .   ? 16.794  7.225   0.174   1.00 48.40 ? 879 HOH A O   1 
HETATM 1036 O  O   . HOH C 3 .   ? -7.556  4.526   0.670   1.00 50.31 ? 880 HOH A O   1 
HETATM 1037 O  O   . HOH C 3 .   ? 0.404   6.476   -8.915  1.00 50.41 ? 881 HOH A O   1 
HETATM 1038 O  O   . HOH C 3 .   ? -7.001  1.587   -2.987  1.00 50.93 ? 882 HOH A O   1 
HETATM 1039 O  O   . HOH C 3 .   ? -1.177  -13.658 -8.600  1.00 51.29 ? 883 HOH A O   1 
HETATM 1040 O  O   . HOH C 3 .   ? 16.321  10.890  1.007   1.00 55.56 ? 884 HOH A O   1 
HETATM 1041 O  O   . HOH C 3 .   ? -16.862 -3.845  6.758   1.00 54.29 ? 885 HOH A O   1 
HETATM 1042 O  O   . HOH C 3 .   ? 8.421   -7.666  6.845   1.00 52.39 ? 886 HOH A O   1 
HETATM 1043 O  O   . HOH C 3 .   ? -7.006  2.250   6.703   1.00 53.69 ? 887 HOH A O   1 
HETATM 1044 O  O   . HOH C 3 .   ? -1.556  9.571   -5.514  1.00 54.41 ? 888 HOH A O   1 
HETATM 1045 O  O   . HOH C 3 .   ? 13.813  16.757  5.281   1.00 53.15 ? 889 HOH A O   1 
HETATM 1046 O  O   . HOH C 3 .   ? 4.133   -9.945  9.809   1.00 50.21 ? 890 HOH A O   1 
HETATM 1047 O  O   . HOH C 3 .   ? 3.428   15.167  -3.615  1.00 50.46 ? 891 HOH A O   1 
HETATM 1048 O  O   . HOH C 3 .   ? 13.324  1.647   -4.288  1.00 51.19 ? 892 HOH A O   1 
HETATM 1049 O  O   . HOH C 3 .   ? -5.477  1.310   -11.401 1.00 50.45 ? 893 HOH A O   1 
HETATM 1050 O  O   . HOH C 3 .   ? -0.992  5.685   18.228  1.00 55.18 ? 894 HOH A O   1 
HETATM 1051 O  O   . HOH C 3 .   ? 13.630  16.562  8.035   1.00 55.90 ? 895 HOH A O   1 
HETATM 1052 O  O   . HOH C 3 .   ? -10.491 3.625   -6.301  1.00 52.24 ? 896 HOH A O   1 
HETATM 1053 O  O   . HOH C 3 .   ? 14.923  6.285   14.787  1.00 56.37 ? 897 HOH A O   1 
HETATM 1054 O  O   . HOH C 3 .   ? 19.671  6.428   7.242   1.00 51.65 ? 898 HOH A O   1 
HETATM 1055 O  O   . HOH C 3 .   ? -5.966  10.912  9.037   1.00 52.91 ? 899 HOH A O   1 
HETATM 1056 O  O   . HOH C 3 .   ? -5.412  2.298   13.580  1.00 68.65 ? 900 HOH A O   1 
HETATM 1057 O  O   . HOH C 3 .   ? -9.518  3.641   -12.023 1.00 56.53 ? 901 HOH A O   1 
HETATM 1058 O  O   . HOH C 3 .   ? 6.391   14.345  -1.901  1.00 56.00 ? 902 HOH A O   1 
HETATM 1059 O  O   . HOH C 3 .   ? 12.600  10.897  -2.548  1.00 56.77 ? 903 HOH A O   1 
HETATM 1060 O  O   . HOH C 3 .   ? 11.607  -9.868  -5.357  1.00 51.01 ? 904 HOH A O   1 
HETATM 1061 O  O   . HOH C 3 .   ? 14.833  -4.812  1.314   1.00 54.91 ? 905 HOH A O   1 
HETATM 1062 O  O   . HOH C 3 .   ? -7.836  -7.387  -21.179 1.00 47.90 ? 906 HOH A O   1 
HETATM 1063 O  O   . HOH C 3 .   ? -14.985 -0.601  2.718   1.00 57.27 ? 907 HOH A O   1 
HETATM 1064 O  O   . HOH C 3 .   ? 14.451  3.831   13.136  1.00 51.85 ? 908 HOH A O   1 
HETATM 1065 O  O   . HOH C 3 .   ? 6.677   12.994  18.907  1.00 59.25 ? 909 HOH A O   1 
HETATM 1066 O  O   . HOH C 3 .   ? -10.640 3.982   1.279   1.00 56.32 ? 910 HOH A O   1 
HETATM 1067 O  O   . HOH C 3 .   ? -5.982  -15.762 -9.897  1.00 55.13 ? 911 HOH A O   1 
HETATM 1068 O  O   . HOH C 3 .   ? -13.740 -12.558 -4.813  1.00 57.82 ? 912 HOH A O   1 
HETATM 1069 O  O   . HOH C 3 .   ? 5.519   2.587   17.234  1.00 55.91 ? 913 HOH A O   1 
HETATM 1070 O  O   . HOH C 3 .   ? 3.993   -14.949 -5.483  1.00 57.19 ? 914 HOH A O   1 
HETATM 1071 O  O   . HOH C 3 .   ? 9.589   20.584  8.944   1.00 57.07 ? 915 HOH A O   1 
HETATM 1072 O  O   . HOH C 3 .   ? 5.542   -5.542  17.029  1.00 58.02 ? 916 HOH A O   1 
HETATM 1073 O  O   . HOH C 3 .   ? 13.775  2.553   10.848  1.00 55.22 ? 917 HOH A O   1 
HETATM 1074 O  O   . HOH C 3 .   ? 4.368   17.726  16.313  1.00 56.40 ? 918 HOH A O   1 
HETATM 1075 O  O   . HOH C 3 .   ? -5.741  5.274   -8.171  1.00 61.53 ? 919 HOH A O   1 
HETATM 1076 O  O   . HOH C 3 .   ? 10.291  19.032  4.449   1.00 54.30 ? 920 HOH A O   1 
HETATM 1077 O  O   . HOH C 3 .   ? -8.871  -19.047 -9.948  1.00 54.78 ? 921 HOH A O   1 
HETATM 1078 O  O   . HOH C 3 .   ? 1.520   -15.554 -6.633  1.00 54.28 ? 922 HOH A O   1 
HETATM 1079 O  O   . HOH C 3 .   ? 13.597  8.355   13.965  1.00 54.35 ? 923 HOH A O   1 
HETATM 1080 O  O   . HOH C 3 .   ? -13.054 3.282   -5.556  1.00 54.83 ? 924 HOH A O   1 
HETATM 1081 O  O   . HOH C 3 .   ? -12.570 -19.640 -9.858  1.00 60.08 ? 925 HOH A O   1 
HETATM 1082 O  O   . HOH C 3 .   ? 7.498   4.940   17.423  1.00 59.20 ? 926 HOH A O   1 
HETATM 1083 O  O   . HOH C 3 .   ? 3.926   -13.819 1.165   1.00 63.08 ? 927 HOH A O   1 
HETATM 1084 O  O   . HOH C 3 .   ? 0.128   9.529   -7.632  1.00 58.22 ? 928 HOH A O   1 
HETATM 1085 O  O   . HOH C 3 .   ? 9.100   6.989   18.730  1.00 60.58 ? 929 HOH A O   1 
HETATM 1086 O  O   . HOH C 3 .   ? 8.883   15.570  -0.102  1.00 62.47 ? 930 HOH A O   1 
HETATM 1087 O  O   . HOH C 3 .   ? 8.255   16.733  -2.767  1.00 58.52 ? 931 HOH A O   1 
HETATM 1088 O  O   . HOH C 3 .   ? -13.329 -12.643 8.604   1.00 58.93 ? 932 HOH A O   1 
HETATM 1089 O  O   . HOH C 3 .   ? -7.358  7.181   -10.956 1.00 60.21 ? 933 HOH A O   1 
HETATM 1090 O  O   . HOH C 3 .   ? 0.706   4.450   16.862  1.00 59.59 ? 934 HOH A O   1 
HETATM 1091 O  O   . HOH C 3 .   ? -12.591 4.164   -1.955  1.00 59.06 ? 935 HOH A O   1 
HETATM 1092 O  O   . HOH C 3 .   ? 17.946  3.774   1.413   1.00 59.04 ? 936 HOH A O   1 
HETATM 1093 O  O   . HOH C 3 .   ? -5.338  4.048   7.747   1.00 64.99 ? 937 HOH A O   1 
HETATM 1094 O  O   . HOH C 3 .   ? -10.711 -10.583 -19.708 1.00 66.63 ? 938 HOH A O   1 
HETATM 1095 O  O   . HOH C 3 .   ? -4.764  5.823   16.983  1.00 61.50 ? 939 HOH A O   1 
HETATM 1096 O  O   . HOH C 3 .   ? 15.110  13.431  -0.017  1.00 63.40 ? 940 HOH A O   1 
HETATM 1097 O  O   . HOH C 3 .   ? 1.236   -11.439 -21.499 1.00 73.01 ? 941 HOH A O   1 
HETATM 1098 O  O   . HOH C 3 .   ? 11.959  19.598  7.002   1.00 64.36 ? 942 HOH A O   1 
HETATM 1099 O  O   . HOH C 3 .   ? 8.055   10.761  18.105  1.00 66.85 ? 943 HOH A O   1 
HETATM 1100 O  O   . HOH C 3 .   ? -13.433 -10.476 -15.895 1.00 63.00 ? 944 HOH A O   1 
HETATM 1101 O  O   . HOH C 3 .   ? 7.122   13.037  -4.067  1.00 66.28 ? 945 HOH A O   1 
HETATM 1102 O  O   . HOH C 3 .   ? -17.668 -8.599  5.887   1.00 68.28 ? 946 HOH A O   1 
HETATM 1103 O  O   . HOH C 3 .   ? -2.180  -14.593 -14.866 1.00 73.64 ? 947 HOH A O   1 
HETATM 1104 O  O   . HOH C 3 .   ? 8.662   12.952  21.905  1.00 66.85 ? 948 HOH A O   1 
HETATM 1105 O  O   . HOH C 3 .   ? 5.079   -14.371 -3.007  1.00 64.56 ? 949 HOH A O   1 
HETATM 1106 O  O   . HOH C 3 .   ? 15.926  -2.492  5.352   1.00 61.21 ? 950 HOH A O   1 
HETATM 1107 O  O   . HOH C 3 .   ? 6.864   6.213   19.991  1.00 68.69 ? 951 HOH A O   1 
HETATM 1108 O  O   . HOH C 3 .   ? -1.181  14.299  -2.840  1.00 75.66 ? 952 HOH A O   1 
HETATM 1109 O  O   . HOH C 3 .   ? 1.482   15.685  -5.466  1.00 63.44 ? 953 HOH A O   1 
HETATM 1110 O  O   . HOH C 3 .   ? -8.850  3.796   3.783   1.00 73.62 ? 954 HOH A O   1 
HETATM 1111 O  O   . HOH C 3 .   ? 10.145  11.996  12.645  1.00 69.78 ? 955 HOH A O   1 
HETATM 1112 O  O   . HOH C 3 .   ? -6.067  10.631  -1.040  1.00 64.40 ? 956 HOH A O   1 
# 
